data_2B9D
# 
_entry.id   2B9D 
# 
_audit_conform.dict_name       mmcif_pdbx.dic 
_audit_conform.dict_version    5.387 
_audit_conform.dict_location   http://mmcif.pdb.org/dictionaries/ascii/mmcif_pdbx.dic 
# 
loop_
_database_2.database_id 
_database_2.database_code 
_database_2.pdbx_database_accession 
_database_2.pdbx_DOI 
PDB   2B9D         pdb_00002b9d 10.2210/pdb2b9d/pdb 
RCSB  RCSB034838   ?            ?                   
WWPDB D_1000034838 ?            ?                   
# 
loop_
_pdbx_audit_revision_history.ordinal 
_pdbx_audit_revision_history.data_content_type 
_pdbx_audit_revision_history.major_revision 
_pdbx_audit_revision_history.minor_revision 
_pdbx_audit_revision_history.revision_date 
1 'Structure model' 1 0 2005-10-25 
2 'Structure model' 1 1 2008-05-01 
3 'Structure model' 1 2 2011-07-13 
4 'Structure model' 1 3 2017-10-11 
5 'Structure model' 1 4 2021-10-20 
6 'Structure model' 1 5 2024-02-14 
# 
_pdbx_audit_revision_details.ordinal             1 
_pdbx_audit_revision_details.revision_ordinal    1 
_pdbx_audit_revision_details.data_content_type   'Structure model' 
_pdbx_audit_revision_details.provider            repository 
_pdbx_audit_revision_details.type                'Initial release' 
_pdbx_audit_revision_details.description         ? 
_pdbx_audit_revision_details.details             ? 
# 
loop_
_pdbx_audit_revision_group.ordinal 
_pdbx_audit_revision_group.revision_ordinal 
_pdbx_audit_revision_group.data_content_type 
_pdbx_audit_revision_group.group 
1 2 'Structure model' 'Version format compliance' 
2 3 'Structure model' Advisory                    
3 3 'Structure model' 'Version format compliance' 
4 4 'Structure model' 'Refinement description'    
5 5 'Structure model' 'Database references'       
6 5 'Structure model' 'Derived calculations'      
7 6 'Structure model' 'Data collection'           
# 
loop_
_pdbx_audit_revision_category.ordinal 
_pdbx_audit_revision_category.revision_ordinal 
_pdbx_audit_revision_category.data_content_type 
_pdbx_audit_revision_category.category 
1 4 'Structure model' software               
2 5 'Structure model' database_2             
3 5 'Structure model' pdbx_struct_conn_angle 
4 5 'Structure model' struct_conn            
5 5 'Structure model' struct_ref_seq_dif     
6 5 'Structure model' struct_site            
7 6 'Structure model' chem_comp_atom         
8 6 'Structure model' chem_comp_bond         
# 
loop_
_pdbx_audit_revision_item.ordinal 
_pdbx_audit_revision_item.revision_ordinal 
_pdbx_audit_revision_item.data_content_type 
_pdbx_audit_revision_item.item 
1  4 'Structure model' '_software.classification'                   
2  4 'Structure model' '_software.contact_author'                   
3  4 'Structure model' '_software.contact_author_email'             
4  4 'Structure model' '_software.date'                             
5  4 'Structure model' '_software.language'                         
6  4 'Structure model' '_software.location'                         
7  4 'Structure model' '_software.name'                             
8  4 'Structure model' '_software.type'                             
9  4 'Structure model' '_software.version'                          
10 5 'Structure model' '_database_2.pdbx_DOI'                       
11 5 'Structure model' '_database_2.pdbx_database_accession'        
12 5 'Structure model' '_pdbx_struct_conn_angle.ptnr1_auth_seq_id'  
13 5 'Structure model' '_pdbx_struct_conn_angle.ptnr1_label_seq_id' 
14 5 'Structure model' '_pdbx_struct_conn_angle.ptnr3_auth_seq_id'  
15 5 'Structure model' '_pdbx_struct_conn_angle.ptnr3_label_seq_id' 
16 5 'Structure model' '_pdbx_struct_conn_angle.value'              
17 5 'Structure model' '_struct_conn.pdbx_dist_value'               
18 5 'Structure model' '_struct_conn.ptnr1_auth_comp_id'            
19 5 'Structure model' '_struct_conn.ptnr1_auth_seq_id'             
20 5 'Structure model' '_struct_conn.ptnr1_label_asym_id'           
21 5 'Structure model' '_struct_conn.ptnr1_label_atom_id'           
22 5 'Structure model' '_struct_conn.ptnr1_label_comp_id'           
23 5 'Structure model' '_struct_conn.ptnr1_label_seq_id'            
24 5 'Structure model' '_struct_conn.ptnr2_auth_comp_id'            
25 5 'Structure model' '_struct_conn.ptnr2_auth_seq_id'             
26 5 'Structure model' '_struct_conn.ptnr2_label_asym_id'           
27 5 'Structure model' '_struct_conn.ptnr2_label_atom_id'           
28 5 'Structure model' '_struct_conn.ptnr2_label_comp_id'           
29 5 'Structure model' '_struct_conn.ptnr2_label_seq_id'            
30 5 'Structure model' '_struct_ref_seq_dif.details'                
31 5 'Structure model' '_struct_site.pdbx_auth_asym_id'             
32 5 'Structure model' '_struct_site.pdbx_auth_comp_id'             
33 5 'Structure model' '_struct_site.pdbx_auth_seq_id'              
# 
_pdbx_database_status.entry_id                        2B9D 
_pdbx_database_status.deposit_site                    RCSB 
_pdbx_database_status.process_site                    RCSB 
_pdbx_database_status.recvd_initial_deposition_date   2005-10-11 
_pdbx_database_status.status_code                     REL 
_pdbx_database_status.status_code_sf                  REL 
_pdbx_database_status.status_code_mr                  ? 
_pdbx_database_status.SG_entry                        ? 
_pdbx_database_status.pdb_format_compatible           Y 
_pdbx_database_status.status_code_cs                  ? 
_pdbx_database_status.methods_development_category    ? 
_pdbx_database_status.status_code_nmr_data            ? 
# 
loop_
_audit_author.name 
_audit_author.pdbx_ordinal 
'Liu, X.'         1 
'Clements, A.'    2 
'Zhao, K.'        3 
'Marmorstein, R.' 4 
# 
_citation.id                        primary 
_citation.title                     
'Structure of the human Papillomavirus E7 oncoprotein and its mechanism for inactivation of the retinoblastoma tumor suppressor.' 
_citation.journal_abbrev            J.Biol.Chem. 
_citation.journal_volume            281 
_citation.page_first                578 
_citation.page_last                 586 
_citation.year                      2006 
_citation.journal_id_ASTM           JBCHA3 
_citation.country                   US 
_citation.journal_id_ISSN           0021-9258 
_citation.journal_id_CSD            0071 
_citation.book_publisher            ? 
_citation.pdbx_database_id_PubMed   16249186 
_citation.pdbx_database_id_DOI      10.1074/jbc.M508455200 
# 
loop_
_citation_author.citation_id 
_citation_author.name 
_citation_author.ordinal 
_citation_author.identifier_ORCID 
primary 'Liu, X.'         1 ? 
primary 'Clements, A.'    2 ? 
primary 'Zhao, K.'        3 ? 
primary 'Marmorstein, R.' 4 ? 
# 
loop_
_entity.id 
_entity.type 
_entity.src_method 
_entity.pdbx_description 
_entity.formula_weight 
_entity.pdbx_number_of_molecules 
_entity.pdbx_ec 
_entity.pdbx_mutation 
_entity.pdbx_fragment 
_entity.details 
1 polymer     man 'E7 protein' 5927.104 2  ? ? 'CR3 Domain (residues 44-93)' ? 
2 non-polymer syn 'ZINC ION'   65.409   2  ? ? ?                             ? 
3 water       nat water        18.015   88 ? ? ?                             ? 
# 
_entity_poly.entity_id                      1 
_entity_poly.type                           'polypeptide(L)' 
_entity_poly.nstd_linkage                   no 
_entity_poly.nstd_monomer                   no 
_entity_poly.pdbx_seq_one_letter_code       MKQPYAVVASCAYCEKLVRLTVLADHSAIRQLEEMLLRSLNIVCPLCTLQRQ 
_entity_poly.pdbx_seq_one_letter_code_can   MKQPYAVVASCAYCEKLVRLTVLADHSAIRQLEEMLLRSLNIVCPLCTLQRQ 
_entity_poly.pdbx_strand_id                 A,B 
_entity_poly.pdbx_target_identifier         ? 
# 
loop_
_pdbx_entity_nonpoly.entity_id 
_pdbx_entity_nonpoly.name 
_pdbx_entity_nonpoly.comp_id 
2 'ZINC ION' ZN  
3 water      HOH 
# 
loop_
_entity_poly_seq.entity_id 
_entity_poly_seq.num 
_entity_poly_seq.mon_id 
_entity_poly_seq.hetero 
1 1  MET n 
1 2  LYS n 
1 3  GLN n 
1 4  PRO n 
1 5  TYR n 
1 6  ALA n 
1 7  VAL n 
1 8  VAL n 
1 9  ALA n 
1 10 SER n 
1 11 CYS n 
1 12 ALA n 
1 13 TYR n 
1 14 CYS n 
1 15 GLU n 
1 16 LYS n 
1 17 LEU n 
1 18 VAL n 
1 19 ARG n 
1 20 LEU n 
1 21 THR n 
1 22 VAL n 
1 23 LEU n 
1 24 ALA n 
1 25 ASP n 
1 26 HIS n 
1 27 SER n 
1 28 ALA n 
1 29 ILE n 
1 30 ARG n 
1 31 GLN n 
1 32 LEU n 
1 33 GLU n 
1 34 GLU n 
1 35 MET n 
1 36 LEU n 
1 37 LEU n 
1 38 ARG n 
1 39 SER n 
1 40 LEU n 
1 41 ASN n 
1 42 ILE n 
1 43 VAL n 
1 44 CYS n 
1 45 PRO n 
1 46 LEU n 
1 47 CYS n 
1 48 THR n 
1 49 LEU n 
1 50 GLN n 
1 51 ARG n 
1 52 GLN n 
# 
_entity_src_gen.entity_id                          1 
_entity_src_gen.pdbx_src_id                        1 
_entity_src_gen.pdbx_alt_source_flag               sample 
_entity_src_gen.pdbx_seq_type                      ? 
_entity_src_gen.pdbx_beg_seq_num                   ? 
_entity_src_gen.pdbx_end_seq_num                   ? 
_entity_src_gen.gene_src_common_name               ? 
_entity_src_gen.gene_src_genus                     Mupapillomavirus 
_entity_src_gen.pdbx_gene_src_gene                 ? 
_entity_src_gen.gene_src_species                   'Human papillomavirus - 1' 
_entity_src_gen.gene_src_strain                    ? 
_entity_src_gen.gene_src_tissue                    ? 
_entity_src_gen.gene_src_tissue_fraction           ? 
_entity_src_gen.gene_src_details                   ? 
_entity_src_gen.pdbx_gene_src_fragment             ? 
_entity_src_gen.pdbx_gene_src_scientific_name      'Human papillomavirus type 1a' 
_entity_src_gen.pdbx_gene_src_ncbi_taxonomy_id     10583 
_entity_src_gen.pdbx_gene_src_variant              ? 
_entity_src_gen.pdbx_gene_src_cell_line            ? 
_entity_src_gen.pdbx_gene_src_atcc                 ? 
_entity_src_gen.pdbx_gene_src_organ                ? 
_entity_src_gen.pdbx_gene_src_organelle            ? 
_entity_src_gen.pdbx_gene_src_cell                 ? 
_entity_src_gen.pdbx_gene_src_cellular_location    ? 
_entity_src_gen.host_org_common_name               ? 
_entity_src_gen.pdbx_host_org_scientific_name      'Escherichia coli BL21(DE3)' 
_entity_src_gen.pdbx_host_org_ncbi_taxonomy_id     469008 
_entity_src_gen.host_org_genus                     Escherichia 
_entity_src_gen.pdbx_host_org_gene                 ? 
_entity_src_gen.pdbx_host_org_organ                ? 
_entity_src_gen.host_org_species                   'Escherichia coli' 
_entity_src_gen.pdbx_host_org_tissue               ? 
_entity_src_gen.pdbx_host_org_tissue_fraction      ? 
_entity_src_gen.pdbx_host_org_strain               'BL21(DE3)' 
_entity_src_gen.pdbx_host_org_variant              ? 
_entity_src_gen.pdbx_host_org_cell_line            ? 
_entity_src_gen.pdbx_host_org_atcc                 ? 
_entity_src_gen.pdbx_host_org_culture_collection   ? 
_entity_src_gen.pdbx_host_org_cell                 ? 
_entity_src_gen.pdbx_host_org_organelle            ? 
_entity_src_gen.pdbx_host_org_cellular_location    ? 
_entity_src_gen.pdbx_host_org_vector_type          plasmid 
_entity_src_gen.pdbx_host_org_vector               ? 
_entity_src_gen.host_org_details                   ? 
_entity_src_gen.expression_system_id               ? 
_entity_src_gen.plasmid_name                       pRSET-A 
_entity_src_gen.plasmid_details                    ? 
_entity_src_gen.pdbx_description                   ? 
# 
loop_
_chem_comp.id 
_chem_comp.type 
_chem_comp.mon_nstd_flag 
_chem_comp.name 
_chem_comp.pdbx_synonyms 
_chem_comp.formula 
_chem_comp.formula_weight 
ALA 'L-peptide linking' y ALANINE         ? 'C3 H7 N O2'     89.093  
ARG 'L-peptide linking' y ARGININE        ? 'C6 H15 N4 O2 1' 175.209 
ASN 'L-peptide linking' y ASPARAGINE      ? 'C4 H8 N2 O3'    132.118 
ASP 'L-peptide linking' y 'ASPARTIC ACID' ? 'C4 H7 N O4'     133.103 
CYS 'L-peptide linking' y CYSTEINE        ? 'C3 H7 N O2 S'   121.158 
GLN 'L-peptide linking' y GLUTAMINE       ? 'C5 H10 N2 O3'   146.144 
GLU 'L-peptide linking' y 'GLUTAMIC ACID' ? 'C5 H9 N O4'     147.129 
HIS 'L-peptide linking' y HISTIDINE       ? 'C6 H10 N3 O2 1' 156.162 
HOH non-polymer         . WATER           ? 'H2 O'           18.015  
ILE 'L-peptide linking' y ISOLEUCINE      ? 'C6 H13 N O2'    131.173 
LEU 'L-peptide linking' y LEUCINE         ? 'C6 H13 N O2'    131.173 
LYS 'L-peptide linking' y LYSINE          ? 'C6 H15 N2 O2 1' 147.195 
MET 'L-peptide linking' y METHIONINE      ? 'C5 H11 N O2 S'  149.211 
PRO 'L-peptide linking' y PROLINE         ? 'C5 H9 N O2'     115.130 
SER 'L-peptide linking' y SERINE          ? 'C3 H7 N O3'     105.093 
THR 'L-peptide linking' y THREONINE       ? 'C4 H9 N O3'     119.119 
TYR 'L-peptide linking' y TYROSINE        ? 'C9 H11 N O3'    181.189 
VAL 'L-peptide linking' y VALINE          ? 'C5 H11 N O2'    117.146 
ZN  non-polymer         . 'ZINC ION'      ? 'Zn 2'           65.409  
# 
loop_
_pdbx_poly_seq_scheme.asym_id 
_pdbx_poly_seq_scheme.entity_id 
_pdbx_poly_seq_scheme.seq_id 
_pdbx_poly_seq_scheme.mon_id 
_pdbx_poly_seq_scheme.ndb_seq_num 
_pdbx_poly_seq_scheme.pdb_seq_num 
_pdbx_poly_seq_scheme.auth_seq_num 
_pdbx_poly_seq_scheme.pdb_mon_id 
_pdbx_poly_seq_scheme.auth_mon_id 
_pdbx_poly_seq_scheme.pdb_strand_id 
_pdbx_poly_seq_scheme.pdb_ins_code 
_pdbx_poly_seq_scheme.hetero 
A 1 1  MET 1  42 42 MET MET A . n 
A 1 2  LYS 2  43 43 LYS LYS A . n 
A 1 3  GLN 3  44 44 GLN GLN A . n 
A 1 4  PRO 4  45 45 PRO PRO A . n 
A 1 5  TYR 5  46 46 TYR TYR A . n 
A 1 6  ALA 6  47 47 ALA ALA A . n 
A 1 7  VAL 7  48 48 VAL VAL A . n 
A 1 8  VAL 8  49 49 VAL VAL A . n 
A 1 9  ALA 9  50 50 ALA ALA A . n 
A 1 10 SER 10 51 51 SER SER A . n 
A 1 11 CYS 11 52 52 CYS CYS A . n 
A 1 12 ALA 12 53 53 ALA ALA A . n 
A 1 13 TYR 13 54 54 TYR TYR A . n 
A 1 14 CYS 14 55 55 CYS CYS A . n 
A 1 15 GLU 15 56 56 GLU GLU A . n 
A 1 16 LYS 16 57 57 LYS LYS A . n 
A 1 17 LEU 17 58 58 LEU LEU A . n 
A 1 18 VAL 18 59 59 VAL VAL A . n 
A 1 19 ARG 19 60 60 ARG ARG A . n 
A 1 20 LEU 20 61 61 LEU LEU A . n 
A 1 21 THR 21 62 62 THR THR A . n 
A 1 22 VAL 22 63 63 VAL VAL A . n 
A 1 23 LEU 23 64 64 LEU LEU A . n 
A 1 24 ALA 24 65 65 ALA ALA A . n 
A 1 25 ASP 25 66 66 ASP ASP A . n 
A 1 26 HIS 26 67 67 HIS HIS A . n 
A 1 27 SER 27 68 68 SER SER A . n 
A 1 28 ALA 28 69 69 ALA ALA A . n 
A 1 29 ILE 29 70 70 ILE ILE A . n 
A 1 30 ARG 30 71 71 ARG ARG A . n 
A 1 31 GLN 31 72 72 GLN GLN A . n 
A 1 32 LEU 32 73 73 LEU LEU A . n 
A 1 33 GLU 33 74 74 GLU GLU A . n 
A 1 34 GLU 34 75 75 GLU GLU A . n 
A 1 35 MET 35 76 76 MET MET A . n 
A 1 36 LEU 36 77 77 LEU LEU A . n 
A 1 37 LEU 37 78 78 LEU LEU A . n 
A 1 38 ARG 38 79 79 ARG ARG A . n 
A 1 39 SER 39 80 80 SER SER A . n 
A 1 40 LEU 40 81 81 LEU LEU A . n 
A 1 41 ASN 41 82 82 ASN ASN A . n 
A 1 42 ILE 42 83 83 ILE ILE A . n 
A 1 43 VAL 43 84 84 VAL VAL A . n 
A 1 44 CYS 44 85 85 CYS CYS A . n 
A 1 45 PRO 45 86 86 PRO PRO A . n 
A 1 46 LEU 46 87 87 LEU LEU A . n 
A 1 47 CYS 47 88 88 CYS CYS A . n 
A 1 48 THR 48 89 89 THR THR A . n 
A 1 49 LEU 49 90 90 LEU LEU A . n 
A 1 50 GLN 50 91 91 GLN GLN A . n 
A 1 51 ARG 51 92 92 ARG ARG A . n 
A 1 52 GLN 52 93 93 GLN GLN A . n 
B 1 1  MET 1  42 42 MET MET B . n 
B 1 2  LYS 2  43 43 LYS LYS B . n 
B 1 3  GLN 3  44 44 GLN GLN B . n 
B 1 4  PRO 4  45 45 PRO PRO B . n 
B 1 5  TYR 5  46 46 TYR TYR B . n 
B 1 6  ALA 6  47 47 ALA ALA B . n 
B 1 7  VAL 7  48 48 VAL VAL B . n 
B 1 8  VAL 8  49 49 VAL VAL B . n 
B 1 9  ALA 9  50 50 ALA ALA B . n 
B 1 10 SER 10 51 51 SER SER B . n 
B 1 11 CYS 11 52 52 CYS CYS B . n 
B 1 12 ALA 12 53 53 ALA ALA B . n 
B 1 13 TYR 13 54 54 TYR TYR B . n 
B 1 14 CYS 14 55 55 CYS CYS B . n 
B 1 15 GLU 15 56 56 GLU GLU B . n 
B 1 16 LYS 16 57 57 LYS LYS B . n 
B 1 17 LEU 17 58 58 LEU LEU B . n 
B 1 18 VAL 18 59 59 VAL VAL B . n 
B 1 19 ARG 19 60 60 ARG ARG B . n 
B 1 20 LEU 20 61 61 LEU LEU B . n 
B 1 21 THR 21 62 62 THR THR B . n 
B 1 22 VAL 22 63 63 VAL VAL B . n 
B 1 23 LEU 23 64 64 LEU LEU B . n 
B 1 24 ALA 24 65 65 ALA ALA B . n 
B 1 25 ASP 25 66 66 ASP ASP B . n 
B 1 26 HIS 26 67 67 HIS HIS B . n 
B 1 27 SER 27 68 68 SER SER B . n 
B 1 28 ALA 28 69 69 ALA ALA B . n 
B 1 29 ILE 29 70 70 ILE ILE B . n 
B 1 30 ARG 30 71 71 ARG ARG B . n 
B 1 31 GLN 31 72 72 GLN GLN B . n 
B 1 32 LEU 32 73 73 LEU LEU B . n 
B 1 33 GLU 33 74 74 GLU GLU B . n 
B 1 34 GLU 34 75 75 GLU GLU B . n 
B 1 35 MET 35 76 76 MET MET B . n 
B 1 36 LEU 36 77 77 LEU LEU B . n 
B 1 37 LEU 37 78 78 LEU LEU B . n 
B 1 38 ARG 38 79 79 ARG ARG B . n 
B 1 39 SER 39 80 80 SER SER B . n 
B 1 40 LEU 40 81 81 LEU LEU B . n 
B 1 41 ASN 41 82 82 ASN ASN B . n 
B 1 42 ILE 42 83 83 ILE ILE B . n 
B 1 43 VAL 43 84 84 VAL VAL B . n 
B 1 44 CYS 44 85 85 CYS CYS B . n 
B 1 45 PRO 45 86 86 PRO PRO B . n 
B 1 46 LEU 46 87 87 LEU LEU B . n 
B 1 47 CYS 47 88 88 CYS CYS B . n 
B 1 48 THR 48 89 89 THR THR B . n 
B 1 49 LEU 49 90 90 LEU LEU B . n 
B 1 50 GLN 50 91 91 GLN GLN B . n 
B 1 51 ARG 51 92 92 ARG ARG B . n 
B 1 52 GLN 52 93 93 GLN GLN B . n 
# 
loop_
_pdbx_nonpoly_scheme.asym_id 
_pdbx_nonpoly_scheme.entity_id 
_pdbx_nonpoly_scheme.mon_id 
_pdbx_nonpoly_scheme.ndb_seq_num 
_pdbx_nonpoly_scheme.pdb_seq_num 
_pdbx_nonpoly_scheme.auth_seq_num 
_pdbx_nonpoly_scheme.pdb_mon_id 
_pdbx_nonpoly_scheme.auth_mon_id 
_pdbx_nonpoly_scheme.pdb_strand_id 
_pdbx_nonpoly_scheme.pdb_ins_code 
C 2 ZN  1  1002 1002 ZN  ZN  A . 
D 2 ZN  1  1001 1001 ZN  ZN  B . 
E 3 HOH 1  1003 2    HOH HOH A . 
E 3 HOH 2  1004 3    HOH HOH A . 
E 3 HOH 3  1005 6    HOH HOH A . 
E 3 HOH 4  1006 8    HOH HOH A . 
E 3 HOH 5  1007 10   HOH HOH A . 
E 3 HOH 6  1008 12   HOH HOH A . 
E 3 HOH 7  1009 13   HOH HOH A . 
E 3 HOH 8  1010 15   HOH HOH A . 
E 3 HOH 9  1011 16   HOH HOH A . 
E 3 HOH 10 1012 17   HOH HOH A . 
E 3 HOH 11 1013 18   HOH HOH A . 
E 3 HOH 12 1014 19   HOH HOH A . 
E 3 HOH 13 1015 21   HOH HOH A . 
E 3 HOH 14 1016 22   HOH HOH A . 
E 3 HOH 15 1017 23   HOH HOH A . 
E 3 HOH 16 1018 25   HOH HOH A . 
E 3 HOH 17 1019 27   HOH HOH A . 
E 3 HOH 18 1020 28   HOH HOH A . 
E 3 HOH 19 1021 29   HOH HOH A . 
E 3 HOH 20 1022 33   HOH HOH A . 
E 3 HOH 21 1023 34   HOH HOH A . 
E 3 HOH 22 1024 35   HOH HOH A . 
E 3 HOH 23 1025 36   HOH HOH A . 
E 3 HOH 24 1026 40   HOH HOH A . 
E 3 HOH 25 1027 41   HOH HOH A . 
E 3 HOH 26 1028 42   HOH HOH A . 
E 3 HOH 27 1029 43   HOH HOH A . 
E 3 HOH 28 1030 44   HOH HOH A . 
E 3 HOH 29 1031 46   HOH HOH A . 
E 3 HOH 30 1032 48   HOH HOH A . 
E 3 HOH 31 1033 51   HOH HOH A . 
E 3 HOH 32 1034 52   HOH HOH A . 
E 3 HOH 33 1035 53   HOH HOH A . 
E 3 HOH 34 1036 55   HOH HOH A . 
E 3 HOH 35 1037 57   HOH HOH A . 
E 3 HOH 36 1038 58   HOH HOH A . 
E 3 HOH 37 1039 59   HOH HOH A . 
E 3 HOH 38 1040 61   HOH HOH A . 
E 3 HOH 39 1041 62   HOH HOH A . 
E 3 HOH 40 1042 63   HOH HOH A . 
E 3 HOH 41 1043 64   HOH HOH A . 
E 3 HOH 42 1044 66   HOH HOH A . 
E 3 HOH 43 1045 67   HOH HOH A . 
E 3 HOH 44 1046 70   HOH HOH A . 
E 3 HOH 45 1047 71   HOH HOH A . 
E 3 HOH 46 1048 74   HOH HOH A . 
E 3 HOH 47 1049 75   HOH HOH A . 
E 3 HOH 48 1050 76   HOH HOH A . 
E 3 HOH 49 1051 78   HOH HOH A . 
E 3 HOH 50 1052 79   HOH HOH A . 
E 3 HOH 51 1053 80   HOH HOH A . 
E 3 HOH 52 1054 81   HOH HOH A . 
E 3 HOH 53 1055 85   HOH HOH A . 
E 3 HOH 54 1056 86   HOH HOH A . 
E 3 HOH 55 1057 88   HOH HOH A . 
F 3 HOH 1  1002 1    HOH HOH B . 
F 3 HOH 2  1003 4    HOH HOH B . 
F 3 HOH 3  1004 5    HOH HOH B . 
F 3 HOH 4  1005 7    HOH HOH B . 
F 3 HOH 5  1006 9    HOH HOH B . 
F 3 HOH 6  1007 11   HOH HOH B . 
F 3 HOH 7  1008 14   HOH HOH B . 
F 3 HOH 8  1009 20   HOH HOH B . 
F 3 HOH 9  1010 24   HOH HOH B . 
F 3 HOH 10 1011 26   HOH HOH B . 
F 3 HOH 11 1012 30   HOH HOH B . 
F 3 HOH 12 1013 31   HOH HOH B . 
F 3 HOH 13 1014 32   HOH HOH B . 
F 3 HOH 14 1015 37   HOH HOH B . 
F 3 HOH 15 1016 38   HOH HOH B . 
F 3 HOH 16 1017 39   HOH HOH B . 
F 3 HOH 17 1018 45   HOH HOH B . 
F 3 HOH 18 1019 47   HOH HOH B . 
F 3 HOH 19 1020 49   HOH HOH B . 
F 3 HOH 20 1021 50   HOH HOH B . 
F 3 HOH 21 1022 54   HOH HOH B . 
F 3 HOH 22 1023 56   HOH HOH B . 
F 3 HOH 23 1024 60   HOH HOH B . 
F 3 HOH 24 1025 65   HOH HOH B . 
F 3 HOH 25 1026 68   HOH HOH B . 
F 3 HOH 26 1027 69   HOH HOH B . 
F 3 HOH 27 1028 72   HOH HOH B . 
F 3 HOH 28 1029 73   HOH HOH B . 
F 3 HOH 29 1030 77   HOH HOH B . 
F 3 HOH 30 1031 82   HOH HOH B . 
F 3 HOH 31 1032 83   HOH HOH B . 
F 3 HOH 32 1033 84   HOH HOH B . 
F 3 HOH 33 1034 87   HOH HOH B . 
# 
loop_
_pdbx_unobs_or_zero_occ_atoms.id 
_pdbx_unobs_or_zero_occ_atoms.PDB_model_num 
_pdbx_unobs_or_zero_occ_atoms.polymer_flag 
_pdbx_unobs_or_zero_occ_atoms.occupancy_flag 
_pdbx_unobs_or_zero_occ_atoms.auth_asym_id 
_pdbx_unobs_or_zero_occ_atoms.auth_comp_id 
_pdbx_unobs_or_zero_occ_atoms.auth_seq_id 
_pdbx_unobs_or_zero_occ_atoms.PDB_ins_code 
_pdbx_unobs_or_zero_occ_atoms.auth_atom_id 
_pdbx_unobs_or_zero_occ_atoms.label_alt_id 
_pdbx_unobs_or_zero_occ_atoms.label_asym_id 
_pdbx_unobs_or_zero_occ_atoms.label_comp_id 
_pdbx_unobs_or_zero_occ_atoms.label_seq_id 
_pdbx_unobs_or_zero_occ_atoms.label_atom_id 
1  1 Y 1 A MET 42 ? CG  ? A MET 1  CG  
2  1 Y 1 A MET 42 ? SD  ? A MET 1  SD  
3  1 Y 1 A MET 42 ? CE  ? A MET 1  CE  
4  1 Y 1 A ARG 79 ? CG  ? A ARG 38 CG  
5  1 Y 1 A ARG 79 ? CD  ? A ARG 38 CD  
6  1 Y 1 A ARG 79 ? NE  ? A ARG 38 NE  
7  1 Y 1 A ARG 79 ? CZ  ? A ARG 38 CZ  
8  1 Y 1 A ARG 79 ? NH1 ? A ARG 38 NH1 
9  1 Y 1 A ARG 79 ? NH2 ? A ARG 38 NH2 
10 1 Y 1 A GLN 93 ? O   ? A GLN 52 O   
11 1 Y 1 B MET 42 ? CG  ? B MET 1  CG  
12 1 Y 1 B MET 42 ? SD  ? B MET 1  SD  
13 1 Y 1 B MET 42 ? CE  ? B MET 1  CE  
14 1 Y 1 B ARG 79 ? CG  ? B ARG 38 CG  
15 1 Y 1 B ARG 79 ? CD  ? B ARG 38 CD  
16 1 Y 1 B ARG 79 ? NE  ? B ARG 38 NE  
17 1 Y 1 B ARG 79 ? CZ  ? B ARG 38 CZ  
18 1 Y 1 B ARG 79 ? NH1 ? B ARG 38 NH1 
19 1 Y 1 B ARG 79 ? NH2 ? B ARG 38 NH2 
20 1 Y 1 B GLN 93 ? O   ? B GLN 52 O   
# 
loop_
_software.name 
_software.version 
_software.date 
_software.type 
_software.contact_author 
_software.contact_author_email 
_software.classification 
_software.location 
_software.language 
_software.citation_id 
_software.pdbx_ordinal 
DENZO       .     ?               package 'Zbyszek Otwinowski' zbyszek@mix.swmed.edu    'data reduction'  
http://www.lnls.br/infra/linhasluz/denzo-hkl.htm ?       ? 1 
SCALEPACK   .     ?               package 'Zbyszek Otwinowski' zbyszek@mix.swmed.edu    'data scaling'    
http://www.lnls.br/infra/linhasluz/denzo-hkl.htm ?       ? 2 
SOLVE       2.02  29-Jan-2002     ?       'Tom Terwilliger'    terwilliger@LANL.gov     phasing           
http://www.solve.lanl.gov/                       ?       ? 3 
RESOLVE     2.02  08-Feb-2001     ?       'Terwilliger, T. C'  terwilliger@LANL.gov     phasing           
http://www.solve.lanl.gov/                       ?       ? 4 
REFMAC      .     ?               ?       'Murshudov, G.N.'    ccp4@dl.ac.uk            refinement        
http://www.ccp4.ac.uk/main.html                  Fortran ? 5 
PDB_EXTRACT 1.700 'May. 30, 2005' package PDB                  sw-help@rcsb.rutgers.edu 'data extraction' 
http://pdb.rutgers.edu/software/                 C++     ? 6 
# 
_cell.entry_id           2B9D 
_cell.length_a           33.908 
_cell.length_b           44.935 
_cell.length_c           58.670 
_cell.angle_alpha        90.00 
_cell.angle_beta         90.00 
_cell.angle_gamma        90.00 
_cell.Z_PDB              8 
_cell.pdbx_unique_axis   ? 
# 
_symmetry.entry_id                         2B9D 
_symmetry.space_group_name_H-M             'P 21 21 2' 
_symmetry.pdbx_full_space_group_name_H-M   ? 
_symmetry.cell_setting                     ? 
_symmetry.Int_Tables_number                18 
_symmetry.space_group_name_Hall            ? 
# 
_exptl.entry_id          2B9D 
_exptl.method            'X-RAY DIFFRACTION' 
_exptl.crystals_number   2 
# 
_exptl_crystal.id                    1 
_exptl_crystal.density_meas          ? 
_exptl_crystal.density_Matthews      1.9 
_exptl_crystal.density_percent_sol   34.5 
_exptl_crystal.description           ? 
_exptl_crystal.F_000                 ? 
_exptl_crystal.preparation           ? 
# 
_exptl_crystal_grow.crystal_id      1 
_exptl_crystal_grow.method          'VAPOR DIFFUSION, HANGING DROP' 
_exptl_crystal_grow.temp            293 
_exptl_crystal_grow.temp_details    ? 
_exptl_crystal_grow.pH              6.5 
_exptl_crystal_grow.pdbx_details    'pH 6.5, VAPOR DIFFUSION, HANGING DROP, temperature 293K' 
_exptl_crystal_grow.pdbx_pH_range   . 
# 
loop_
_diffrn.id 
_diffrn.ambient_temp 
_diffrn.ambient_temp_details 
_diffrn.crystal_id 
1 93 ? 1 
2 93 ? 1 
3 ?  ? 1 
# 
loop_
_diffrn_detector.diffrn_id 
_diffrn_detector.detector 
_diffrn_detector.type 
_diffrn_detector.pdbx_collection_date 
_diffrn_detector.details 
1 CCD CUSTOM-MADE 2003-06-11 ? 
2 CCD CUSTOM-MADE 2003-06-11 ? 
# 
loop_
_diffrn_radiation.diffrn_id 
_diffrn_radiation.wavelength_id 
_diffrn_radiation.pdbx_monochromatic_or_laue_m_l 
_diffrn_radiation.monochromator 
_diffrn_radiation.pdbx_diffrn_protocol 
_diffrn_radiation.pdbx_scattering_type 
1 1 M ? 'SINGLE WAVELENGTH' x-ray 
2 2 M ? MAD                 x-ray 
# 
loop_
_diffrn_radiation_wavelength.id 
_diffrn_radiation_wavelength.wavelength 
_diffrn_radiation_wavelength.wt 
1 1.2800 1.0 
2 1.2832 1.0 
3 1.2836 1.0 
# 
loop_
_diffrn_source.diffrn_id 
_diffrn_source.source 
_diffrn_source.type 
_diffrn_source.pdbx_synchrotron_site 
_diffrn_source.pdbx_synchrotron_beamline 
_diffrn_source.pdbx_wavelength 
_diffrn_source.pdbx_wavelength_list 
1 SYNCHROTRON 'APS BEAMLINE 19-ID' APS 19-ID ? 1.2800                   
2 SYNCHROTRON 'APS BEAMLINE 19-ID' APS 19-ID ? '1.2832, 1.2836, 1.2800' 
# 
_reflns.entry_id                     2B9D 
_reflns.observed_criterion_sigma_I   ? 
_reflns.observed_criterion_sigma_F   ? 
_reflns.d_resolution_low             50.00 
_reflns.d_resolution_high            1.60 
_reflns.number_obs                   12140 
_reflns.number_all                   ? 
_reflns.percent_possible_obs         98.200 
_reflns.pdbx_Rmerge_I_obs            0.08 
_reflns.pdbx_Rsym_value              ? 
_reflns.pdbx_netI_over_sigmaI        ? 
_reflns.B_iso_Wilson_estimate        ? 
_reflns.pdbx_redundancy              ? 
_reflns.R_free_details               ? 
_reflns.limit_h_max                  ? 
_reflns.limit_h_min                  ? 
_reflns.limit_k_max                  ? 
_reflns.limit_k_min                  ? 
_reflns.limit_l_max                  ? 
_reflns.limit_l_min                  ? 
_reflns.observed_criterion_F_max     ? 
_reflns.observed_criterion_F_min     ? 
_reflns.pdbx_chi_squared             ? 
_reflns.pdbx_scaling_rejects         ? 
_reflns.pdbx_ordinal                 1 
_reflns.pdbx_diffrn_id               1,2 
# 
loop_
_reflns_shell.d_res_high 
_reflns_shell.d_res_low 
_reflns_shell.percent_possible_all 
_reflns_shell.Rmerge_I_obs 
_reflns_shell.pdbx_Rsym_value 
_reflns_shell.meanI_over_sigI_obs 
_reflns_shell.pdbx_redundancy 
_reflns_shell.percent_possible_obs 
_reflns_shell.number_unique_all 
_reflns_shell.number_measured_all 
_reflns_shell.number_measured_obs 
_reflns_shell.number_unique_obs 
_reflns_shell.pdbx_chi_squared 
_reflns_shell.pdbx_ordinal 
_reflns_shell.pdbx_diffrn_id 
1.60 1.66  ? 0.335 ? ? ? ? ? ? ? ? ? 1  1,2 
1.66 1.72  ? 0.297 ? ? ? ? ? ? ? ? ? 2  1,2 
1.72 1.80  ? 0.254 ? ? ? ? ? ? ? ? ? 3  1,2 
1.80 1.90  ? 0.197 ? ? ? ? ? ? ? ? ? 4  1,2 
1.90 2.02  ? 0.135 ? ? ? ? ? ? ? ? ? 5  1,2 
2.02 2.17  ? 0.101 ? ? ? ? ? ? ? ? ? 6  1,2 
2.17 2.39  ? 0.081 ? ? ? ? ? ? ? ? ? 7  1,2 
2.39 2.74  ? 0.075 ? ? ? ? ? ? ? ? ? 8  1,2 
2.74 3.45  ? 0.062 ? ? ? ? ? ? ? ? ? 9  1,2 
3.45 50.00 ? 0.054 ? ? ? ? ? ? ? ? ? 10 1,2 
# 
_refine.entry_id                                 2B9D 
_refine.ls_number_reflns_obs                     10931 
_refine.ls_number_reflns_all                     ? 
_refine.pdbx_ls_sigma_I                          ? 
_refine.pdbx_ls_sigma_F                          ? 
_refine.pdbx_data_cutoff_high_absF               ? 
_refine.pdbx_data_cutoff_low_absF                ? 
_refine.pdbx_data_cutoff_high_rms_absF           ? 
_refine.ls_d_res_low                             50.00 
_refine.ls_d_res_high                            1.60 
_refine.ls_percent_reflns_obs                    98.27 
_refine.ls_R_factor_obs                          0.21246 
_refine.ls_R_factor_all                          ? 
_refine.ls_R_factor_R_work                       0.20835 
_refine.ls_R_factor_R_free                       0.25232 
_refine.ls_R_factor_R_free_error                 ? 
_refine.ls_R_factor_R_free_error_details         ? 
_refine.ls_percent_reflns_R_free                 9.8 
_refine.ls_number_reflns_R_free                  1188 
_refine.ls_number_parameters                     ? 
_refine.ls_number_restraints                     ? 
_refine.occupancy_min                            ? 
_refine.occupancy_max                            ? 
_refine.correlation_coeff_Fo_to_Fc               0.945 
_refine.correlation_coeff_Fo_to_Fc_free          0.922 
_refine.B_iso_mean                               20.918 
_refine.aniso_B[1][1]                            1.24 
_refine.aniso_B[2][2]                            -0.06 
_refine.aniso_B[3][3]                            -1.18 
_refine.aniso_B[1][2]                            0.00 
_refine.aniso_B[1][3]                            0.00 
_refine.aniso_B[2][3]                            0.00 
_refine.solvent_model_details                    'BABINET MODEL WITH MASK' 
_refine.solvent_model_param_ksol                 ? 
_refine.solvent_model_param_bsol                 ? 
_refine.pdbx_solvent_vdw_probe_radii             1.40 
_refine.pdbx_solvent_ion_probe_radii             0.80 
_refine.pdbx_solvent_shrinkage_radii             0.80 
_refine.pdbx_ls_cross_valid_method               THROUGHOUT 
_refine.details                                  'HYDROGENS HAVE BEEN ADDED IN THE RIDING POSITIONS' 
_refine.pdbx_starting_model                      ? 
_refine.pdbx_method_to_determine_struct          MAD 
_refine.pdbx_isotropic_thermal_model             ? 
_refine.pdbx_stereochemistry_target_values       'MAXIMUM LIKELIHOOD' 
_refine.pdbx_stereochem_target_val_spec_case     ? 
_refine.pdbx_R_Free_selection_details            RANDOM 
_refine.pdbx_overall_ESU_R                       0.121 
_refine.pdbx_overall_ESU_R_Free                  0.120 
_refine.overall_SU_ML                            0.079 
_refine.overall_SU_B                             2.290 
_refine.ls_redundancy_reflns_obs                 ? 
_refine.B_iso_min                                ? 
_refine.B_iso_max                                ? 
_refine.overall_SU_R_Cruickshank_DPI             ? 
_refine.overall_SU_R_free                        ? 
_refine.ls_wR_factor_R_free                      ? 
_refine.ls_wR_factor_R_work                      ? 
_refine.overall_FOM_free_R_set                   ? 
_refine.overall_FOM_work_R_set                   ? 
_refine.pdbx_refine_id                           'X-RAY DIFFRACTION' 
_refine.pdbx_TLS_residual_ADP_flag               'LIKELY RESIDUAL' 
_refine.pdbx_diffrn_id                           1 
_refine.pdbx_overall_phase_error                 ? 
_refine.pdbx_overall_SU_R_free_Cruickshank_DPI   ? 
_refine.pdbx_overall_SU_R_Blow_DPI               ? 
_refine.pdbx_overall_SU_R_free_Blow_DPI          ? 
# 
_refine_hist.pdbx_refine_id                   'X-RAY DIFFRACTION' 
_refine_hist.cycle_id                         LAST 
_refine_hist.pdbx_number_atoms_protein        800 
_refine_hist.pdbx_number_atoms_nucleic_acid   0 
_refine_hist.pdbx_number_atoms_ligand         2 
_refine_hist.number_atoms_solvent             88 
_refine_hist.number_atoms_total               890 
_refine_hist.d_res_high                       1.60 
_refine_hist.d_res_low                        50.00 
# 
loop_
_refine_ls_restr.type 
_refine_ls_restr.dev_ideal 
_refine_ls_restr.dev_ideal_target 
_refine_ls_restr.weight 
_refine_ls_restr.number 
_refine_ls_restr.pdbx_refine_id 
_refine_ls_restr.pdbx_restraint_function 
r_bond_refined_d             0.008  0.022 ? 808  'X-RAY DIFFRACTION' ? 
r_bond_other_d               0.001  0.020 ? 788  'X-RAY DIFFRACTION' ? 
r_angle_refined_deg          0.865  1.995 ? 1096 'X-RAY DIFFRACTION' ? 
r_angle_other_deg            0.578  3.000 ? 1828 'X-RAY DIFFRACTION' ? 
r_dihedral_angle_1_deg       8.705  5.000 ? 102  'X-RAY DIFFRACTION' ? 
r_dihedral_angle_2_deg       ?      ?     ? ?    'X-RAY DIFFRACTION' ? 
r_dihedral_angle_3_deg       ?      ?     ? ?    'X-RAY DIFFRACTION' ? 
r_dihedral_angle_4_deg       ?      ?     ? ?    'X-RAY DIFFRACTION' ? 
r_chiral_restr               0.062  0.200 ? 140  'X-RAY DIFFRACTION' ? 
r_gen_planes_refined         0.009  0.020 ? 864  'X-RAY DIFFRACTION' ? 
r_gen_planes_other           0.002  0.020 ? 142  'X-RAY DIFFRACTION' ? 
r_nbd_refined                0.235  0.300 ? 178  'X-RAY DIFFRACTION' ? 
r_nbd_other                  0.262  0.300 ? 937  'X-RAY DIFFRACTION' ? 
r_nbtor_refined              ?      ?     ? ?    'X-RAY DIFFRACTION' ? 
r_nbtor_other                0.092  0.500 ? 562  'X-RAY DIFFRACTION' ? 
r_xyhbond_nbd_refined        0.255  0.500 ? 88   'X-RAY DIFFRACTION' ? 
r_xyhbond_nbd_other          ?      ?     ? ?    'X-RAY DIFFRACTION' ? 
r_metal_ion_refined          ?      ?     ? ?    'X-RAY DIFFRACTION' ? 
r_metal_ion_other            ?      ?     ? ?    'X-RAY DIFFRACTION' ? 
r_symmetry_vdw_refined       0.216  0.300 ? 37   'X-RAY DIFFRACTION' ? 
r_symmetry_vdw_other         0.311  0.300 ? 98   'X-RAY DIFFRACTION' ? 
r_symmetry_hbond_refined     0.288  0.500 ? 22   'X-RAY DIFFRACTION' ? 
r_symmetry_hbond_other       ?      ?     ? ?    'X-RAY DIFFRACTION' ? 
r_symmetry_metal_ion_refined ?      ?     ? ?    'X-RAY DIFFRACTION' ? 
r_symmetry_metal_ion_other   ?      ?     ? ?    'X-RAY DIFFRACTION' ? 
r_mcbond_it                  7.095  1.500 ? 522  'X-RAY DIFFRACTION' ? 
r_mcbond_other               ?      ?     ? ?    'X-RAY DIFFRACTION' ? 
r_mcangle_it                 8.997  2.000 ? 842  'X-RAY DIFFRACTION' ? 
r_scbond_it                  18.241 3.000 ? 286  'X-RAY DIFFRACTION' ? 
r_scangle_it                 26.478 4.500 ? 254  'X-RAY DIFFRACTION' ? 
r_rigid_bond_restr           ?      ?     ? ?    'X-RAY DIFFRACTION' ? 
r_sphericity_free            ?      ?     ? ?    'X-RAY DIFFRACTION' ? 
r_sphericity_bonded          ?      ?     ? ?    'X-RAY DIFFRACTION' ? 
# 
_refine_ls_shell.pdbx_total_number_of_bins_used   20 
_refine_ls_shell.d_res_high                       1.601 
_refine_ls_shell.d_res_low                        1.643 
_refine_ls_shell.number_reflns_R_work             753 
_refine_ls_shell.R_factor_R_work                  0.242 
_refine_ls_shell.percent_reflns_obs               ? 
_refine_ls_shell.R_factor_R_free                  0.305 
_refine_ls_shell.R_factor_R_free_error            ? 
_refine_ls_shell.percent_reflns_R_free            ? 
_refine_ls_shell.number_reflns_R_free             97 
_refine_ls_shell.redundancy_reflns_obs            ? 
_refine_ls_shell.number_reflns_all                ? 
_refine_ls_shell.number_reflns_obs                ? 
_refine_ls_shell.pdbx_refine_id                   'X-RAY DIFFRACTION' 
_refine_ls_shell.R_factor_all                     ? 
# 
_struct.entry_id                  2B9D 
_struct.title                     'Crystal Structure of HPV E7 CR3 domain' 
_struct.pdbx_model_details        ? 
_struct.pdbx_CASP_flag            ? 
_struct.pdbx_model_type_details   ? 
# 
_struct_keywords.entry_id        2B9D 
_struct_keywords.pdbx_keywords   'transcription, viral protein' 
_struct_keywords.text            'Zinc Finger, Homodimer, transcription, viral protein' 
# 
loop_
_struct_asym.id 
_struct_asym.pdbx_blank_PDB_chainid_flag 
_struct_asym.pdbx_modified 
_struct_asym.entity_id 
_struct_asym.details 
A N N 1 ? 
B N N 1 ? 
C N N 2 ? 
D N N 2 ? 
E N N 3 ? 
F N N 3 ? 
# 
_struct_ref.id                         1 
_struct_ref.db_name                    UNP 
_struct_ref.db_code                    VE7_HPV1A 
_struct_ref.pdbx_db_accession          P06465 
_struct_ref.entity_id                  1 
_struct_ref.pdbx_seq_one_letter_code   QPYAVVASCAYCEKLVRLTVLADHSAIRQLEELLLRSLNIVCPLCTLQRQ 
_struct_ref.pdbx_align_begin           44 
_struct_ref.pdbx_db_isoform            ? 
# 
loop_
_struct_ref_seq.align_id 
_struct_ref_seq.ref_id 
_struct_ref_seq.pdbx_PDB_id_code 
_struct_ref_seq.pdbx_strand_id 
_struct_ref_seq.seq_align_beg 
_struct_ref_seq.pdbx_seq_align_beg_ins_code 
_struct_ref_seq.seq_align_end 
_struct_ref_seq.pdbx_seq_align_end_ins_code 
_struct_ref_seq.pdbx_db_accession 
_struct_ref_seq.db_align_beg 
_struct_ref_seq.pdbx_db_align_beg_ins_code 
_struct_ref_seq.db_align_end 
_struct_ref_seq.pdbx_db_align_end_ins_code 
_struct_ref_seq.pdbx_auth_seq_align_beg 
_struct_ref_seq.pdbx_auth_seq_align_end 
1 1 2B9D A 3 ? 52 ? P06465 44 ? 93 ? 44 93 
2 1 2B9D B 3 ? 52 ? P06465 44 ? 93 ? 44 93 
# 
loop_
_struct_ref_seq_dif.align_id 
_struct_ref_seq_dif.pdbx_pdb_id_code 
_struct_ref_seq_dif.mon_id 
_struct_ref_seq_dif.pdbx_pdb_strand_id 
_struct_ref_seq_dif.seq_num 
_struct_ref_seq_dif.pdbx_pdb_ins_code 
_struct_ref_seq_dif.pdbx_seq_db_name 
_struct_ref_seq_dif.pdbx_seq_db_accession_code 
_struct_ref_seq_dif.db_mon_id 
_struct_ref_seq_dif.pdbx_seq_db_seq_num 
_struct_ref_seq_dif.details 
_struct_ref_seq_dif.pdbx_auth_seq_num 
_struct_ref_seq_dif.pdbx_ordinal 
1 2B9D MET A 1  ? UNP P06465 ?   ?  'cloning artifact'    42 1 
1 2B9D LYS A 2  ? UNP P06465 ?   ?  'cloning artifact'    43 2 
1 2B9D MET A 35 ? UNP P06465 LEU 76 'engineered mutation' 76 3 
2 2B9D MET B 1  ? UNP P06465 ?   ?  'cloning artifact'    42 4 
2 2B9D LYS B 2  ? UNP P06465 ?   ?  'cloning artifact'    43 5 
2 2B9D MET B 35 ? UNP P06465 LEU 76 'engineered mutation' 76 6 
# 
loop_
_pdbx_struct_assembly.id 
_pdbx_struct_assembly.details 
_pdbx_struct_assembly.method_details 
_pdbx_struct_assembly.oligomeric_details 
_pdbx_struct_assembly.oligomeric_count 
1 author_defined_assembly ? dimeric 2 
2 author_defined_assembly ? dimeric 2 
# 
loop_
_pdbx_struct_assembly_gen.assembly_id 
_pdbx_struct_assembly_gen.oper_expression 
_pdbx_struct_assembly_gen.asym_id_list 
1 1,2 A,C,E 
2 1,3 B,D,F 
# 
loop_
_pdbx_struct_oper_list.id 
_pdbx_struct_oper_list.type 
_pdbx_struct_oper_list.name 
_pdbx_struct_oper_list.symmetry_operation 
_pdbx_struct_oper_list.matrix[1][1] 
_pdbx_struct_oper_list.matrix[1][2] 
_pdbx_struct_oper_list.matrix[1][3] 
_pdbx_struct_oper_list.vector[1] 
_pdbx_struct_oper_list.matrix[2][1] 
_pdbx_struct_oper_list.matrix[2][2] 
_pdbx_struct_oper_list.matrix[2][3] 
_pdbx_struct_oper_list.vector[2] 
_pdbx_struct_oper_list.matrix[3][1] 
_pdbx_struct_oper_list.matrix[3][2] 
_pdbx_struct_oper_list.matrix[3][3] 
_pdbx_struct_oper_list.vector[3] 
1 'identity operation'         1_555 x,y,z       1.0000000000  0.0000000000  0.0000000000 0.0000000000  0.0000000000  1.0000000000 0.0000000000  0.0000000000  0.0000000000 0.0000000000  1.0000000000  0.0000000000   
2 'crystal symmetry operation' 2_665 -x+1,-y+1,z -0.9110947673 -0.3555079099 0.2086155580 8.0822826979  -0.3555079099 0.4215796995 -0.8341970289 -9.3675049563 0.2086155580 -0.8341970289 -0.5104849322 -19.4078494054 
3 'crystal symmetry operation' 2_675 -x+1,-y+2,z -0.9110947673 -0.3555079099 0.2086155580 -8.2464006381 -0.3555079099 0.4215796995 -0.8341970289 8.7071144583  0.2086155580 -0.8341970289 -0.5104849322 18.3524003095 
# 
loop_
_struct_biol.id 
_struct_biol.details 
_struct_biol.pdbx_parent_biol_id 
1 
;Each Asymmetric unit contains two subunits, and the biological homodimer is formed by  
two subunits from different asymmetric unit
;
? 
2 ? ? 
# 
loop_
_struct_conf.conf_type_id 
_struct_conf.id 
_struct_conf.pdbx_PDB_helix_id 
_struct_conf.beg_label_comp_id 
_struct_conf.beg_label_asym_id 
_struct_conf.beg_label_seq_id 
_struct_conf.pdbx_beg_PDB_ins_code 
_struct_conf.end_label_comp_id 
_struct_conf.end_label_asym_id 
_struct_conf.end_label_seq_id 
_struct_conf.pdbx_end_PDB_ins_code 
_struct_conf.beg_auth_comp_id 
_struct_conf.beg_auth_asym_id 
_struct_conf.beg_auth_seq_id 
_struct_conf.end_auth_comp_id 
_struct_conf.end_auth_asym_id 
_struct_conf.end_auth_seq_id 
_struct_conf.pdbx_PDB_helix_class 
_struct_conf.details 
_struct_conf.pdbx_PDB_helix_length 
HELX_P HELX_P1 1 ASP A 25 ? LEU A 37 ? ASP A 66 LEU A 78 1 ? 13 
HELX_P HELX_P2 2 ASP B 25 ? LEU B 37 ? ASP B 66 LEU B 78 1 ? 13 
HELX_P HELX_P3 3 CYS B 44 ? GLN B 52 ? CYS B 85 GLN B 93 1 ? 9  
# 
_struct_conf_type.id          HELX_P 
_struct_conf_type.criteria    ? 
_struct_conf_type.reference   ? 
# 
loop_
_struct_conn.id 
_struct_conn.conn_type_id 
_struct_conn.pdbx_leaving_atom_flag 
_struct_conn.pdbx_PDB_id 
_struct_conn.ptnr1_label_asym_id 
_struct_conn.ptnr1_label_comp_id 
_struct_conn.ptnr1_label_seq_id 
_struct_conn.ptnr1_label_atom_id 
_struct_conn.pdbx_ptnr1_label_alt_id 
_struct_conn.pdbx_ptnr1_PDB_ins_code 
_struct_conn.pdbx_ptnr1_standard_comp_id 
_struct_conn.ptnr1_symmetry 
_struct_conn.ptnr2_label_asym_id 
_struct_conn.ptnr2_label_comp_id 
_struct_conn.ptnr2_label_seq_id 
_struct_conn.ptnr2_label_atom_id 
_struct_conn.pdbx_ptnr2_label_alt_id 
_struct_conn.pdbx_ptnr2_PDB_ins_code 
_struct_conn.ptnr1_auth_asym_id 
_struct_conn.ptnr1_auth_comp_id 
_struct_conn.ptnr1_auth_seq_id 
_struct_conn.ptnr2_auth_asym_id 
_struct_conn.ptnr2_auth_comp_id 
_struct_conn.ptnr2_auth_seq_id 
_struct_conn.ptnr2_symmetry 
_struct_conn.pdbx_ptnr3_label_atom_id 
_struct_conn.pdbx_ptnr3_label_seq_id 
_struct_conn.pdbx_ptnr3_label_comp_id 
_struct_conn.pdbx_ptnr3_label_asym_id 
_struct_conn.pdbx_ptnr3_label_alt_id 
_struct_conn.pdbx_ptnr3_PDB_ins_code 
_struct_conn.details 
_struct_conn.pdbx_dist_value 
_struct_conn.pdbx_value_order 
_struct_conn.pdbx_role 
metalc1 metalc ? ? A CYS 11 SG ? ? ? 1_555 C ZN . ZN ? ? A CYS 52 A ZN 1002 1_555 ? ? ? ? ? ? ? 2.372 ? ? 
metalc2 metalc ? ? A CYS 14 SG ? ? ? 1_555 C ZN . ZN ? ? A CYS 55 A ZN 1002 1_555 ? ? ? ? ? ? ? 2.341 ? ? 
metalc3 metalc ? ? A CYS 44 SG ? ? ? 1_555 C ZN . ZN ? ? A CYS 85 A ZN 1002 1_555 ? ? ? ? ? ? ? 2.401 ? ? 
metalc4 metalc ? ? A CYS 47 SG ? ? ? 1_555 C ZN . ZN ? ? A CYS 88 A ZN 1002 1_555 ? ? ? ? ? ? ? 2.289 ? ? 
metalc5 metalc ? ? B CYS 11 SG ? ? ? 1_555 D ZN . ZN ? ? B CYS 52 B ZN 1001 1_555 ? ? ? ? ? ? ? 2.376 ? ? 
metalc6 metalc ? ? B CYS 14 SG ? ? ? 1_555 D ZN . ZN ? ? B CYS 55 B ZN 1001 1_555 ? ? ? ? ? ? ? 2.268 ? ? 
metalc7 metalc ? ? B CYS 44 SG ? ? ? 1_555 D ZN . ZN ? ? B CYS 85 B ZN 1001 1_555 ? ? ? ? ? ? ? 2.364 ? ? 
metalc8 metalc ? ? B CYS 47 SG ? ? ? 1_555 D ZN . ZN ? ? B CYS 88 B ZN 1001 1_555 ? ? ? ? ? ? ? 2.332 ? ? 
# 
_struct_conn_type.id          metalc 
_struct_conn_type.criteria    ? 
_struct_conn_type.reference   ? 
# 
loop_
_pdbx_struct_conn_angle.id 
_pdbx_struct_conn_angle.ptnr1_label_atom_id 
_pdbx_struct_conn_angle.ptnr1_label_alt_id 
_pdbx_struct_conn_angle.ptnr1_label_asym_id 
_pdbx_struct_conn_angle.ptnr1_label_comp_id 
_pdbx_struct_conn_angle.ptnr1_label_seq_id 
_pdbx_struct_conn_angle.ptnr1_auth_atom_id 
_pdbx_struct_conn_angle.ptnr1_auth_asym_id 
_pdbx_struct_conn_angle.ptnr1_auth_comp_id 
_pdbx_struct_conn_angle.ptnr1_auth_seq_id 
_pdbx_struct_conn_angle.ptnr1_PDB_ins_code 
_pdbx_struct_conn_angle.ptnr1_symmetry 
_pdbx_struct_conn_angle.ptnr2_label_atom_id 
_pdbx_struct_conn_angle.ptnr2_label_alt_id 
_pdbx_struct_conn_angle.ptnr2_label_asym_id 
_pdbx_struct_conn_angle.ptnr2_label_comp_id 
_pdbx_struct_conn_angle.ptnr2_label_seq_id 
_pdbx_struct_conn_angle.ptnr2_auth_atom_id 
_pdbx_struct_conn_angle.ptnr2_auth_asym_id 
_pdbx_struct_conn_angle.ptnr2_auth_comp_id 
_pdbx_struct_conn_angle.ptnr2_auth_seq_id 
_pdbx_struct_conn_angle.ptnr2_PDB_ins_code 
_pdbx_struct_conn_angle.ptnr2_symmetry 
_pdbx_struct_conn_angle.ptnr3_label_atom_id 
_pdbx_struct_conn_angle.ptnr3_label_alt_id 
_pdbx_struct_conn_angle.ptnr3_label_asym_id 
_pdbx_struct_conn_angle.ptnr3_label_comp_id 
_pdbx_struct_conn_angle.ptnr3_label_seq_id 
_pdbx_struct_conn_angle.ptnr3_auth_atom_id 
_pdbx_struct_conn_angle.ptnr3_auth_asym_id 
_pdbx_struct_conn_angle.ptnr3_auth_comp_id 
_pdbx_struct_conn_angle.ptnr3_auth_seq_id 
_pdbx_struct_conn_angle.ptnr3_PDB_ins_code 
_pdbx_struct_conn_angle.ptnr3_symmetry 
_pdbx_struct_conn_angle.value 
_pdbx_struct_conn_angle.value_esd 
1  SG ? A CYS 11 ? A CYS 52 ? 1_555 ZN ? C ZN . ? A ZN 1002 ? 1_555 SG ? A CYS 14 ? A CYS 55 ? 1_555 110.3 ? 
2  SG ? A CYS 11 ? A CYS 52 ? 1_555 ZN ? C ZN . ? A ZN 1002 ? 1_555 SG ? A CYS 44 ? A CYS 85 ? 1_555 112.8 ? 
3  SG ? A CYS 14 ? A CYS 55 ? 1_555 ZN ? C ZN . ? A ZN 1002 ? 1_555 SG ? A CYS 44 ? A CYS 85 ? 1_555 111.4 ? 
4  SG ? A CYS 11 ? A CYS 52 ? 1_555 ZN ? C ZN . ? A ZN 1002 ? 1_555 SG ? A CYS 47 ? A CYS 88 ? 1_555 110.8 ? 
5  SG ? A CYS 14 ? A CYS 55 ? 1_555 ZN ? C ZN . ? A ZN 1002 ? 1_555 SG ? A CYS 47 ? A CYS 88 ? 1_555 110.7 ? 
6  SG ? A CYS 44 ? A CYS 85 ? 1_555 ZN ? C ZN . ? A ZN 1002 ? 1_555 SG ? A CYS 47 ? A CYS 88 ? 1_555 100.4 ? 
7  SG ? B CYS 11 ? B CYS 52 ? 1_555 ZN ? D ZN . ? B ZN 1001 ? 1_555 SG ? B CYS 14 ? B CYS 55 ? 1_555 111.1 ? 
8  SG ? B CYS 11 ? B CYS 52 ? 1_555 ZN ? D ZN . ? B ZN 1001 ? 1_555 SG ? B CYS 44 ? B CYS 85 ? 1_555 110.3 ? 
9  SG ? B CYS 14 ? B CYS 55 ? 1_555 ZN ? D ZN . ? B ZN 1001 ? 1_555 SG ? B CYS 44 ? B CYS 85 ? 1_555 115.2 ? 
10 SG ? B CYS 11 ? B CYS 52 ? 1_555 ZN ? D ZN . ? B ZN 1001 ? 1_555 SG ? B CYS 47 ? B CYS 88 ? 1_555 108.1 ? 
11 SG ? B CYS 14 ? B CYS 55 ? 1_555 ZN ? D ZN . ? B ZN 1001 ? 1_555 SG ? B CYS 47 ? B CYS 88 ? 1_555 109.2 ? 
12 SG ? B CYS 44 ? B CYS 85 ? 1_555 ZN ? D ZN . ? B ZN 1001 ? 1_555 SG ? B CYS 47 ? B CYS 88 ? 1_555 102.5 ? 
# 
loop_
_struct_sheet.id 
_struct_sheet.type 
_struct_sheet.number_strands 
_struct_sheet.details 
A ? 2 ? 
B ? 2 ? 
# 
loop_
_struct_sheet_order.sheet_id 
_struct_sheet_order.range_id_1 
_struct_sheet_order.range_id_2 
_struct_sheet_order.offset 
_struct_sheet_order.sense 
A 1 2 ? anti-parallel 
B 1 2 ? anti-parallel 
# 
loop_
_struct_sheet_range.sheet_id 
_struct_sheet_range.id 
_struct_sheet_range.beg_label_comp_id 
_struct_sheet_range.beg_label_asym_id 
_struct_sheet_range.beg_label_seq_id 
_struct_sheet_range.pdbx_beg_PDB_ins_code 
_struct_sheet_range.end_label_comp_id 
_struct_sheet_range.end_label_asym_id 
_struct_sheet_range.end_label_seq_id 
_struct_sheet_range.pdbx_end_PDB_ins_code 
_struct_sheet_range.beg_auth_comp_id 
_struct_sheet_range.beg_auth_asym_id 
_struct_sheet_range.beg_auth_seq_id 
_struct_sheet_range.end_auth_comp_id 
_struct_sheet_range.end_auth_asym_id 
_struct_sheet_range.end_auth_seq_id 
A 1 GLN A 3  ? SER A 10 ? GLN A 44 SER A 51 
A 2 LEU A 17 ? ALA A 24 ? LEU A 58 ALA A 65 
B 1 GLN B 3  ? SER B 10 ? GLN B 44 SER B 51 
B 2 LEU B 17 ? ALA B 24 ? LEU B 58 ALA B 65 
# 
loop_
_pdbx_struct_sheet_hbond.sheet_id 
_pdbx_struct_sheet_hbond.range_id_1 
_pdbx_struct_sheet_hbond.range_id_2 
_pdbx_struct_sheet_hbond.range_1_label_atom_id 
_pdbx_struct_sheet_hbond.range_1_label_comp_id 
_pdbx_struct_sheet_hbond.range_1_label_asym_id 
_pdbx_struct_sheet_hbond.range_1_label_seq_id 
_pdbx_struct_sheet_hbond.range_1_PDB_ins_code 
_pdbx_struct_sheet_hbond.range_1_auth_atom_id 
_pdbx_struct_sheet_hbond.range_1_auth_comp_id 
_pdbx_struct_sheet_hbond.range_1_auth_asym_id 
_pdbx_struct_sheet_hbond.range_1_auth_seq_id 
_pdbx_struct_sheet_hbond.range_2_label_atom_id 
_pdbx_struct_sheet_hbond.range_2_label_comp_id 
_pdbx_struct_sheet_hbond.range_2_label_asym_id 
_pdbx_struct_sheet_hbond.range_2_label_seq_id 
_pdbx_struct_sheet_hbond.range_2_PDB_ins_code 
_pdbx_struct_sheet_hbond.range_2_auth_atom_id 
_pdbx_struct_sheet_hbond.range_2_auth_comp_id 
_pdbx_struct_sheet_hbond.range_2_auth_asym_id 
_pdbx_struct_sheet_hbond.range_2_auth_seq_id 
A 1 2 N VAL A 7 ? N VAL A 48 O LEU A 20 ? O LEU A 61 
B 1 2 N VAL B 7 ? N VAL B 48 O LEU B 20 ? O LEU B 61 
# 
loop_
_struct_site.id 
_struct_site.pdbx_evidence_code 
_struct_site.pdbx_auth_asym_id 
_struct_site.pdbx_auth_comp_id 
_struct_site.pdbx_auth_seq_id 
_struct_site.pdbx_auth_ins_code 
_struct_site.pdbx_num_residues 
_struct_site.details 
AC1 Software B ZN 1001 ? 4 'BINDING SITE FOR RESIDUE ZN B 1001' 
AC2 Software A ZN 1002 ? 4 'BINDING SITE FOR RESIDUE ZN A 1002' 
# 
loop_
_struct_site_gen.id 
_struct_site_gen.site_id 
_struct_site_gen.pdbx_num_res 
_struct_site_gen.label_comp_id 
_struct_site_gen.label_asym_id 
_struct_site_gen.label_seq_id 
_struct_site_gen.pdbx_auth_ins_code 
_struct_site_gen.auth_comp_id 
_struct_site_gen.auth_asym_id 
_struct_site_gen.auth_seq_id 
_struct_site_gen.label_atom_id 
_struct_site_gen.label_alt_id 
_struct_site_gen.symmetry 
_struct_site_gen.details 
1 AC1 4 CYS B 11 ? CYS B 52 . ? 1_555 ? 
2 AC1 4 CYS B 14 ? CYS B 55 . ? 1_555 ? 
3 AC1 4 CYS B 44 ? CYS B 85 . ? 1_555 ? 
4 AC1 4 CYS B 47 ? CYS B 88 . ? 1_555 ? 
5 AC2 4 CYS A 11 ? CYS A 52 . ? 1_555 ? 
6 AC2 4 CYS A 14 ? CYS A 55 . ? 1_555 ? 
7 AC2 4 CYS A 44 ? CYS A 85 . ? 1_555 ? 
8 AC2 4 CYS A 47 ? CYS A 88 . ? 1_555 ? 
# 
loop_
_pdbx_validate_close_contact.id 
_pdbx_validate_close_contact.PDB_model_num 
_pdbx_validate_close_contact.auth_atom_id_1 
_pdbx_validate_close_contact.auth_asym_id_1 
_pdbx_validate_close_contact.auth_comp_id_1 
_pdbx_validate_close_contact.auth_seq_id_1 
_pdbx_validate_close_contact.PDB_ins_code_1 
_pdbx_validate_close_contact.label_alt_id_1 
_pdbx_validate_close_contact.auth_atom_id_2 
_pdbx_validate_close_contact.auth_asym_id_2 
_pdbx_validate_close_contact.auth_comp_id_2 
_pdbx_validate_close_contact.auth_seq_id_2 
_pdbx_validate_close_contact.PDB_ins_code_2 
_pdbx_validate_close_contact.label_alt_id_2 
_pdbx_validate_close_contact.dist 
1 1 O   A HOH 1040 ? ? O B HOH 1018 ? ? 1.97 
2 1 OE1 A GLU 75   ? ? O A HOH 1007 ? ? 2.01 
# 
_pdbx_validate_symm_contact.id                1 
_pdbx_validate_symm_contact.PDB_model_num     1 
_pdbx_validate_symm_contact.auth_atom_id_1    O 
_pdbx_validate_symm_contact.auth_asym_id_1    A 
_pdbx_validate_symm_contact.auth_comp_id_1    HOH 
_pdbx_validate_symm_contact.auth_seq_id_1     1041 
_pdbx_validate_symm_contact.PDB_ins_code_1    ? 
_pdbx_validate_symm_contact.label_alt_id_1    ? 
_pdbx_validate_symm_contact.site_symmetry_1   1_555 
_pdbx_validate_symm_contact.auth_atom_id_2    O 
_pdbx_validate_symm_contact.auth_asym_id_2    A 
_pdbx_validate_symm_contact.auth_comp_id_2    HOH 
_pdbx_validate_symm_contact.auth_seq_id_2     1049 
_pdbx_validate_symm_contact.PDB_ins_code_2    ? 
_pdbx_validate_symm_contact.label_alt_id_2    ? 
_pdbx_validate_symm_contact.site_symmetry_2   2_765 
_pdbx_validate_symm_contact.dist              2.11 
# 
_pdbx_validate_rmsd_angle.id                         1 
_pdbx_validate_rmsd_angle.PDB_model_num              1 
_pdbx_validate_rmsd_angle.auth_atom_id_1             CB 
_pdbx_validate_rmsd_angle.auth_asym_id_1             B 
_pdbx_validate_rmsd_angle.auth_comp_id_1             ASP 
_pdbx_validate_rmsd_angle.auth_seq_id_1              66 
_pdbx_validate_rmsd_angle.PDB_ins_code_1             ? 
_pdbx_validate_rmsd_angle.label_alt_id_1             ? 
_pdbx_validate_rmsd_angle.auth_atom_id_2             CG 
_pdbx_validate_rmsd_angle.auth_asym_id_2             B 
_pdbx_validate_rmsd_angle.auth_comp_id_2             ASP 
_pdbx_validate_rmsd_angle.auth_seq_id_2              66 
_pdbx_validate_rmsd_angle.PDB_ins_code_2             ? 
_pdbx_validate_rmsd_angle.label_alt_id_2             ? 
_pdbx_validate_rmsd_angle.auth_atom_id_3             OD2 
_pdbx_validate_rmsd_angle.auth_asym_id_3             B 
_pdbx_validate_rmsd_angle.auth_comp_id_3             ASP 
_pdbx_validate_rmsd_angle.auth_seq_id_3              66 
_pdbx_validate_rmsd_angle.PDB_ins_code_3             ? 
_pdbx_validate_rmsd_angle.label_alt_id_3             ? 
_pdbx_validate_rmsd_angle.angle_value                124.25 
_pdbx_validate_rmsd_angle.angle_target_value         118.30 
_pdbx_validate_rmsd_angle.angle_deviation            5.95 
_pdbx_validate_rmsd_angle.angle_standard_deviation   0.90 
_pdbx_validate_rmsd_angle.linker_flag                N 
# 
loop_
_pdbx_validate_torsion.id 
_pdbx_validate_torsion.PDB_model_num 
_pdbx_validate_torsion.auth_comp_id 
_pdbx_validate_torsion.auth_asym_id 
_pdbx_validate_torsion.auth_seq_id 
_pdbx_validate_torsion.PDB_ins_code 
_pdbx_validate_torsion.label_alt_id 
_pdbx_validate_torsion.phi 
_pdbx_validate_torsion.psi 
1 1 ARG A 79 ? ? -141.52 -50.90 
2 1 GLN A 91 ? ? 95.36   97.01  
3 1 ARG A 92 ? ? 173.01  33.08  
4 1 GLU B 56 ? ? 74.73   -0.20  
5 1 ARG B 79 ? ? -146.24 -40.06 
# 
loop_
_pdbx_struct_special_symmetry.id 
_pdbx_struct_special_symmetry.PDB_model_num 
_pdbx_struct_special_symmetry.auth_asym_id 
_pdbx_struct_special_symmetry.auth_comp_id 
_pdbx_struct_special_symmetry.auth_seq_id 
_pdbx_struct_special_symmetry.PDB_ins_code 
_pdbx_struct_special_symmetry.label_asym_id 
_pdbx_struct_special_symmetry.label_comp_id 
_pdbx_struct_special_symmetry.label_seq_id 
1 1 A HOH 1036 ? E HOH . 
2 1 A HOH 1050 ? E HOH . 
# 
loop_
_diffrn_reflns.diffrn_id 
_diffrn_reflns.pdbx_d_res_low 
_diffrn_reflns.pdbx_d_res_high 
_diffrn_reflns.number 
_diffrn_reflns.pdbx_percent_possible_obs 
_diffrn_reflns.pdbx_Rmerge_I_obs 
_diffrn_reflns.pdbx_chi_squared 
_diffrn_reflns.pdbx_redundancy 
_diffrn_reflns.pdbx_rejects 
_diffrn_reflns.pdbx_number_obs 
_diffrn_reflns.av_sigmaI_over_netI 
_diffrn_reflns.pdbx_Rsym_value 
_diffrn_reflns.pdbx_observed_criterion 
1 50.00 2.32 7392 97.500 0.047 1.064 ? ? ? ? ? ? 
2 50.00 2.32 7369 98.300 0.049 1.021 ? ? ? ? ? ? 
3 50.00 2.31 7472 96.300 0.053 0.975 ? ? ? ? ? ? 
# 
loop_
_pdbx_diffrn_reflns_shell.diffrn_id 
_pdbx_diffrn_reflns_shell.d_res_low 
_pdbx_diffrn_reflns_shell.d_res_high 
_pdbx_diffrn_reflns_shell.percent_possible_obs 
_pdbx_diffrn_reflns_shell.Rmerge_I_obs 
_pdbx_diffrn_reflns_shell.chi_squared 
_pdbx_diffrn_reflns_shell.redundancy 
_pdbx_diffrn_reflns_shell.rejects 
_pdbx_diffrn_reflns_shell.number_obs 
_pdbx_diffrn_reflns_shell.Rsym_value 
1 50.00 5.00 94.900 0.046 1.038 ? ? ? ? 
1 5.00  3.97 99.700 0.040 1.115 ? ? ? ? 
1 3.97  3.47 99.900 0.040 1.011 ? ? ? ? 
1 3.47  3.15 99.600 0.044 1.079 ? ? ? ? 
1 3.15  2.92 99.700 0.048 1.138 ? ? ? ? 
1 2.92  2.75 99.300 0.056 1.116 ? ? ? ? 
1 2.75  2.61 99.200 0.065 1.030 ? ? ? ? 
1 2.61  2.50 99.700 0.072 1.031 ? ? ? ? 
1 2.50  2.40 98.000 0.081 1.004 ? ? ? ? 
1 2.40  2.32 85.600 0.088 1.078 ? ? ? ? 
2 50.00 5.00 95.400 0.046 1.100 ? ? ? ? 
2 5.00  3.97 99.600 0.039 0.966 ? ? ? ? 
2 3.97  3.47 99.900 0.039 1.079 ? ? ? ? 
2 3.47  3.15 99.600 0.044 1.116 ? ? ? ? 
2 3.15  2.92 99.600 0.049 1.038 ? ? ? ? 
2 2.92  2.75 99.300 0.061 0.978 ? ? ? ? 
2 2.75  2.61 99.200 0.079 0.976 ? ? ? ? 
2 2.61  2.50 99.700 0.087 0.968 ? ? ? ? 
2 2.50  2.40 97.700 0.101 0.957 ? ? ? ? 
2 2.40  2.32 93.400 0.114 1.035 ? ? ? ? 
3 50.00 4.98 96.200 0.047 1.135 ? ? ? ? 
3 4.98  3.95 99.700 0.040 0.959 ? ? ? ? 
3 3.95  3.45 99.700 0.042 1.055 ? ? ? ? 
3 3.45  3.13 99.700 0.048 1.068 ? ? ? ? 
3 3.13  2.91 99.600 0.057 0.935 ? ? ? ? 
3 2.91  2.74 99.400 0.077 0.886 ? ? ? ? 
3 2.74  2.60 99.000 0.104 0.954 ? ? ? ? 
3 2.60  2.49 98.400 0.122 0.883 ? ? ? ? 
3 2.49  2.39 97.100 0.140 0.916 ? ? ? ? 
3 2.39  2.31 74.600 0.143 0.923 ? ? ? ? 
# 
loop_
_pdbx_refine_tls.id 
_pdbx_refine_tls.details 
_pdbx_refine_tls.method 
_pdbx_refine_tls.origin_x 
_pdbx_refine_tls.origin_y 
_pdbx_refine_tls.origin_z 
_pdbx_refine_tls.T[1][1] 
_pdbx_refine_tls.T[2][2] 
_pdbx_refine_tls.T[3][3] 
_pdbx_refine_tls.T[1][2] 
_pdbx_refine_tls.T[1][3] 
_pdbx_refine_tls.T[2][3] 
_pdbx_refine_tls.L[1][1] 
_pdbx_refine_tls.L[2][2] 
_pdbx_refine_tls.L[3][3] 
_pdbx_refine_tls.L[1][2] 
_pdbx_refine_tls.L[1][3] 
_pdbx_refine_tls.L[2][3] 
_pdbx_refine_tls.S[1][1] 
_pdbx_refine_tls.S[1][2] 
_pdbx_refine_tls.S[1][3] 
_pdbx_refine_tls.S[2][1] 
_pdbx_refine_tls.S[2][2] 
_pdbx_refine_tls.S[2][3] 
_pdbx_refine_tls.S[3][1] 
_pdbx_refine_tls.S[3][2] 
_pdbx_refine_tls.S[3][3] 
_pdbx_refine_tls.pdbx_refine_id 
1 ? refined 1.6016  -9.0692 -3.8265 0.0792 0.0281 0.0330 0.0005  0.0324  -0.0031 2.0987 2.2167 1.1704 -0.0388 0.0096 0.0117 0.1055  0.0691 0.0098 0.0970  -0.1195 0.1304  0.0857  0.0741 0.0141 'X-RAY DIFFRACTION' 
2 ? refined -1.6031 8.6922  3.9920  0.0323 0.0456 0.0527 -0.0384 -0.0175 0.0226  1.8275 1.7952 3.1685 0.8327  0.3737 1.0005 -0.2010 0.2180 0.0438 -0.2966 0.1140  -0.0251 -0.3747 0.2882 0.0870 'X-RAY DIFFRACTION' 
# 
loop_
_pdbx_refine_tls_group.id 
_pdbx_refine_tls_group.refine_tls_id 
_pdbx_refine_tls_group.beg_auth_asym_id 
_pdbx_refine_tls_group.beg_auth_seq_id 
_pdbx_refine_tls_group.beg_label_asym_id 
_pdbx_refine_tls_group.beg_label_seq_id 
_pdbx_refine_tls_group.end_auth_asym_id 
_pdbx_refine_tls_group.end_auth_seq_id 
_pdbx_refine_tls_group.end_label_asym_id 
_pdbx_refine_tls_group.end_label_seq_id 
_pdbx_refine_tls_group.selection 
_pdbx_refine_tls_group.pdbx_refine_id 
_pdbx_refine_tls_group.selection_details 
1 1 A 42 A 1 A 93 A 52 ? 'X-RAY DIFFRACTION' ? 
2 2 B 42 B 1 B 93 B 52 ? 'X-RAY DIFFRACTION' ? 
# 
_pdbx_phasing_dm.entry_id          2B9D 
_pdbx_phasing_dm.fom_acentric      0.760 
_pdbx_phasing_dm.fom_centric       0.600 
_pdbx_phasing_dm.fom               0.730 
_pdbx_phasing_dm.reflns_acentric   3137 
_pdbx_phasing_dm.reflns_centric    784 
_pdbx_phasing_dm.reflns            3921 
# 
loop_
_pdbx_phasing_dm_shell.d_res_high 
_pdbx_phasing_dm_shell.d_res_low 
_pdbx_phasing_dm_shell.delta_phi_final 
_pdbx_phasing_dm_shell.delta_phi_initial 
_pdbx_phasing_dm_shell.fom_acentric 
_pdbx_phasing_dm_shell.fom_centric 
_pdbx_phasing_dm_shell.fom 
_pdbx_phasing_dm_shell.reflns_acentric 
_pdbx_phasing_dm_shell.reflns_centric 
_pdbx_phasing_dm_shell.reflns 
6.600 29.462 ? ? 0.920 0.710 0.830 109  82  191  
4.100 6.600  ? ? 0.910 0.750 0.870 397  157 554  
3.300 4.100  ? ? 0.860 0.720 0.830 497  150 647  
2.900 3.300  ? ? 0.830 0.580 0.780 547  127 674  
2.500 2.900  ? ? 0.700 0.470 0.670 1001 176 1177 
2.300 2.500  ? ? 0.570 0.350 0.540 586  92  678  
# 
_phasing.method   MAD 
# 
_phasing_MAD_clust.id           1 
_phasing_MAD_clust.expt_id      '3 wavelength' 
_phasing_MAD_clust.number_set   ? 
# 
_phasing_MAD_expt.id         '3 wavelength' 
_phasing_MAD_expt.mean_fom   ? 
# 
loop_
_phasing_MAD_set.clust_id 
_phasing_MAD_set.expt_id 
_phasing_MAD_set.set_id 
_phasing_MAD_set.wavelength 
_phasing_MAD_set.pdbx_f_prime_refined 
_phasing_MAD_set.pdbx_f_double_prime_refined 
1 '3 wavelength' 1 1.2800 -6.00 0.80 
1 '3 wavelength' 2 1.2836 -9.80 2.40 
1 '3 wavelength' 3 1.2832 -8.20 4.40 
# 
loop_
_phasing_set.id 
_phasing_set.pdbx_d_res_high 
_phasing_set.pdbx_d_res_low 
1 . . 
2 . . 
3 . . 
# 
loop_
_chem_comp_atom.comp_id 
_chem_comp_atom.atom_id 
_chem_comp_atom.type_symbol 
_chem_comp_atom.pdbx_aromatic_flag 
_chem_comp_atom.pdbx_stereo_config 
_chem_comp_atom.pdbx_ordinal 
ALA N    N  N N 1   
ALA CA   C  N S 2   
ALA C    C  N N 3   
ALA O    O  N N 4   
ALA CB   C  N N 5   
ALA OXT  O  N N 6   
ALA H    H  N N 7   
ALA H2   H  N N 8   
ALA HA   H  N N 9   
ALA HB1  H  N N 10  
ALA HB2  H  N N 11  
ALA HB3  H  N N 12  
ALA HXT  H  N N 13  
ARG N    N  N N 14  
ARG CA   C  N S 15  
ARG C    C  N N 16  
ARG O    O  N N 17  
ARG CB   C  N N 18  
ARG CG   C  N N 19  
ARG CD   C  N N 20  
ARG NE   N  N N 21  
ARG CZ   C  N N 22  
ARG NH1  N  N N 23  
ARG NH2  N  N N 24  
ARG OXT  O  N N 25  
ARG H    H  N N 26  
ARG H2   H  N N 27  
ARG HA   H  N N 28  
ARG HB2  H  N N 29  
ARG HB3  H  N N 30  
ARG HG2  H  N N 31  
ARG HG3  H  N N 32  
ARG HD2  H  N N 33  
ARG HD3  H  N N 34  
ARG HE   H  N N 35  
ARG HH11 H  N N 36  
ARG HH12 H  N N 37  
ARG HH21 H  N N 38  
ARG HH22 H  N N 39  
ARG HXT  H  N N 40  
ASN N    N  N N 41  
ASN CA   C  N S 42  
ASN C    C  N N 43  
ASN O    O  N N 44  
ASN CB   C  N N 45  
ASN CG   C  N N 46  
ASN OD1  O  N N 47  
ASN ND2  N  N N 48  
ASN OXT  O  N N 49  
ASN H    H  N N 50  
ASN H2   H  N N 51  
ASN HA   H  N N 52  
ASN HB2  H  N N 53  
ASN HB3  H  N N 54  
ASN HD21 H  N N 55  
ASN HD22 H  N N 56  
ASN HXT  H  N N 57  
ASP N    N  N N 58  
ASP CA   C  N S 59  
ASP C    C  N N 60  
ASP O    O  N N 61  
ASP CB   C  N N 62  
ASP CG   C  N N 63  
ASP OD1  O  N N 64  
ASP OD2  O  N N 65  
ASP OXT  O  N N 66  
ASP H    H  N N 67  
ASP H2   H  N N 68  
ASP HA   H  N N 69  
ASP HB2  H  N N 70  
ASP HB3  H  N N 71  
ASP HD2  H  N N 72  
ASP HXT  H  N N 73  
CYS N    N  N N 74  
CYS CA   C  N R 75  
CYS C    C  N N 76  
CYS O    O  N N 77  
CYS CB   C  N N 78  
CYS SG   S  N N 79  
CYS OXT  O  N N 80  
CYS H    H  N N 81  
CYS H2   H  N N 82  
CYS HA   H  N N 83  
CYS HB2  H  N N 84  
CYS HB3  H  N N 85  
CYS HG   H  N N 86  
CYS HXT  H  N N 87  
GLN N    N  N N 88  
GLN CA   C  N S 89  
GLN C    C  N N 90  
GLN O    O  N N 91  
GLN CB   C  N N 92  
GLN CG   C  N N 93  
GLN CD   C  N N 94  
GLN OE1  O  N N 95  
GLN NE2  N  N N 96  
GLN OXT  O  N N 97  
GLN H    H  N N 98  
GLN H2   H  N N 99  
GLN HA   H  N N 100 
GLN HB2  H  N N 101 
GLN HB3  H  N N 102 
GLN HG2  H  N N 103 
GLN HG3  H  N N 104 
GLN HE21 H  N N 105 
GLN HE22 H  N N 106 
GLN HXT  H  N N 107 
GLU N    N  N N 108 
GLU CA   C  N S 109 
GLU C    C  N N 110 
GLU O    O  N N 111 
GLU CB   C  N N 112 
GLU CG   C  N N 113 
GLU CD   C  N N 114 
GLU OE1  O  N N 115 
GLU OE2  O  N N 116 
GLU OXT  O  N N 117 
GLU H    H  N N 118 
GLU H2   H  N N 119 
GLU HA   H  N N 120 
GLU HB2  H  N N 121 
GLU HB3  H  N N 122 
GLU HG2  H  N N 123 
GLU HG3  H  N N 124 
GLU HE2  H  N N 125 
GLU HXT  H  N N 126 
HIS N    N  N N 127 
HIS CA   C  N S 128 
HIS C    C  N N 129 
HIS O    O  N N 130 
HIS CB   C  N N 131 
HIS CG   C  Y N 132 
HIS ND1  N  Y N 133 
HIS CD2  C  Y N 134 
HIS CE1  C  Y N 135 
HIS NE2  N  Y N 136 
HIS OXT  O  N N 137 
HIS H    H  N N 138 
HIS H2   H  N N 139 
HIS HA   H  N N 140 
HIS HB2  H  N N 141 
HIS HB3  H  N N 142 
HIS HD1  H  N N 143 
HIS HD2  H  N N 144 
HIS HE1  H  N N 145 
HIS HE2  H  N N 146 
HIS HXT  H  N N 147 
HOH O    O  N N 148 
HOH H1   H  N N 149 
HOH H2   H  N N 150 
ILE N    N  N N 151 
ILE CA   C  N S 152 
ILE C    C  N N 153 
ILE O    O  N N 154 
ILE CB   C  N S 155 
ILE CG1  C  N N 156 
ILE CG2  C  N N 157 
ILE CD1  C  N N 158 
ILE OXT  O  N N 159 
ILE H    H  N N 160 
ILE H2   H  N N 161 
ILE HA   H  N N 162 
ILE HB   H  N N 163 
ILE HG12 H  N N 164 
ILE HG13 H  N N 165 
ILE HG21 H  N N 166 
ILE HG22 H  N N 167 
ILE HG23 H  N N 168 
ILE HD11 H  N N 169 
ILE HD12 H  N N 170 
ILE HD13 H  N N 171 
ILE HXT  H  N N 172 
LEU N    N  N N 173 
LEU CA   C  N S 174 
LEU C    C  N N 175 
LEU O    O  N N 176 
LEU CB   C  N N 177 
LEU CG   C  N N 178 
LEU CD1  C  N N 179 
LEU CD2  C  N N 180 
LEU OXT  O  N N 181 
LEU H    H  N N 182 
LEU H2   H  N N 183 
LEU HA   H  N N 184 
LEU HB2  H  N N 185 
LEU HB3  H  N N 186 
LEU HG   H  N N 187 
LEU HD11 H  N N 188 
LEU HD12 H  N N 189 
LEU HD13 H  N N 190 
LEU HD21 H  N N 191 
LEU HD22 H  N N 192 
LEU HD23 H  N N 193 
LEU HXT  H  N N 194 
LYS N    N  N N 195 
LYS CA   C  N S 196 
LYS C    C  N N 197 
LYS O    O  N N 198 
LYS CB   C  N N 199 
LYS CG   C  N N 200 
LYS CD   C  N N 201 
LYS CE   C  N N 202 
LYS NZ   N  N N 203 
LYS OXT  O  N N 204 
LYS H    H  N N 205 
LYS H2   H  N N 206 
LYS HA   H  N N 207 
LYS HB2  H  N N 208 
LYS HB3  H  N N 209 
LYS HG2  H  N N 210 
LYS HG3  H  N N 211 
LYS HD2  H  N N 212 
LYS HD3  H  N N 213 
LYS HE2  H  N N 214 
LYS HE3  H  N N 215 
LYS HZ1  H  N N 216 
LYS HZ2  H  N N 217 
LYS HZ3  H  N N 218 
LYS HXT  H  N N 219 
MET N    N  N N 220 
MET CA   C  N S 221 
MET C    C  N N 222 
MET O    O  N N 223 
MET CB   C  N N 224 
MET CG   C  N N 225 
MET SD   S  N N 226 
MET CE   C  N N 227 
MET OXT  O  N N 228 
MET H    H  N N 229 
MET H2   H  N N 230 
MET HA   H  N N 231 
MET HB2  H  N N 232 
MET HB3  H  N N 233 
MET HG2  H  N N 234 
MET HG3  H  N N 235 
MET HE1  H  N N 236 
MET HE2  H  N N 237 
MET HE3  H  N N 238 
MET HXT  H  N N 239 
PRO N    N  N N 240 
PRO CA   C  N S 241 
PRO C    C  N N 242 
PRO O    O  N N 243 
PRO CB   C  N N 244 
PRO CG   C  N N 245 
PRO CD   C  N N 246 
PRO OXT  O  N N 247 
PRO H    H  N N 248 
PRO HA   H  N N 249 
PRO HB2  H  N N 250 
PRO HB3  H  N N 251 
PRO HG2  H  N N 252 
PRO HG3  H  N N 253 
PRO HD2  H  N N 254 
PRO HD3  H  N N 255 
PRO HXT  H  N N 256 
SER N    N  N N 257 
SER CA   C  N S 258 
SER C    C  N N 259 
SER O    O  N N 260 
SER CB   C  N N 261 
SER OG   O  N N 262 
SER OXT  O  N N 263 
SER H    H  N N 264 
SER H2   H  N N 265 
SER HA   H  N N 266 
SER HB2  H  N N 267 
SER HB3  H  N N 268 
SER HG   H  N N 269 
SER HXT  H  N N 270 
THR N    N  N N 271 
THR CA   C  N S 272 
THR C    C  N N 273 
THR O    O  N N 274 
THR CB   C  N R 275 
THR OG1  O  N N 276 
THR CG2  C  N N 277 
THR OXT  O  N N 278 
THR H    H  N N 279 
THR H2   H  N N 280 
THR HA   H  N N 281 
THR HB   H  N N 282 
THR HG1  H  N N 283 
THR HG21 H  N N 284 
THR HG22 H  N N 285 
THR HG23 H  N N 286 
THR HXT  H  N N 287 
TYR N    N  N N 288 
TYR CA   C  N S 289 
TYR C    C  N N 290 
TYR O    O  N N 291 
TYR CB   C  N N 292 
TYR CG   C  Y N 293 
TYR CD1  C  Y N 294 
TYR CD2  C  Y N 295 
TYR CE1  C  Y N 296 
TYR CE2  C  Y N 297 
TYR CZ   C  Y N 298 
TYR OH   O  N N 299 
TYR OXT  O  N N 300 
TYR H    H  N N 301 
TYR H2   H  N N 302 
TYR HA   H  N N 303 
TYR HB2  H  N N 304 
TYR HB3  H  N N 305 
TYR HD1  H  N N 306 
TYR HD2  H  N N 307 
TYR HE1  H  N N 308 
TYR HE2  H  N N 309 
TYR HH   H  N N 310 
TYR HXT  H  N N 311 
VAL N    N  N N 312 
VAL CA   C  N S 313 
VAL C    C  N N 314 
VAL O    O  N N 315 
VAL CB   C  N N 316 
VAL CG1  C  N N 317 
VAL CG2  C  N N 318 
VAL OXT  O  N N 319 
VAL H    H  N N 320 
VAL H2   H  N N 321 
VAL HA   H  N N 322 
VAL HB   H  N N 323 
VAL HG11 H  N N 324 
VAL HG12 H  N N 325 
VAL HG13 H  N N 326 
VAL HG21 H  N N 327 
VAL HG22 H  N N 328 
VAL HG23 H  N N 329 
VAL HXT  H  N N 330 
ZN  ZN   ZN N N 331 
# 
loop_
_chem_comp_bond.comp_id 
_chem_comp_bond.atom_id_1 
_chem_comp_bond.atom_id_2 
_chem_comp_bond.value_order 
_chem_comp_bond.pdbx_aromatic_flag 
_chem_comp_bond.pdbx_stereo_config 
_chem_comp_bond.pdbx_ordinal 
ALA N   CA   sing N N 1   
ALA N   H    sing N N 2   
ALA N   H2   sing N N 3   
ALA CA  C    sing N N 4   
ALA CA  CB   sing N N 5   
ALA CA  HA   sing N N 6   
ALA C   O    doub N N 7   
ALA C   OXT  sing N N 8   
ALA CB  HB1  sing N N 9   
ALA CB  HB2  sing N N 10  
ALA CB  HB3  sing N N 11  
ALA OXT HXT  sing N N 12  
ARG N   CA   sing N N 13  
ARG N   H    sing N N 14  
ARG N   H2   sing N N 15  
ARG CA  C    sing N N 16  
ARG CA  CB   sing N N 17  
ARG CA  HA   sing N N 18  
ARG C   O    doub N N 19  
ARG C   OXT  sing N N 20  
ARG CB  CG   sing N N 21  
ARG CB  HB2  sing N N 22  
ARG CB  HB3  sing N N 23  
ARG CG  CD   sing N N 24  
ARG CG  HG2  sing N N 25  
ARG CG  HG3  sing N N 26  
ARG CD  NE   sing N N 27  
ARG CD  HD2  sing N N 28  
ARG CD  HD3  sing N N 29  
ARG NE  CZ   sing N N 30  
ARG NE  HE   sing N N 31  
ARG CZ  NH1  sing N N 32  
ARG CZ  NH2  doub N N 33  
ARG NH1 HH11 sing N N 34  
ARG NH1 HH12 sing N N 35  
ARG NH2 HH21 sing N N 36  
ARG NH2 HH22 sing N N 37  
ARG OXT HXT  sing N N 38  
ASN N   CA   sing N N 39  
ASN N   H    sing N N 40  
ASN N   H2   sing N N 41  
ASN CA  C    sing N N 42  
ASN CA  CB   sing N N 43  
ASN CA  HA   sing N N 44  
ASN C   O    doub N N 45  
ASN C   OXT  sing N N 46  
ASN CB  CG   sing N N 47  
ASN CB  HB2  sing N N 48  
ASN CB  HB3  sing N N 49  
ASN CG  OD1  doub N N 50  
ASN CG  ND2  sing N N 51  
ASN ND2 HD21 sing N N 52  
ASN ND2 HD22 sing N N 53  
ASN OXT HXT  sing N N 54  
ASP N   CA   sing N N 55  
ASP N   H    sing N N 56  
ASP N   H2   sing N N 57  
ASP CA  C    sing N N 58  
ASP CA  CB   sing N N 59  
ASP CA  HA   sing N N 60  
ASP C   O    doub N N 61  
ASP C   OXT  sing N N 62  
ASP CB  CG   sing N N 63  
ASP CB  HB2  sing N N 64  
ASP CB  HB3  sing N N 65  
ASP CG  OD1  doub N N 66  
ASP CG  OD2  sing N N 67  
ASP OD2 HD2  sing N N 68  
ASP OXT HXT  sing N N 69  
CYS N   CA   sing N N 70  
CYS N   H    sing N N 71  
CYS N   H2   sing N N 72  
CYS CA  C    sing N N 73  
CYS CA  CB   sing N N 74  
CYS CA  HA   sing N N 75  
CYS C   O    doub N N 76  
CYS C   OXT  sing N N 77  
CYS CB  SG   sing N N 78  
CYS CB  HB2  sing N N 79  
CYS CB  HB3  sing N N 80  
CYS SG  HG   sing N N 81  
CYS OXT HXT  sing N N 82  
GLN N   CA   sing N N 83  
GLN N   H    sing N N 84  
GLN N   H2   sing N N 85  
GLN CA  C    sing N N 86  
GLN CA  CB   sing N N 87  
GLN CA  HA   sing N N 88  
GLN C   O    doub N N 89  
GLN C   OXT  sing N N 90  
GLN CB  CG   sing N N 91  
GLN CB  HB2  sing N N 92  
GLN CB  HB3  sing N N 93  
GLN CG  CD   sing N N 94  
GLN CG  HG2  sing N N 95  
GLN CG  HG3  sing N N 96  
GLN CD  OE1  doub N N 97  
GLN CD  NE2  sing N N 98  
GLN NE2 HE21 sing N N 99  
GLN NE2 HE22 sing N N 100 
GLN OXT HXT  sing N N 101 
GLU N   CA   sing N N 102 
GLU N   H    sing N N 103 
GLU N   H2   sing N N 104 
GLU CA  C    sing N N 105 
GLU CA  CB   sing N N 106 
GLU CA  HA   sing N N 107 
GLU C   O    doub N N 108 
GLU C   OXT  sing N N 109 
GLU CB  CG   sing N N 110 
GLU CB  HB2  sing N N 111 
GLU CB  HB3  sing N N 112 
GLU CG  CD   sing N N 113 
GLU CG  HG2  sing N N 114 
GLU CG  HG3  sing N N 115 
GLU CD  OE1  doub N N 116 
GLU CD  OE2  sing N N 117 
GLU OE2 HE2  sing N N 118 
GLU OXT HXT  sing N N 119 
HIS N   CA   sing N N 120 
HIS N   H    sing N N 121 
HIS N   H2   sing N N 122 
HIS CA  C    sing N N 123 
HIS CA  CB   sing N N 124 
HIS CA  HA   sing N N 125 
HIS C   O    doub N N 126 
HIS C   OXT  sing N N 127 
HIS CB  CG   sing N N 128 
HIS CB  HB2  sing N N 129 
HIS CB  HB3  sing N N 130 
HIS CG  ND1  sing Y N 131 
HIS CG  CD2  doub Y N 132 
HIS ND1 CE1  doub Y N 133 
HIS ND1 HD1  sing N N 134 
HIS CD2 NE2  sing Y N 135 
HIS CD2 HD2  sing N N 136 
HIS CE1 NE2  sing Y N 137 
HIS CE1 HE1  sing N N 138 
HIS NE2 HE2  sing N N 139 
HIS OXT HXT  sing N N 140 
HOH O   H1   sing N N 141 
HOH O   H2   sing N N 142 
ILE N   CA   sing N N 143 
ILE N   H    sing N N 144 
ILE N   H2   sing N N 145 
ILE CA  C    sing N N 146 
ILE CA  CB   sing N N 147 
ILE CA  HA   sing N N 148 
ILE C   O    doub N N 149 
ILE C   OXT  sing N N 150 
ILE CB  CG1  sing N N 151 
ILE CB  CG2  sing N N 152 
ILE CB  HB   sing N N 153 
ILE CG1 CD1  sing N N 154 
ILE CG1 HG12 sing N N 155 
ILE CG1 HG13 sing N N 156 
ILE CG2 HG21 sing N N 157 
ILE CG2 HG22 sing N N 158 
ILE CG2 HG23 sing N N 159 
ILE CD1 HD11 sing N N 160 
ILE CD1 HD12 sing N N 161 
ILE CD1 HD13 sing N N 162 
ILE OXT HXT  sing N N 163 
LEU N   CA   sing N N 164 
LEU N   H    sing N N 165 
LEU N   H2   sing N N 166 
LEU CA  C    sing N N 167 
LEU CA  CB   sing N N 168 
LEU CA  HA   sing N N 169 
LEU C   O    doub N N 170 
LEU C   OXT  sing N N 171 
LEU CB  CG   sing N N 172 
LEU CB  HB2  sing N N 173 
LEU CB  HB3  sing N N 174 
LEU CG  CD1  sing N N 175 
LEU CG  CD2  sing N N 176 
LEU CG  HG   sing N N 177 
LEU CD1 HD11 sing N N 178 
LEU CD1 HD12 sing N N 179 
LEU CD1 HD13 sing N N 180 
LEU CD2 HD21 sing N N 181 
LEU CD2 HD22 sing N N 182 
LEU CD2 HD23 sing N N 183 
LEU OXT HXT  sing N N 184 
LYS N   CA   sing N N 185 
LYS N   H    sing N N 186 
LYS N   H2   sing N N 187 
LYS CA  C    sing N N 188 
LYS CA  CB   sing N N 189 
LYS CA  HA   sing N N 190 
LYS C   O    doub N N 191 
LYS C   OXT  sing N N 192 
LYS CB  CG   sing N N 193 
LYS CB  HB2  sing N N 194 
LYS CB  HB3  sing N N 195 
LYS CG  CD   sing N N 196 
LYS CG  HG2  sing N N 197 
LYS CG  HG3  sing N N 198 
LYS CD  CE   sing N N 199 
LYS CD  HD2  sing N N 200 
LYS CD  HD3  sing N N 201 
LYS CE  NZ   sing N N 202 
LYS CE  HE2  sing N N 203 
LYS CE  HE3  sing N N 204 
LYS NZ  HZ1  sing N N 205 
LYS NZ  HZ2  sing N N 206 
LYS NZ  HZ3  sing N N 207 
LYS OXT HXT  sing N N 208 
MET N   CA   sing N N 209 
MET N   H    sing N N 210 
MET N   H2   sing N N 211 
MET CA  C    sing N N 212 
MET CA  CB   sing N N 213 
MET CA  HA   sing N N 214 
MET C   O    doub N N 215 
MET C   OXT  sing N N 216 
MET CB  CG   sing N N 217 
MET CB  HB2  sing N N 218 
MET CB  HB3  sing N N 219 
MET CG  SD   sing N N 220 
MET CG  HG2  sing N N 221 
MET CG  HG3  sing N N 222 
MET SD  CE   sing N N 223 
MET CE  HE1  sing N N 224 
MET CE  HE2  sing N N 225 
MET CE  HE3  sing N N 226 
MET OXT HXT  sing N N 227 
PRO N   CA   sing N N 228 
PRO N   CD   sing N N 229 
PRO N   H    sing N N 230 
PRO CA  C    sing N N 231 
PRO CA  CB   sing N N 232 
PRO CA  HA   sing N N 233 
PRO C   O    doub N N 234 
PRO C   OXT  sing N N 235 
PRO CB  CG   sing N N 236 
PRO CB  HB2  sing N N 237 
PRO CB  HB3  sing N N 238 
PRO CG  CD   sing N N 239 
PRO CG  HG2  sing N N 240 
PRO CG  HG3  sing N N 241 
PRO CD  HD2  sing N N 242 
PRO CD  HD3  sing N N 243 
PRO OXT HXT  sing N N 244 
SER N   CA   sing N N 245 
SER N   H    sing N N 246 
SER N   H2   sing N N 247 
SER CA  C    sing N N 248 
SER CA  CB   sing N N 249 
SER CA  HA   sing N N 250 
SER C   O    doub N N 251 
SER C   OXT  sing N N 252 
SER CB  OG   sing N N 253 
SER CB  HB2  sing N N 254 
SER CB  HB3  sing N N 255 
SER OG  HG   sing N N 256 
SER OXT HXT  sing N N 257 
THR N   CA   sing N N 258 
THR N   H    sing N N 259 
THR N   H2   sing N N 260 
THR CA  C    sing N N 261 
THR CA  CB   sing N N 262 
THR CA  HA   sing N N 263 
THR C   O    doub N N 264 
THR C   OXT  sing N N 265 
THR CB  OG1  sing N N 266 
THR CB  CG2  sing N N 267 
THR CB  HB   sing N N 268 
THR OG1 HG1  sing N N 269 
THR CG2 HG21 sing N N 270 
THR CG2 HG22 sing N N 271 
THR CG2 HG23 sing N N 272 
THR OXT HXT  sing N N 273 
TYR N   CA   sing N N 274 
TYR N   H    sing N N 275 
TYR N   H2   sing N N 276 
TYR CA  C    sing N N 277 
TYR CA  CB   sing N N 278 
TYR CA  HA   sing N N 279 
TYR C   O    doub N N 280 
TYR C   OXT  sing N N 281 
TYR CB  CG   sing N N 282 
TYR CB  HB2  sing N N 283 
TYR CB  HB3  sing N N 284 
TYR CG  CD1  doub Y N 285 
TYR CG  CD2  sing Y N 286 
TYR CD1 CE1  sing Y N 287 
TYR CD1 HD1  sing N N 288 
TYR CD2 CE2  doub Y N 289 
TYR CD2 HD2  sing N N 290 
TYR CE1 CZ   doub Y N 291 
TYR CE1 HE1  sing N N 292 
TYR CE2 CZ   sing Y N 293 
TYR CE2 HE2  sing N N 294 
TYR CZ  OH   sing N N 295 
TYR OH  HH   sing N N 296 
TYR OXT HXT  sing N N 297 
VAL N   CA   sing N N 298 
VAL N   H    sing N N 299 
VAL N   H2   sing N N 300 
VAL CA  C    sing N N 301 
VAL CA  CB   sing N N 302 
VAL CA  HA   sing N N 303 
VAL C   O    doub N N 304 
VAL C   OXT  sing N N 305 
VAL CB  CG1  sing N N 306 
VAL CB  CG2  sing N N 307 
VAL CB  HB   sing N N 308 
VAL CG1 HG11 sing N N 309 
VAL CG1 HG12 sing N N 310 
VAL CG1 HG13 sing N N 311 
VAL CG2 HG21 sing N N 312 
VAL CG2 HG22 sing N N 313 
VAL CG2 HG23 sing N N 314 
VAL OXT HXT  sing N N 315 
# 
_atom_sites.entry_id                    2B9D 
_atom_sites.fract_transf_matrix[1][1]   -0.02676306 
_atom_sites.fract_transf_matrix[1][2]   -0.01052719 
_atom_sites.fract_transf_matrix[1][3]   -0.00653414 
_atom_sites.fract_transf_matrix[2][1]   -0.00808676 
_atom_sites.fract_transf_matrix[2][2]   0.00895143 
_atom_sites.fract_transf_matrix[2][3]   0.01870071 
_atom_sites.fract_transf_matrix[3][1]   -0.00359352 
_atom_sites.fract_transf_matrix[3][2]   0.01436952 
_atom_sites.fract_transf_matrix[3][3]   -0.00843217 
_atom_sites.fract_transf_vector[1]      0.495447 
_atom_sites.fract_transf_vector[2]      0.756068 
_atom_sites.fract_transf_vector[3]      0.763396 
# 
loop_
_atom_type.symbol 
C  
N  
O  
S  
ZN 
# 
loop_
_atom_site.group_PDB 
_atom_site.id 
_atom_site.type_symbol 
_atom_site.label_atom_id 
_atom_site.label_alt_id 
_atom_site.label_comp_id 
_atom_site.label_asym_id 
_atom_site.label_entity_id 
_atom_site.label_seq_id 
_atom_site.pdbx_PDB_ins_code 
_atom_site.Cartn_x 
_atom_site.Cartn_y 
_atom_site.Cartn_z 
_atom_site.occupancy 
_atom_site.B_iso_or_equiv 
_atom_site.pdbx_formal_charge 
_atom_site.auth_seq_id 
_atom_site.auth_comp_id 
_atom_site.auth_asym_id 
_atom_site.auth_atom_id 
_atom_site.pdbx_PDB_model_num 
ATOM   1   N  N   . MET A 1 1  ? 15.560  6.811   -3.465  1.00 42.12  ? 42   MET A N   1 
ATOM   2   C  CA  . MET A 1 1  ? 15.775  5.855   -2.342  1.00 32.01  ? 42   MET A CA  1 
ATOM   3   C  C   . MET A 1 1  ? 14.857  4.646   -2.489  1.00 34.82  ? 42   MET A C   1 
ATOM   4   O  O   . MET A 1 1  ? 13.662  4.714   -2.179  1.00 32.57  ? 42   MET A O   1 
ATOM   5   C  CB  . MET A 1 1  ? 15.529  6.548   -1.002  1.00 37.60  ? 42   MET A CB  1 
ATOM   6   N  N   . LYS A 1 2  ? 15.420  3.534   -2.952  1.00 24.58  ? 43   LYS A N   1 
ATOM   7   C  CA  . LYS A 1 2  ? 14.762  2.240   -2.802  1.00 20.98  ? 43   LYS A CA  1 
ATOM   8   C  C   . LYS A 1 2  ? 14.667  1.868   -1.323  1.00 34.12  ? 43   LYS A C   1 
ATOM   9   O  O   . LYS A 1 2  ? 15.610  2.060   -0.555  1.00 27.07  ? 43   LYS A O   1 
ATOM   10  C  CB  . LYS A 1 2  ? 15.508  1.154   -3.578  1.00 30.09  ? 43   LYS A CB  1 
ATOM   11  C  CG  . LYS A 1 2  ? 15.360  1.261   -5.084  1.00 23.61  ? 43   LYS A CG  1 
ATOM   12  C  CD  . LYS A 1 2  ? 15.577  -0.082  -5.766  1.00 37.22  ? 43   LYS A CD  1 
ATOM   13  C  CE  . LYS A 1 2  ? 15.349  0.018   -7.266  1.00 60.24  ? 43   LYS A CE  1 
ATOM   14  N  NZ  . LYS A 1 2  ? 16.446  -0.623  -8.043  1.00 59.42  ? 43   LYS A NZ  1 
ATOM   15  N  N   . GLN A 1 3  ? 13.498  1.389   -0.919  1.00 20.74  ? 44   GLN A N   1 
ATOM   16  C  CA  . GLN A 1 3  ? 13.314  0.849   0.425   1.00 17.42  ? 44   GLN A CA  1 
ATOM   17  C  C   . GLN A 1 3  ? 12.617  -0.508  0.380   1.00 11.00  ? 44   GLN A C   1 
ATOM   18  O  O   . GLN A 1 3  ? 11.802  -0.776  -0.513  1.00 14.93  ? 44   GLN A O   1 
ATOM   19  C  CB  . GLN A 1 3  ? 12.511  1.820   1.291   1.00 45.01  ? 44   GLN A CB  1 
ATOM   20  C  CG  . GLN A 1 3  ? 11.257  2.361   0.625   1.00 32.21  ? 44   GLN A CG  1 
ATOM   21  C  CD  . GLN A 1 3  ? 11.249  3.877   0.538   1.00 91.06  ? 44   GLN A CD  1 
ATOM   22  O  OE1 . GLN A 1 3  ? 10.897  4.558   1.503   1.00 40.93  ? 44   GLN A OE1 1 
ATOM   23  N  NE2 . GLN A 1 3  ? 11.632  4.408   -0.618  1.00 94.29  ? 44   GLN A NE2 1 
ATOM   24  N  N   . PRO A 1 4  ? 12.896  -1.341  1.379   1.00 20.98  ? 45   PRO A N   1 
ATOM   25  C  CA  . PRO A 1 4  ? 12.205  -2.623  1.534   1.00 19.50  ? 45   PRO A CA  1 
ATOM   26  C  C   . PRO A 1 4  ? 10.764  -2.402  1.946   1.00 16.64  ? 45   PRO A C   1 
ATOM   27  O  O   . PRO A 1 4  ? 10.471  -1.446  2.673   1.00 22.41  ? 45   PRO A O   1 
ATOM   28  C  CB  . PRO A 1 4  ? 12.986  -3.327  2.656   1.00 20.66  ? 45   PRO A CB  1 
ATOM   29  C  CG  . PRO A 1 4  ? 14.155  -2.464  2.960   1.00 30.72  ? 45   PRO A CG  1 
ATOM   30  C  CD  . PRO A 1 4  ? 13.851  -1.089  2.469   1.00 34.39  ? 45   PRO A CD  1 
ATOM   31  N  N   . TYR A 1 5  ? 9.864   -3.204  1.398   1.00 11.29  ? 46   TYR A N   1 
ATOM   32  C  CA  . TYR A 1 5  ? 8.441   -3.007  1.605   1.00 10.52  ? 46   TYR A CA  1 
ATOM   33  C  C   . TYR A 1 5  ? 7.746   -4.351  1.565   1.00 13.49  ? 46   TYR A C   1 
ATOM   34  O  O   . TYR A 1 5  ? 8.024   -5.161  0.682   1.00 12.23  ? 46   TYR A O   1 
ATOM   35  C  CB  . TYR A 1 5  ? 7.867   -2.088  0.525   1.00 10.85  ? 46   TYR A CB  1 
ATOM   36  C  CG  . TYR A 1 5  ? 6.388   -1.824  0.669   1.00 9.25   ? 46   TYR A CG  1 
ATOM   37  C  CD1 . TYR A 1 5  ? 5.919   -0.876  1.560   1.00 11.94  ? 46   TYR A CD1 1 
ATOM   38  C  CD2 . TYR A 1 5  ? 5.460   -2.512  -0.093  1.00 9.24   ? 46   TYR A CD2 1 
ATOM   39  C  CE1 . TYR A 1 5  ? 4.567   -0.638  1.699   1.00 12.67  ? 46   TYR A CE1 1 
ATOM   40  C  CE2 . TYR A 1 5  ? 4.115   -2.266  0.027   1.00 12.83  ? 46   TYR A CE2 1 
ATOM   41  C  CZ  . TYR A 1 5  ? 3.667   -1.352  0.947   1.00 14.16  ? 46   TYR A CZ  1 
ATOM   42  O  OH  . TYR A 1 5  ? 2.308   -1.113  1.073   1.00 16.78  ? 46   TYR A OH  1 
ATOM   43  N  N   . ALA A 1 6  ? 6.934   -4.613  2.587   1.00 12.98  ? 47   ALA A N   1 
ATOM   44  C  CA  . ALA A 1 6  ? 6.200   -5.856  2.717   1.00 15.14  ? 47   ALA A CA  1 
ATOM   45  C  C   . ALA A 1 6  ? 4.859   -5.743  2.007   1.00 14.68  ? 47   ALA A C   1 
ATOM   46  O  O   . ALA A 1 6  ? 3.970   -5.002  2.424   1.00 19.61  ? 47   ALA A O   1 
ATOM   47  C  CB  . ALA A 1 6  ? 5.990   -6.190  4.195   1.00 23.27  ? 47   ALA A CB  1 
ATOM   48  N  N   . VAL A 1 7  ? 4.731   -6.476  0.914   1.00 12.53  ? 48   VAL A N   1 
ATOM   49  C  CA  . VAL A 1 7  ? 3.484   -6.563  0.180   1.00 13.92  ? 48   VAL A CA  1 
ATOM   50  C  C   . VAL A 1 7  ? 2.593   -7.665  0.780   1.00 18.53  ? 48   VAL A C   1 
ATOM   51  O  O   . VAL A 1 7  ? 3.056   -8.773  1.060   1.00 17.04  ? 48   VAL A O   1 
ATOM   52  C  CB  . VAL A 1 7  ? 3.755   -6.864  -1.289  1.00 15.89  ? 48   VAL A CB  1 
ATOM   53  C  CG1 . VAL A 1 7  ? 2.445   -6.973  -2.061  1.00 15.53  ? 48   VAL A CG1 1 
ATOM   54  C  CG2 . VAL A 1 7  ? 4.671   -5.794  -1.894  1.00 18.66  ? 48   VAL A CG2 1 
ATOM   55  N  N   . VAL A 1 8  ? 1.342   -7.324  1.051   1.00 16.06  ? 49   VAL A N   1 
ATOM   56  C  CA  . VAL A 1 8  ? 0.361   -8.302  1.514   1.00 12.70  ? 49   VAL A CA  1 
ATOM   57  C  C   . VAL A 1 8  ? -0.883  -8.209  0.639   1.00 12.49  ? 49   VAL A C   1 
ATOM   58  O  O   . VAL A 1 8  ? -1.442  -7.121  0.446   1.00 17.79  ? 49   VAL A O   1 
ATOM   59  C  CB  . VAL A 1 8  ? -0.018  -8.074  2.989   1.00 16.84  ? 49   VAL A CB  1 
ATOM   60  C  CG1 . VAL A 1 8  ? -0.906  -9.196  3.482   1.00 21.81  ? 49   VAL A CG1 1 
ATOM   61  C  CG2 . VAL A 1 8  ? 1.234   -7.979  3.855   1.00 23.58  ? 49   VAL A CG2 1 
ATOM   62  N  N   . ALA A 1 9  ? -1.285  -9.341  0.068   1.00 14.86  ? 50   ALA A N   1 
ATOM   63  C  CA  . ALA A 1 9  ? -2.408  -9.368  -0.844  1.00 11.91  ? 50   ALA A CA  1 
ATOM   64  C  C   . ALA A 1 9  ? -3.029  -10.750 -0.874  1.00 13.54  ? 50   ALA A C   1 
ATOM   65  O  O   . ALA A 1 9  ? -2.338  -11.739 -0.662  1.00 14.17  ? 50   ALA A O   1 
ATOM   66  C  CB  . ALA A 1 9  ? -1.960  -8.972  -2.228  1.00 17.38  ? 50   ALA A CB  1 
ATOM   67  N  N   . SER A 1 10 ? -4.325  -10.817 -1.171  1.00 12.16  ? 51   SER A N   1 
ATOM   68  C  CA  . SER A 1 10 ? -5.036  -12.089 -1.162  1.00 13.03  ? 51   SER A CA  1 
ATOM   69  C  C   . SER A 1 10 ? -4.723  -12.827 -2.449  1.00 11.64  ? 51   SER A C   1 
ATOM   70  O  O   . SER A 1 10 ? -4.692  -12.226 -3.533  1.00 13.24  ? 51   SER A O   1 
ATOM   71  C  CB  . SER A 1 10 ? -6.547  -11.870 -1.046  1.00 22.47  ? 51   SER A CB  1 
ATOM   72  O  OG  . SER A 1 10 ? -7.024  -11.049 -2.097  1.00 45.33  ? 51   SER A OG  1 
ATOM   73  N  N   . CYS A 1 11 ? -4.491  -14.127 -2.335  1.00 9.64   ? 52   CYS A N   1 
ATOM   74  C  CA  . CYS A 1 11 ? -4.298  -14.962 -3.502  1.00 9.60   ? 52   CYS A CA  1 
ATOM   75  C  C   . CYS A 1 11 ? -5.473  -14.848 -4.465  1.00 12.26  ? 52   CYS A C   1 
ATOM   76  O  O   . CYS A 1 11 ? -6.628  -14.876 -4.043  1.00 14.55  ? 52   CYS A O   1 
ATOM   77  C  CB  . CYS A 1 11 ? -4.115  -16.412 -3.069  1.00 8.77   ? 52   CYS A CB  1 
ATOM   78  S  SG  . CYS A 1 11 ? -4.001  -17.616 -4.430  1.00 8.63   ? 52   CYS A SG  1 
ATOM   79  N  N   . ALA A 1 12 ? -5.166  -14.803 -5.755  1.00 14.20  ? 53   ALA A N   1 
ATOM   80  C  CA  . ALA A 1 12 ? -6.190  -14.762 -6.803  1.00 13.16  ? 53   ALA A CA  1 
ATOM   81  C  C   . ALA A 1 12 ? -7.207  -15.893 -6.702  1.00 17.97  ? 53   ALA A C   1 
ATOM   82  O  O   . ALA A 1 12 ? -8.356  -15.722 -7.097  1.00 22.79  ? 53   ALA A O   1 
ATOM   83  C  CB  . ALA A 1 12 ? -5.539  -14.772 -8.182  1.00 15.14  ? 53   ALA A CB  1 
ATOM   84  N  N   . TYR A 1 13 ? -6.767  -17.072 -6.272  1.00 13.39  ? 54   TYR A N   1 
ATOM   85  C  CA  . TYR A 1 13 ? -7.559  -18.276 -6.460  1.00 11.50  ? 54   TYR A CA  1 
ATOM   86  C  C   . TYR A 1 13 ? -8.199  -18.759 -5.161  1.00 30.88  ? 54   TYR A C   1 
ATOM   87  O  O   . TYR A 1 13 ? -9.293  -19.318 -5.185  1.00 33.62  ? 54   TYR A O   1 
ATOM   88  C  CB  . TYR A 1 13 ? -6.711  -19.378 -7.090  1.00 17.56  ? 54   TYR A CB  1 
ATOM   89  C  CG  . TYR A 1 13 ? -6.196  -19.014 -8.464  1.00 19.21  ? 54   TYR A CG  1 
ATOM   90  C  CD1 . TYR A 1 13 ? -7.051  -18.975 -9.559  1.00 28.23  ? 54   TYR A CD1 1 
ATOM   91  C  CD2 . TYR A 1 13 ? -4.873  -18.668 -8.658  1.00 17.71  ? 54   TYR A CD2 1 
ATOM   92  C  CE1 . TYR A 1 13 ? -6.590  -18.629 -10.813 1.00 21.78  ? 54   TYR A CE1 1 
ATOM   93  C  CE2 . TYR A 1 13 ? -4.401  -18.322 -9.910  1.00 25.72  ? 54   TYR A CE2 1 
ATOM   94  C  CZ  . TYR A 1 13 ? -5.268  -18.290 -10.980 1.00 26.88  ? 54   TYR A CZ  1 
ATOM   95  O  OH  . TYR A 1 13 ? -4.806  -17.938 -12.225 1.00 29.47  ? 54   TYR A OH  1 
ATOM   96  N  N   . CYS A 1 14 ? -7.548  -18.501 -4.029  1.00 18.95  ? 55   CYS A N   1 
ATOM   97  C  CA  . CYS A 1 14 ? -7.998  -19.071 -2.752  1.00 18.73  ? 55   CYS A CA  1 
ATOM   98  C  C   . CYS A 1 14 ? -8.157  -18.062 -1.612  1.00 19.43  ? 55   CYS A C   1 
ATOM   99  O  O   . CYS A 1 14 ? -8.639  -18.416 -0.531  1.00 20.92  ? 55   CYS A O   1 
ATOM   100 C  CB  . CYS A 1 14 ? -7.073  -20.217 -2.317  1.00 12.23  ? 55   CYS A CB  1 
ATOM   101 S  SG  . CYS A 1 14 ? -5.551  -19.651 -1.528  1.00 12.80  ? 55   CYS A SG  1 
ATOM   102 N  N   . GLU A 1 15 ? -7.758  -16.813 -1.840  1.00 15.02  ? 56   GLU A N   1 
ATOM   103 C  CA  . GLU A 1 15 ? -7.952  -15.747 -0.856  1.00 29.52  ? 56   GLU A CA  1 
ATOM   104 C  C   . GLU A 1 15 ? -7.153  -15.945 0.445   1.00 42.48  ? 56   GLU A C   1 
ATOM   105 O  O   . GLU A 1 15 ? -7.319  -15.176 1.394   1.00 36.41  ? 56   GLU A O   1 
ATOM   106 C  CB  . GLU A 1 15 ? -9.443  -15.589 -0.518  1.00 52.95  ? 56   GLU A CB  1 
ATOM   107 C  CG  . GLU A 1 15 ? -10.319 -15.101 -1.667  1.00 22.99  ? 56   GLU A CG  1 
ATOM   108 C  CD  . GLU A 1 15 ? -9.720  -13.922 -2.409  1.00 70.83  ? 56   GLU A CD  1 
ATOM   109 O  OE1 . GLU A 1 15 ? -9.876  -12.776 -1.937  1.00 79.49  ? 56   GLU A OE1 1 
ATOM   110 O  OE2 . GLU A 1 15 ? -9.115  -14.137 -3.481  1.00 66.44  ? 56   GLU A OE2 1 
ATOM   111 N  N   . LYS A 1 16 ? -6.280  -16.952 0.489   1.00 27.08  ? 57   LYS A N   1 
ATOM   112 C  CA  . LYS A 1 16 ? -5.168  -16.960 1.448   1.00 13.95  ? 57   LYS A CA  1 
ATOM   113 C  C   . LYS A 1 16 ? -4.315  -15.705 1.233   1.00 14.43  ? 57   LYS A C   1 
ATOM   114 O  O   . LYS A 1 16 ? -4.192  -15.218 0.112   1.00 16.39  ? 57   LYS A O   1 
ATOM   115 C  CB  . LYS A 1 16 ? -4.304  -18.212 1.267   1.00 28.65  ? 57   LYS A CB  1 
ATOM   116 C  CG  . LYS A 1 16 ? -2.900  -18.104 1.847   1.00 47.32  ? 57   LYS A CG  1 
ATOM   117 C  CD  . LYS A 1 16 ? -2.248  -19.473 1.988   1.00 77.95  ? 57   LYS A CD  1 
ATOM   118 C  CE  . LYS A 1 16 ? -0.824  -19.363 2.518   1.00 88.95  ? 57   LYS A CE  1 
ATOM   119 N  NZ  . LYS A 1 16 ? -0.722  -19.747 3.955   1.00 75.16  ? 57   LYS A NZ  1 
ATOM   120 N  N   . LEU A 1 17 ? -3.761  -15.153 2.309   1.00 19.11  ? 58   LEU A N   1 
ATOM   121 C  CA  . LEU A 1 17 ? -2.877  -13.999 2.184   1.00 16.89  ? 58   LEU A CA  1 
ATOM   122 C  C   . LEU A 1 17 ? -1.522  -14.444 1.653   1.00 21.59  ? 58   LEU A C   1 
ATOM   123 O  O   . LEU A 1 17 ? -1.000  -15.497 2.030   1.00 22.95  ? 58   LEU A O   1 
ATOM   124 C  CB  . LEU A 1 17 ? -2.703  -13.291 3.531   1.00 29.92  ? 58   LEU A CB  1 
ATOM   125 C  CG  . LEU A 1 17 ? -3.297  -11.887 3.649   1.00 28.95  ? 58   LEU A CG  1 
ATOM   126 C  CD1 . LEU A 1 17 ? -4.706  -11.821 3.069   1.00 25.82  ? 58   LEU A CD1 1 
ATOM   127 C  CD2 . LEU A 1 17 ? -3.297  -11.428 5.105   1.00 36.50  ? 58   LEU A CD2 1 
ATOM   128 N  N   . VAL A 1 18 ? -0.981  -13.646 0.741   1.00 15.41  ? 59   VAL A N   1 
ATOM   129 C  CA  . VAL A 1 18 ? 0.346   -13.861 0.196   1.00 18.17  ? 59   VAL A CA  1 
ATOM   130 C  C   . VAL A 1 18 ? 1.214   -12.675 0.589   1.00 19.66  ? 59   VAL A C   1 
ATOM   131 O  O   . VAL A 1 18 ? 0.788   -11.519 0.495   1.00 17.01  ? 59   VAL A O   1 
ATOM   132 C  CB  . VAL A 1 18 ? 0.287   -13.979 -1.341  1.00 17.63  ? 59   VAL A CB  1 
ATOM   133 C  CG1 . VAL A 1 18 ? 1.642   -14.346 -1.910  1.00 22.42  ? 59   VAL A CG1 1 
ATOM   134 C  CG2 . VAL A 1 18 ? -0.756  -15.020 -1.734  1.00 16.35  ? 59   VAL A CG2 1 
ATOM   135 N  N   . ARG A 1 19 ? 2.373   -12.981 1.152   1.00 18.27  ? 60   ARG A N   1 
ATOM   136 C  CA  . ARG A 1 19 ? 3.291   -11.968 1.625   1.00 19.58  ? 60   ARG A CA  1 
ATOM   137 C  C   . ARG A 1 19 ? 4.564   -12.093 0.815   1.00 22.37  ? 60   ARG A C   1 
ATOM   138 O  O   . ARG A 1 19 ? 5.074   -13.196 0.600   1.00 21.11  ? 60   ARG A O   1 
ATOM   139 C  CB  . ARG A 1 19 ? 3.589   -12.168 3.112   1.00 22.10  ? 60   ARG A CB  1 
ATOM   140 C  CG  . ARG A 1 19 ? 2.467   -11.738 4.037   1.00 33.56  ? 60   ARG A CG  1 
ATOM   141 C  CD  . ARG A 1 19 ? 2.428   -12.482 5.374   1.00 26.67  ? 60   ARG A CD  1 
ATOM   142 N  NE  . ARG A 1 19 ? 1.102   -12.400 5.975   1.00 37.52  ? 60   ARG A NE  1 
ATOM   143 C  CZ  . ARG A 1 19 ? 0.546   -11.274 6.400   1.00 39.93  ? 60   ARG A CZ  1 
ATOM   144 N  NH1 . ARG A 1 19 ? 1.238   -10.140 6.393   1.00 31.74  ? 60   ARG A NH1 1 
ATOM   145 N  NH2 . ARG A 1 19 ? -0.698  -11.282 6.853   1.00 44.06  ? 60   ARG A NH2 1 
ATOM   146 N  N   . LEU A 1 20 ? 4.992   -10.977 0.247   1.00 19.25  ? 61   LEU A N   1 
ATOM   147 C  CA  . LEU A 1 20 ? 6.288   -10.918 -0.392  1.00 17.73  ? 61   LEU A CA  1 
ATOM   148 C  C   . LEU A 1 20 ? 6.925   -9.571  -0.118  1.00 19.05  ? 61   LEU A C   1 
ATOM   149 O  O   . LEU A 1 20 ? 6.243   -8.585  0.160   1.00 23.35  ? 61   LEU A O   1 
ATOM   150 C  CB  . LEU A 1 20 ? 6.172   -11.149 -1.897  1.00 24.65  ? 61   LEU A CB  1 
ATOM   151 C  CG  . LEU A 1 20 ? 5.508   -10.054 -2.730  1.00 27.19  ? 61   LEU A CG  1 
ATOM   152 C  CD1 . LEU A 1 20 ? 6.542   -9.311  -3.563  1.00 54.03  ? 61   LEU A CD1 1 
ATOM   153 C  CD2 . LEU A 1 20 ? 4.434   -10.655 -3.627  1.00 51.96  ? 61   LEU A CD2 1 
ATOM   154 N  N   . THR A 1 21 ? 8.244   -9.554  -0.177  1.00 15.06  ? 62   THR A N   1 
ATOM   155 C  CA  . THR A 1 21 ? 8.998   -8.352  0.093   1.00 10.41  ? 62   THR A CA  1 
ATOM   156 C  C   . THR A 1 21 ? 9.565   -7.842  -1.228  1.00 15.00  ? 62   THR A C   1 
ATOM   157 O  O   . THR A 1 21 ? 9.973   -8.624  -2.095  1.00 16.36  ? 62   THR A O   1 
ATOM   158 C  CB  . THR A 1 21 ? 10.120  -8.673  1.091   1.00 14.56  ? 62   THR A CB  1 
ATOM   159 O  OG1 . THR A 1 21 ? 9.560   -8.886  2.395   1.00 22.66  ? 62   THR A OG1 1 
ATOM   160 C  CG2 . THR A 1 21 ? 11.037  -7.503  1.283   1.00 11.69  ? 62   THR A CG2 1 
ATOM   161 N  N   . VAL A 1 22 ? 9.515   -6.533  -1.412  1.00 10.07  ? 63   VAL A N   1 
ATOM   162 C  CA  . VAL A 1 22 ? 10.131  -5.904  -2.562  1.00 10.40  ? 63   VAL A CA  1 
ATOM   163 C  C   . VAL A 1 22 ? 11.058  -4.796  -2.104  1.00 15.59  ? 63   VAL A C   1 
ATOM   164 O  O   . VAL A 1 22 ? 10.954  -4.319  -0.972  1.00 14.05  ? 63   VAL A O   1 
ATOM   165 C  CB  . VAL A 1 22 ? 9.095   -5.312  -3.506  1.00 10.32  ? 63   VAL A CB  1 
ATOM   166 C  CG1 . VAL A 1 22 ? 8.132   -6.379  -3.998  1.00 12.49  ? 63   VAL A CG1 1 
ATOM   167 C  CG2 . VAL A 1 22 ? 8.345   -4.177  -2.843  1.00 13.09  ? 63   VAL A CG2 1 
ATOM   168 N  N   . LEU A 1 23 ? 12.017  -4.459  -2.955  1.00 10.08  ? 64   LEU A N   1 
ATOM   169 C  CA  . LEU A 1 23 ? 12.854  -3.289  -2.756  1.00 14.13  ? 64   LEU A CA  1 
ATOM   170 C  C   . LEU A 1 23 ? 12.566  -2.329  -3.889  1.00 12.62  ? 64   LEU A C   1 
ATOM   171 O  O   . LEU A 1 23 ? 12.765  -2.670  -5.054  1.00 12.31  ? 64   LEU A O   1 
ATOM   172 C  CB  . LEU A 1 23 ? 14.325  -3.696  -2.792  1.00 10.91  ? 64   LEU A CB  1 
ATOM   173 C  CG  . LEU A 1 23 ? 15.360  -2.582  -2.615  1.00 18.96  ? 64   LEU A CG  1 
ATOM   174 C  CD1 . LEU A 1 23 ? 15.183  -1.886  -1.275  1.00 26.73  ? 64   LEU A CD1 1 
ATOM   175 C  CD2 . LEU A 1 23 ? 16.763  -3.145  -2.748  1.00 24.95  ? 64   LEU A CD2 1 
ATOM   176 N  N   . ALA A 1 24 ? 12.046  -1.151  -3.557  1.00 11.01  ? 65   ALA A N   1 
ATOM   177 C  CA  . ALA A 1 24 ? 11.456  -0.286  -4.566  1.00 10.76  ? 65   ALA A CA  1 
ATOM   178 C  C   . ALA A 1 24 ? 11.425  1.153   -4.079  1.00 10.78  ? 65   ALA A C   1 
ATOM   179 O  O   . ALA A 1 24 ? 11.418  1.411   -2.879  1.00 13.26  ? 65   ALA A O   1 
ATOM   180 C  CB  . ALA A 1 24 ? 10.057  -0.764  -4.909  1.00 15.16  ? 65   ALA A CB  1 
ATOM   181 N  N   . ASP A 1 25 ? 11.410  2.087   -5.022  1.00 14.35  ? 66   ASP A N   1 
ATOM   182 C  CA  . ASP A 1 25 ? 11.191  3.481   -4.688  1.00 27.90  ? 66   ASP A CA  1 
ATOM   183 C  C   . ASP A 1 25 ? 9.728   3.696   -4.339  1.00 17.94  ? 66   ASP A C   1 
ATOM   184 O  O   . ASP A 1 25 ? 8.870   2.885   -4.696  1.00 13.19  ? 66   ASP A O   1 
ATOM   185 C  CB  . ASP A 1 25 ? 11.564  4.371   -5.867  1.00 31.77  ? 66   ASP A CB  1 
ATOM   186 C  CG  . ASP A 1 25 ? 10.583  4.248   -7.014  1.00 18.86  ? 66   ASP A CG  1 
ATOM   187 O  OD1 . ASP A 1 25 ? 10.613  3.215   -7.714  1.00 90.86  ? 66   ASP A OD1 1 
ATOM   188 O  OD2 . ASP A 1 25 ? 9.812   5.172   -7.345  1.00 62.14  ? 66   ASP A OD2 1 
ATOM   189 N  N   . HIS A 1 26 ? 9.459   4.845   -3.732  1.00 15.07  ? 67   HIS A N   1 
ATOM   190 C  CA  . HIS A 1 26 ? 8.122   5.237   -3.299  1.00 14.10  ? 67   HIS A CA  1 
ATOM   191 C  C   . HIS A 1 26 ? 7.096   5.127   -4.419  1.00 13.13  ? 67   HIS A C   1 
ATOM   192 O  O   . HIS A 1 26 ? 6.011   4.578   -4.230  1.00 10.14  ? 67   HIS A O   1 
ATOM   193 C  CB  . HIS A 1 26 ? 8.176   6.673   -2.778  1.00 17.72  ? 67   HIS A CB  1 
ATOM   194 C  CG  . HIS A 1 26 ? 6.874   7.181   -2.237  1.00 12.14  ? 67   HIS A CG  1 
ATOM   195 N  ND1 . HIS A 1 26 ? 6.711   8.480   -1.812  1.00 26.63  ? 67   HIS A ND1 1 
ATOM   196 C  CD2 . HIS A 1 26 ? 5.677   6.572   -2.055  1.00 13.71  ? 67   HIS A CD2 1 
ATOM   197 C  CE1 . HIS A 1 26 ? 5.470   8.655   -1.395  1.00 28.65  ? 67   HIS A CE1 1 
ATOM   198 N  NE2 . HIS A 1 26 ? 4.817   7.519   -1.550  1.00 18.90  ? 67   HIS A NE2 1 
ATOM   199 N  N   . SER A 1 27 ? 7.419   5.659   -5.589  1.00 17.44  ? 68   SER A N   1 
ATOM   200 C  CA  . SER A 1 27 ? 6.445   5.681   -6.668  1.00 15.92  ? 68   SER A CA  1 
ATOM   201 C  C   . SER A 1 27 ? 6.160   4.295   -7.220  1.00 14.55  ? 68   SER A C   1 
ATOM   202 O  O   . SER A 1 27 ? 5.036   3.998   -7.593  1.00 11.94  ? 68   SER A O   1 
ATOM   203 C  CB  . SER A 1 27 ? 6.880   6.641   -7.775  1.00 15.88  ? 68   SER A CB  1 
ATOM   204 O  OG  . SER A 1 27 ? 6.691   7.968   -7.334  1.00 16.73  ? 68   SER A OG  1 
ATOM   205 N  N   . ALA A 1 28 ? 7.155   3.413   -7.208  1.00 7.86   ? 69   ALA A N   1 
ATOM   206 C  CA  . ALA A 1 28 ? 6.935   2.046   -7.634  1.00 13.91  ? 69   ALA A CA  1 
ATOM   207 C  C   . ALA A 1 28 ? 6.010   1.322   -6.652  1.00 9.20   ? 69   ALA A C   1 
ATOM   208 O  O   . ALA A 1 28 ? 5.087   0.628   -7.061  1.00 12.51  ? 69   ALA A O   1 
ATOM   209 C  CB  . ALA A 1 28 ? 8.253   1.315   -7.776  1.00 14.81  ? 69   ALA A CB  1 
ATOM   210 N  N   . ILE A 1 29 ? 6.206   1.545   -5.353  1.00 11.33  ? 70   ILE A N   1 
ATOM   211 C  CA  . ILE A 1 29 ? 5.358   0.907   -4.361  1.00 12.76  ? 70   ILE A CA  1 
ATOM   212 C  C   . ILE A 1 29 ? 3.929   1.429   -4.470  1.00 7.58   ? 70   ILE A C   1 
ATOM   213 O  O   . ILE A 1 29 ? 2.981   0.662   -4.396  1.00 11.25  ? 70   ILE A O   1 
ATOM   214 C  CB  . ILE A 1 29 ? 5.929   1.096   -2.942  1.00 8.68   ? 70   ILE A CB  1 
ATOM   215 C  CG1 . ILE A 1 29 ? 7.224   0.289   -2.805  1.00 15.48  ? 70   ILE A CG1 1 
ATOM   216 C  CG2 . ILE A 1 29 ? 4.924   0.684   -1.885  1.00 13.12  ? 70   ILE A CG2 1 
ATOM   217 C  CD1 . ILE A 1 29 ? 8.136   0.771   -1.729  1.00 22.99  ? 70   ILE A CD1 1 
ATOM   218 N  N   . ARG A 1 30 ? 3.775   2.735   -4.658  1.00 8.13   ? 71   ARG A N   1 
ATOM   219 C  CA  . ARG A 1 30 ? 2.454   3.315   -4.879  1.00 7.97   ? 71   ARG A CA  1 
ATOM   220 C  C   . ARG A 1 30 ? 1.786   2.708   -6.122  1.00 7.64   ? 71   ARG A C   1 
ATOM   221 O  O   . ARG A 1 30 ? 0.598   2.341   -6.092  1.00 10.83  ? 71   ARG A O   1 
ATOM   222 C  CB  . ARG A 1 30 ? 2.570   4.830   -5.027  1.00 16.62  ? 71   ARG A CB  1 
ATOM   223 C  CG  . ARG A 1 30 ? 1.242   5.542   -5.078  1.00 19.00  ? 71   ARG A CG  1 
ATOM   224 C  CD  . ARG A 1 30 ? 1.349   7.044   -4.845  1.00 46.95  ? 71   ARG A CD  1 
ATOM   225 N  NE  . ARG A 1 30 ? 0.356   7.791   -5.612  1.00 39.14  ? 71   ARG A NE  1 
ATOM   226 C  CZ  . ARG A 1 30 ? 0.466   9.076   -5.932  1.00 109.61 ? 71   ARG A CZ  1 
ATOM   227 N  NH1 . ARG A 1 30 ? 1.531   9.773   -5.553  1.00 112.56 ? 71   ARG A NH1 1 
ATOM   228 N  NH2 . ARG A 1 30 ? -0.491  9.670   -6.635  1.00 100.95 ? 71   ARG A NH2 1 
ATOM   229 N  N   . GLN A 1 31 ? 2.548   2.629   -7.215  1.00 11.32  ? 72   GLN A N   1 
ATOM   230 C  CA  . GLN A 1 31 ? 2.101   1.971   -8.445  1.00 10.64  ? 72   GLN A CA  1 
ATOM   231 C  C   . GLN A 1 31 ? 1.671   0.523   -8.210  1.00 10.86  ? 72   GLN A C   1 
ATOM   232 O  O   . GLN A 1 31 ? 0.592   0.113   -8.630  1.00 12.79  ? 72   GLN A O   1 
ATOM   233 C  CB  . GLN A 1 31 ? 3.214   2.009   -9.492  1.00 17.88  ? 72   GLN A CB  1 
ATOM   234 C  CG  . GLN A 1 31 ? 2.745   2.234   -10.911 1.00 37.34  ? 72   GLN A CG  1 
ATOM   235 C  CD  . GLN A 1 31 ? 3.899   2.276   -11.895 1.00 31.33  ? 72   GLN A CD  1 
ATOM   236 O  OE1 . GLN A 1 31 ? 3.770   1.809   -13.027 1.00 36.87  ? 72   GLN A OE1 1 
ATOM   237 N  NE2 . GLN A 1 31 ? 5.041   2.810   -11.457 1.00 25.18  ? 72   GLN A NE2 1 
ATOM   238 N  N   . LEU A 1 32 ? 2.496   -0.244  -7.505  1.00 9.47   ? 73   LEU A N   1 
ATOM   239 C  CA  . LEU A 1 32 ? 2.181   -1.642  -7.229  1.00 11.21  ? 73   LEU A CA  1 
ATOM   240 C  C   . LEU A 1 32 ? 0.887   -1.762  -6.424  1.00 10.90  ? 73   LEU A C   1 
ATOM   241 O  O   . LEU A 1 32 ? 0.013   -2.567  -6.750  1.00 8.66   ? 73   LEU A O   1 
ATOM   242 C  CB  . LEU A 1 32 ? 3.339   -2.302  -6.492  1.00 13.01  ? 73   LEU A CB  1 
ATOM   243 C  CG  . LEU A 1 32 ? 3.180   -3.787  -6.194  1.00 16.07  ? 73   LEU A CG  1 
ATOM   244 C  CD1 . LEU A 1 32 ? 2.984   -4.575  -7.484  1.00 15.26  ? 73   LEU A CD1 1 
ATOM   245 C  CD2 . LEU A 1 32 ? 4.395   -4.284  -5.448  1.00 16.66  ? 73   LEU A CD2 1 
ATOM   246 N  N   . GLU A 1 33 ? 0.749   -0.951  -5.376  1.00 12.55  ? 74   GLU A N   1 
ATOM   247 C  CA  . GLU A 1 33 ? -0.448  -1.018  -4.548  1.00 14.21  ? 74   GLU A CA  1 
ATOM   248 C  C   . GLU A 1 33 ? -1.696  -0.648  -5.360  1.00 8.33   ? 74   GLU A C   1 
ATOM   249 O  O   . GLU A 1 33 ? -2.777  -1.213  -5.138  1.00 10.72  ? 74   GLU A O   1 
ATOM   250 C  CB  . GLU A 1 33 ? -0.309  -0.143  -3.296  1.00 9.19   ? 74   GLU A CB  1 
ATOM   251 C  CG  . GLU A 1 33 ? 0.693   -0.690  -2.276  1.00 12.12  ? 74   GLU A CG  1 
ATOM   252 C  CD  . GLU A 1 33 ? 0.204   -1.931  -1.536  1.00 14.99  ? 74   GLU A CD  1 
ATOM   253 O  OE1 . GLU A 1 33 ? -0.954  -2.359  -1.739  1.00 14.06  ? 74   GLU A OE1 1 
ATOM   254 O  OE2 . GLU A 1 33 ? 0.974   -2.477  -0.720  1.00 14.90  ? 74   GLU A OE2 1 
ATOM   255 N  N   . GLU A 1 34 ? -1.547  0.308   -6.279  1.00 8.49   ? 75   GLU A N   1 
ATOM   256 C  CA  . GLU A 1 34 ? -2.638  0.669   -7.187  1.00 9.25   ? 75   GLU A CA  1 
ATOM   257 C  C   . GLU A 1 34 ? -3.006  -0.505  -8.075  1.00 8.86   ? 75   GLU A C   1 
ATOM   258 O  O   . GLU A 1 34 ? -4.188  -0.826  -8.222  1.00 11.88  ? 75   GLU A O   1 
ATOM   259 C  CB  . GLU A 1 34 ? -2.276  1.888   -8.040  1.00 9.96   ? 75   GLU A CB  1 
ATOM   260 C  CG  . GLU A 1 34 ? -3.315  2.229   -9.103  1.00 20.87  ? 75   GLU A CG  1 
ATOM   261 C  CD  . GLU A 1 34 ? -4.652  2.647   -8.518  1.00 92.11  ? 75   GLU A CD  1 
ATOM   262 O  OE1 . GLU A 1 34 ? -4.665  3.239   -7.414  1.00 125.55 ? 75   GLU A OE1 1 
ATOM   263 O  OE2 . GLU A 1 34 ? -5.691  2.406   -9.174  1.00 90.50  ? 75   GLU A OE2 1 
ATOM   264 N  N   . MET A 1 35 ? -1.997  -1.193  -8.604  1.00 10.88  ? 76   MET A N   1 
ATOM   265 C  CA  . MET A 1 35 ? -2.242  -2.385  -9.433  1.00 9.86   ? 76   MET A CA  1 
ATOM   266 C  C   . MET A 1 35 ? -2.996  -3.469  -8.660  1.00 13.75  ? 76   MET A C   1 
ATOM   267 O  O   . MET A 1 35 ? -3.889  -4.119  -9.193  1.00 11.01  ? 76   MET A O   1 
ATOM   268 C  CB  . MET A 1 35 ? -0.924  -2.929  -10.008 1.00 13.65  ? 76   MET A CB  1 
ATOM   269 C  CG  . MET A 1 35 ? -0.157  -1.915  -10.850 1.00 16.53  ? 76   MET A CG  1 
ATOM   270 S  SD  . MET A 1 35 ? 1.364   -2.577  -11.620 1.00 19.18  ? 76   MET A SD  1 
ATOM   271 C  CE  . MET A 1 35 ? 0.630   -3.671  -12.644 1.00 21.85  ? 76   MET A CE  1 
ATOM   272 N  N   . LEU A 1 36 ? -2.658  -3.628  -7.390  1.00 12.12  ? 77   LEU A N   1 
ATOM   273 C  CA  . LEU A 1 36 ? -3.208  -4.698  -6.575  1.00 12.80  ? 77   LEU A CA  1 
ATOM   274 C  C   . LEU A 1 36 ? -4.678  -4.482  -6.254  1.00 13.74  ? 77   LEU A C   1 
ATOM   275 O  O   . LEU A 1 36 ? -5.406  -5.435  -5.965  1.00 14.39  ? 77   LEU A O   1 
ATOM   276 C  CB  . LEU A 1 36 ? -2.384  -4.842  -5.292  1.00 15.21  ? 77   LEU A CB  1 
ATOM   277 C  CG  . LEU A 1 36 ? -1.036  -5.523  -5.530  1.00 9.62   ? 77   LEU A CG  1 
ATOM   278 C  CD1 . LEU A 1 36 ? -0.078  -5.340  -4.352  1.00 17.89  ? 77   LEU A CD1 1 
ATOM   279 C  CD2 . LEU A 1 36 ? -1.225  -6.997  -5.829  1.00 13.72  ? 77   LEU A CD2 1 
ATOM   280 N  N   . LEU A 1 37 ? -5.120  -3.234  -6.327  1.00 10.63  ? 78   LEU A N   1 
ATOM   281 C  CA  . LEU A 1 37 ? -6.523  -2.917  -6.134  1.00 14.73  ? 78   LEU A CA  1 
ATOM   282 C  C   . LEU A 1 37 ? -7.427  -3.661  -7.103  1.00 20.66  ? 78   LEU A C   1 
ATOM   283 O  O   . LEU A 1 37 ? -8.458  -4.183  -6.700  1.00 21.33  ? 78   LEU A O   1 
ATOM   284 C  CB  . LEU A 1 37 ? -6.753  -1.414  -6.260  1.00 21.57  ? 78   LEU A CB  1 
ATOM   285 C  CG  . LEU A 1 37 ? -6.333  -0.643  -5.015  1.00 22.12  ? 78   LEU A CG  1 
ATOM   286 C  CD1 . LEU A 1 37 ? -6.658  0.832   -5.182  1.00 41.48  ? 78   LEU A CD1 1 
ATOM   287 C  CD2 . LEU A 1 37 ? -7.019  -1.219  -3.788  1.00 25.40  ? 78   LEU A CD2 1 
ATOM   288 N  N   . ARG A 1 38 ? -7.040  -3.710  -8.374  1.00 30.67  ? 79   ARG A N   1 
ATOM   289 C  CA  . ARG A 1 38 ? -7.936  -4.184  -9.426  1.00 25.84  ? 79   ARG A CA  1 
ATOM   290 C  C   . ARG A 1 38 ? -7.206  -5.019  -10.472 1.00 36.56  ? 79   ARG A C   1 
ATOM   291 O  O   . ARG A 1 38 ? -7.657  -6.111  -10.821 1.00 38.36  ? 79   ARG A O   1 
ATOM   292 C  CB  . ARG A 1 38 ? -8.628  -3.007  -10.091 1.00 37.45  ? 79   ARG A CB  1 
ATOM   293 N  N   . SER A 1 39 ? -6.103  -4.486  -10.998 1.00 12.22  ? 80   SER A N   1 
ATOM   294 C  CA  . SER A 1 39 ? -5.544  -4.969  -12.260 1.00 12.95  ? 80   SER A CA  1 
ATOM   295 C  C   . SER A 1 39 ? -4.604  -6.176  -12.110 1.00 12.01  ? 80   SER A C   1 
ATOM   296 O  O   . SER A 1 39 ? -4.344  -6.890  -13.087 1.00 13.29  ? 80   SER A O   1 
ATOM   297 C  CB  . SER A 1 39 ? -4.853  -3.825  -13.012 1.00 21.76  ? 80   SER A CB  1 
ATOM   298 O  OG  . SER A 1 39 ? -3.586  -3.498  -12.464 1.00 22.66  ? 80   SER A OG  1 
ATOM   299 N  N   . LEU A 1 40 ? -4.124  -6.434  -10.893 1.00 9.52   ? 81   LEU A N   1 
ATOM   300 C  CA  . LEU A 1 40 ? -3.147  -7.489  -10.676 1.00 11.40  ? 81   LEU A CA  1 
ATOM   301 C  C   . LEU A 1 40 ? -3.444  -8.248  -9.385  1.00 12.95  ? 81   LEU A C   1 
ATOM   302 O  O   . LEU A 1 40 ? -3.736  -7.648  -8.356  1.00 11.25  ? 81   LEU A O   1 
ATOM   303 C  CB  . LEU A 1 40 ? -1.733  -6.904  -10.619 1.00 12.53  ? 81   LEU A CB  1 
ATOM   304 C  CG  . LEU A 1 40 ? -0.644  -7.984  -10.525 1.00 21.23  ? 81   LEU A CG  1 
ATOM   305 C  CD1 . LEU A 1 40 ? 0.447   -7.785  -11.578 1.00 22.46  ? 81   LEU A CD1 1 
ATOM   306 C  CD2 . LEU A 1 40 ? -0.058  -8.002  -9.132  1.00 34.82  ? 81   LEU A CD2 1 
ATOM   307 N  N   . ASN A 1 41 ? -3.358  -9.570  -9.445  1.00 13.35  ? 82   ASN A N   1 
ATOM   308 C  CA  . ASN A 1 41 ? -3.403  -10.386 -8.245  1.00 8.89   ? 82   ASN A CA  1 
ATOM   309 C  C   . ASN A 1 41 ? -2.169  -11.260 -8.172  1.00 13.24  ? 82   ASN A C   1 
ATOM   310 O  O   . ASN A 1 41 ? -1.674  -11.753 -9.191  1.00 12.43  ? 82   ASN A O   1 
ATOM   311 C  CB  . ASN A 1 41 ? -4.641  -11.279 -8.248  1.00 10.72  ? 82   ASN A CB  1 
ATOM   312 C  CG  . ASN A 1 41 ? -5.930  -10.498 -8.095  1.00 20.28  ? 82   ASN A CG  1 
ATOM   313 O  OD1 . ASN A 1 41 ? -6.611  -10.207 -9.079  1.00 59.08  ? 82   ASN A OD1 1 
ATOM   314 N  ND2 . ASN A 1 41 ? -6.284  -10.177 -6.859  1.00 45.16  ? 82   ASN A ND2 1 
ATOM   315 N  N   . ILE A 1 42 ? -1.680  -11.459 -6.963  1.00 11.22  ? 83   ILE A N   1 
ATOM   316 C  CA  . ILE A 1 42 ? -0.662  -12.463 -6.734  1.00 10.26  ? 83   ILE A CA  1 
ATOM   317 C  C   . ILE A 1 42 ? -1.254  -13.796 -6.335  1.00 12.55  ? 83   ILE A C   1 
ATOM   318 O  O   . ILE A 1 42 ? -2.458  -13.914 -6.117  1.00 10.38  ? 83   ILE A O   1 
ATOM   319 C  CB  . ILE A 1 42 ? 0.370   -11.954 -5.715  1.00 18.33  ? 83   ILE A CB  1 
ATOM   320 C  CG1 . ILE A 1 42 ? -0.309  -11.544 -4.416  1.00 19.24  ? 83   ILE A CG1 1 
ATOM   321 C  CG2 . ILE A 1 42 ? 1.125   -10.751 -6.300  1.00 20.73  ? 83   ILE A CG2 1 
ATOM   322 C  CD1 . ILE A 1 42 ? -1.321  -12.537 -3.896  1.00 48.50  ? 83   ILE A CD1 1 
ATOM   323 N  N   . VAL A 1 43 ? -0.436  -14.838 -6.462  1.00 16.06  ? 84   VAL A N   1 
ATOM   324 C  CA  . VAL A 1 43 ? -0.879  -16.220 -6.299  1.00 16.90  ? 84   VAL A CA  1 
ATOM   325 C  C   . VAL A 1 43 ? -0.006  -16.926 -5.258  1.00 22.77  ? 84   VAL A C   1 
ATOM   326 O  O   . VAL A 1 43 ? 1.213   -16.755 -5.241  1.00 18.40  ? 84   VAL A O   1 
ATOM   327 C  CB  . VAL A 1 43 ? -0.767  -16.973 -7.629  1.00 16.83  ? 84   VAL A CB  1 
ATOM   328 C  CG1 . VAL A 1 43 ? -1.183  -18.438 -7.464  1.00 12.70  ? 84   VAL A CG1 1 
ATOM   329 C  CG2 . VAL A 1 43 ? -1.599  -16.288 -8.706  1.00 21.35  ? 84   VAL A CG2 1 
ATOM   330 N  N   . CYS A 1 44 ? -0.632  -17.698 -4.372  1.00 10.34  ? 85   CYS A N   1 
ATOM   331 C  CA  . CYS A 1 44 ? 0.084   -18.308 -3.245  1.00 13.46  ? 85   CYS A CA  1 
ATOM   332 C  C   . CYS A 1 44 ? 0.913   -19.501 -3.731  1.00 14.51  ? 85   CYS A C   1 
ATOM   333 O  O   . CYS A 1 44 ? 0.724   -19.937 -4.852  1.00 12.31  ? 85   CYS A O   1 
ATOM   334 C  CB  . CYS A 1 44 ? -0.908  -18.751 -2.166  1.00 15.61  ? 85   CYS A CB  1 
ATOM   335 S  SG  . CYS A 1 44 ? -1.805  -20.295 -2.479  1.00 10.05  ? 85   CYS A SG  1 
ATOM   336 N  N   . PRO A 1 45 ? 1.861   -19.993 -2.923  1.00 12.52  ? 86   PRO A N   1 
ATOM   337 C  CA  . PRO A 1 45 ? 2.714   -21.114 -3.352  1.00 17.14  ? 86   PRO A CA  1 
ATOM   338 C  C   . PRO A 1 45 ? 1.950   -22.372 -3.807  1.00 14.61  ? 86   PRO A C   1 
ATOM   339 O  O   . PRO A 1 45 ? 2.308   -22.934 -4.840  1.00 16.71  ? 86   PRO A O   1 
ATOM   340 C  CB  . PRO A 1 45 ? 3.577   -21.401 -2.115  1.00 15.80  ? 86   PRO A CB  1 
ATOM   341 C  CG  . PRO A 1 45 ? 3.606   -20.124 -1.363  1.00 21.52  ? 86   PRO A CG  1 
ATOM   342 C  CD  . PRO A 1 45 ? 2.274   -19.458 -1.615  1.00 21.66  ? 86   PRO A CD  1 
ATOM   343 N  N   . LEU A 1 46 ? 0.917   -22.791 -3.076  1.00 11.06  ? 87   LEU A N   1 
ATOM   344 C  CA  . LEU A 1 46 ? 0.128   -23.969 -3.449  1.00 13.87  ? 87   LEU A CA  1 
ATOM   345 C  C   . LEU A 1 46 ? -0.651  -23.750 -4.740  1.00 15.59  ? 87   LEU A C   1 
ATOM   346 O  O   . LEU A 1 46 ? -0.622  -24.580 -5.642  1.00 16.10  ? 87   LEU A O   1 
ATOM   347 C  CB  . LEU A 1 46 ? -0.835  -24.375 -2.330  1.00 12.68  ? 87   LEU A CB  1 
ATOM   348 C  CG  . LEU A 1 46 ? -1.749  -25.577 -2.607  1.00 12.40  ? 87   LEU A CG  1 
ATOM   349 C  CD1 . LEU A 1 46 ? -0.943  -26.774 -3.061  1.00 14.67  ? 87   LEU A CD1 1 
ATOM   350 C  CD2 . LEU A 1 46 ? -2.567  -25.932 -1.382  1.00 17.32  ? 87   LEU A CD2 1 
ATOM   351 N  N   . CYS A 1 47 ? -1.312  -22.609 -4.860  1.00 14.30  ? 88   CYS A N   1 
ATOM   352 C  CA  . CYS A 1 47 ? -2.087  -22.349 -6.056  1.00 12.26  ? 88   CYS A CA  1 
ATOM   353 C  C   . CYS A 1 47 ? -1.117  -22.115 -7.228  1.00 8.41   ? 88   CYS A C   1 
ATOM   354 O  O   . CYS A 1 47 ? -1.423  -22.444 -8.367  1.00 19.57  ? 88   CYS A O   1 
ATOM   355 C  CB  . CYS A 1 47 ? -3.029  -21.154 -5.858  1.00 19.69  ? 88   CYS A CB  1 
ATOM   356 S  SG  . CYS A 1 47 ? -4.410  -21.423 -4.701  1.00 13.75  ? 88   CYS A SG  1 
ATOM   357 N  N   . THR A 1 48 ? 0.091   -21.647 -6.919  1.00 14.73  ? 89   THR A N   1 
ATOM   358 C  CA  . THR A 1 48 ? 1.111   -21.421 -7.942  1.00 12.92  ? 89   THR A CA  1 
ATOM   359 C  C   . THR A 1 48 ? 1.500   -22.760 -8.585  1.00 45.98  ? 89   THR A C   1 
ATOM   360 O  O   . THR A 1 48 ? 2.053   -22.785 -9.686  1.00 30.88  ? 89   THR A O   1 
ATOM   361 C  CB  . THR A 1 48 ? 2.353   -20.711 -7.334  1.00 28.18  ? 89   THR A CB  1 
ATOM   362 O  OG1 . THR A 1 48 ? 2.077   -19.317 -7.115  1.00 22.36  ? 89   THR A OG1 1 
ATOM   363 C  CG2 . THR A 1 48 ? 3.521   -20.695 -8.310  1.00 28.21  ? 89   THR A CG2 1 
ATOM   364 N  N   . LEU A 1 49 ? 1.152   -23.864 -7.917  1.00 40.36  ? 90   LEU A N   1 
ATOM   365 C  CA  . LEU A 1 49 ? 1.386   -25.220 -8.429  1.00 32.91  ? 90   LEU A CA  1 
ATOM   366 C  C   . LEU A 1 49 ? 0.086   -25.934 -8.803  1.00 14.51  ? 90   LEU A C   1 
ATOM   367 O  O   . LEU A 1 49 ? 0.108   -26.923 -9.534  1.00 37.19  ? 90   LEU A O   1 
ATOM   368 C  CB  . LEU A 1 49 ? 2.106   -26.071 -7.379  1.00 11.93  ? 90   LEU A CB  1 
ATOM   369 C  CG  . LEU A 1 49 ? 3.576   -25.757 -7.092  1.00 19.00  ? 90   LEU A CG  1 
ATOM   370 C  CD1 . LEU A 1 49 ? 3.920   -24.308 -7.394  1.00 64.10  ? 90   LEU A CD1 1 
ATOM   371 C  CD2 . LEU A 1 49 ? 3.921   -26.114 -5.653  1.00 45.18  ? 90   LEU A CD2 1 
ATOM   372 N  N   . GLN A 1 50 ? -1.024  -25.502 -8.212  1.00 47.99  ? 91   GLN A N   1 
ATOM   373 C  CA  . GLN A 1 50 ? -2.332  -26.100 -8.472  1.00 21.53  ? 91   GLN A CA  1 
ATOM   374 C  C   . GLN A 1 50 ? -2.693  -27.160 -7.435  1.00 51.93  ? 91   GLN A C   1 
ATOM   375 O  O   . GLN A 1 50 ? -2.293  -28.316 -7.564  1.00 79.44  ? 91   GLN A O   1 
ATOM   376 C  CB  . GLN A 1 50 ? -2.385  -26.701 -9.880  1.00 48.95  ? 91   GLN A CB  1 
ATOM   377 C  CG  . GLN A 1 50 ? -3.704  -27.390 -10.216 1.00 43.06  ? 91   GLN A CG  1 
ATOM   378 C  CD  . GLN A 1 50 ? -4.862  -26.403 -10.347 1.00 81.30  ? 91   GLN A CD  1 
ATOM   379 O  OE1 . GLN A 1 50 ? -5.801  -26.426 -9.530  1.00 78.37  ? 91   GLN A OE1 1 
ATOM   380 N  NE2 . GLN A 1 50 ? -4.803  -25.537 -11.376 1.00 93.07  ? 91   GLN A NE2 1 
ATOM   381 N  N   . ARG A 1 51 ? -3.472  -26.769 -6.429  1.00 22.66  ? 92   ARG A N   1 
ATOM   382 C  CA  . ARG A 1 51 ? -4.315  -27.713 -5.698  1.00 50.45  ? 92   ARG A CA  1 
ATOM   383 C  C   . ARG A 1 51 ? -4.989  -27.071 -4.481  1.00 44.35  ? 92   ARG A C   1 
ATOM   384 O  O   . ARG A 1 51 ? -5.230  -27.742 -3.474  1.00 52.39  ? 92   ARG A O   1 
ATOM   385 C  CB  . ARG A 1 51 ? -3.485  -28.925 -5.260  1.00 54.85  ? 92   ARG A CB  1 
ATOM   386 C  CG  . ARG A 1 51 ? -4.293  -30.110 -4.752  1.00 66.71  ? 92   ARG A CG  1 
ATOM   387 C  CD  . ARG A 1 51 ? -3.864  -30.590 -3.376  1.00 26.30  ? 92   ARG A CD  1 
ATOM   388 N  NE  . ARG A 1 51 ? -3.595  -32.026 -3.334  1.00 88.87  ? 92   ARG A NE  1 
ATOM   389 C  CZ  . ARG A 1 51 ? -2.380  -32.569 -3.341  1.00 65.24  ? 92   ARG A CZ  1 
ATOM   390 N  NH1 . ARG A 1 51 ? -1.300  -31.804 -3.442  1.00 8.09   ? 92   ARG A NH1 1 
ATOM   391 N  NH2 . ARG A 1 51 ? -2.245  -33.887 -3.284  1.00 88.97  ? 92   ARG A NH2 1 
ATOM   392 N  N   . GLN A 1 52 ? -5.319  -25.786 -4.587  1.00 70.55  ? 93   GLN A N   1 
ATOM   393 C  CA  . GLN A 1 52 ? -6.349  -25.179 -3.739  1.00 79.06  ? 93   GLN A CA  1 
ATOM   394 C  C   . GLN A 1 52 ? -6.774  -23.810 -4.269  1.00 79.64  ? 93   GLN A C   1 
ATOM   395 C  CB  . GLN A 1 52 ? -5.858  -25.048 -2.296  1.00 85.11  ? 93   GLN A CB  1 
ATOM   396 C  CG  . GLN A 1 52 ? -5.069  -23.778 -2.017  1.00 63.70  ? 93   GLN A CG  1 
ATOM   397 C  CD  . GLN A 1 52 ? -4.931  -23.493 -0.534  1.00 73.26  ? 93   GLN A CD  1 
ATOM   398 O  OE1 . GLN A 1 52 ? -4.717  -22.348 -0.136  1.00 46.39  ? 93   GLN A OE1 1 
ATOM   399 N  NE2 . GLN A 1 52 ? -5.057  -24.530 0.287   1.00 91.57  ? 93   GLN A NE2 1 
ATOM   400 O  OXT . GLN A 1 52 ? -6.726  -23.540 -5.470  1.00 67.37  ? 93   GLN A OXT 1 
ATOM   401 N  N   . MET B 1 1  ? -18.968 7.209   -7.597  1.00 37.12  ? 42   MET B N   1 
ATOM   402 C  CA  . MET B 1 1  ? -18.290 8.451   -7.115  1.00 40.23  ? 42   MET B CA  1 
ATOM   403 C  C   . MET B 1 1  ? -16.991 8.101   -6.399  1.00 29.02  ? 42   MET B C   1 
ATOM   404 O  O   . MET B 1 1  ? -15.906 8.196   -6.977  1.00 21.47  ? 42   MET B O   1 
ATOM   405 C  CB  . MET B 1 1  ? -19.212 9.234   -6.185  1.00 41.64  ? 42   MET B CB  1 
ATOM   406 N  N   . LYS B 1 2  ? -17.101 7.727   -5.129  1.00 24.23  ? 43   LYS B N   1 
ATOM   407 C  CA  . LYS B 1 2  ? -15.939 7.276   -4.377  1.00 16.45  ? 43   LYS B CA  1 
ATOM   408 C  C   . LYS B 1 2  ? -15.437 5.950   -4.952  1.00 19.31  ? 43   LYS B C   1 
ATOM   409 O  O   . LYS B 1 2  ? -16.214 5.126   -5.423  1.00 23.94  ? 43   LYS B O   1 
ATOM   410 C  CB  . LYS B 1 2  ? -16.281 7.107   -2.893  1.00 20.56  ? 43   LYS B CB  1 
ATOM   411 C  CG  . LYS B 1 2  ? -16.414 8.426   -2.134  1.00 24.78  ? 43   LYS B CG  1 
ATOM   412 C  CD  . LYS B 1 2  ? -16.518 8.207   -0.631  1.00 32.71  ? 43   LYS B CD  1 
ATOM   413 C  CE  . LYS B 1 2  ? -17.961 8.083   -0.177  1.00 44.92  ? 43   LYS B CE  1 
ATOM   414 N  NZ  . LYS B 1 2  ? -18.182 8.723   1.148   1.00 32.09  ? 43   LYS B NZ  1 
ATOM   415 N  N   . GLN B 1 3  ? -14.126 5.789   -4.991  1.00 13.25  ? 44   GLN B N   1 
ATOM   416 C  CA  . GLN B 1 3  ? -13.529 4.485   -5.250  1.00 13.47  ? 44   GLN B CA  1 
ATOM   417 C  C   . GLN B 1 3  ? -12.389 4.207   -4.272  1.00 13.32  ? 44   GLN B C   1 
ATOM   418 O  O   . GLN B 1 3  ? -11.805 5.131   -3.712  1.00 12.51  ? 44   GLN B O   1 
ATOM   419 C  CB  . GLN B 1 3  ? -13.006 4.433   -6.682  1.00 16.71  ? 44   GLN B CB  1 
ATOM   420 C  CG  . GLN B 1 3  ? -11.839 5.364   -6.946  1.00 20.98  ? 44   GLN B CG  1 
ATOM   421 C  CD  . GLN B 1 3  ? -11.570 5.538   -8.426  1.00 55.35  ? 44   GLN B CD  1 
ATOM   422 O  OE1 . GLN B 1 3  ? -12.330 6.209   -9.124  1.00 29.23  ? 44   GLN B OE1 1 
ATOM   423 N  NE2 . GLN B 1 3  ? -10.512 4.906   -8.916  1.00 31.65  ? 44   GLN B NE2 1 
ATOM   424 N  N   . PRO B 1 4  ? -12.042 2.933   -4.111  1.00 14.02  ? 45   PRO B N   1 
ATOM   425 C  CA  . PRO B 1 4  ? -10.886 2.543   -3.294  1.00 21.30  ? 45   PRO B CA  1 
ATOM   426 C  C   . PRO B 1 4  ? -9.570  3.068   -3.852  1.00 8.95   ? 45   PRO B C   1 
ATOM   427 O  O   . PRO B 1 4  ? -9.387  3.131   -5.077  1.00 12.77  ? 45   PRO B O   1 
ATOM   428 C  CB  . PRO B 1 4  ? -10.901 1.008   -3.345  1.00 23.95  ? 45   PRO B CB  1 
ATOM   429 C  CG  . PRO B 1 4  ? -12.230 0.623   -3.912  1.00 22.33  ? 45   PRO B CG  1 
ATOM   430 C  CD  . PRO B 1 4  ? -12.715 1.774   -4.725  1.00 15.86  ? 45   PRO B CD  1 
ATOM   431 N  N   . TYR B 1 5  ? -8.713  3.546   -2.964  1.00 10.37  ? 46   TYR B N   1 
ATOM   432 C  CA  . TYR B 1 5  ? -7.393  4.018   -3.329  1.00 11.95  ? 46   TYR B CA  1 
ATOM   433 C  C   . TYR B 1 5  ? -6.416  3.598   -2.247  1.00 14.08  ? 46   TYR B C   1 
ATOM   434 O  O   . TYR B 1 5  ? -6.757  3.576   -1.063  1.00 11.73  ? 46   TYR B O   1 
ATOM   435 C  CB  . TYR B 1 5  ? -7.390  5.536   -3.483  1.00 9.42   ? 46   TYR B CB  1 
ATOM   436 C  CG  . TYR B 1 5  ? -6.041  6.124   -3.790  1.00 19.07  ? 46   TYR B CG  1 
ATOM   437 C  CD1 . TYR B 1 5  ? -5.554  6.158   -5.091  1.00 48.01  ? 46   TYR B CD1 1 
ATOM   438 C  CD2 . TYR B 1 5  ? -5.298  6.757   -2.795  1.00 26.83  ? 46   TYR B CD2 1 
ATOM   439 C  CE1 . TYR B 1 5  ? -4.324  6.735   -5.378  1.00 46.59  ? 46   TYR B CE1 1 
ATOM   440 C  CE2 . TYR B 1 5  ? -4.067  7.321   -3.070  1.00 53.33  ? 46   TYR B CE2 1 
ATOM   441 C  CZ  . TYR B 1 5  ? -3.590  7.317   -4.363  1.00 38.76  ? 46   TYR B CZ  1 
ATOM   442 O  OH  . TYR B 1 5  ? -2.373  7.900   -4.638  1.00 69.47  ? 46   TYR B OH  1 
ATOM   443 N  N   . ALA B 1 6  ? -5.217  3.210   -2.660  1.00 10.59  ? 47   ALA B N   1 
ATOM   444 C  CA  . ALA B 1 6  ? -4.154  2.893   -1.724  1.00 10.73  ? 47   ALA B CA  1 
ATOM   445 C  C   . ALA B 1 6  ? -3.246  4.107   -1.518  1.00 11.08  ? 47   ALA B C   1 
ATOM   446 O  O   . ALA B 1 6  ? -2.529  4.528   -2.438  1.00 13.01  ? 47   ALA B O   1 
ATOM   447 C  CB  . ALA B 1 6  ? -3.340  1.705   -2.230  1.00 12.89  ? 47   ALA B CB  1 
ATOM   448 N  N   . VAL B 1 7  ? -3.306  4.696   -0.330  1.00 9.00   ? 48   VAL B N   1 
ATOM   449 C  CA  . VAL B 1 7  ? -2.404  5.780   0.013   1.00 11.83  ? 48   VAL B CA  1 
ATOM   450 C  C   . VAL B 1 7  ? -1.106  5.189   0.531   1.00 9.61   ? 48   VAL B C   1 
ATOM   451 O  O   . VAL B 1 7  ? -1.126  4.333   1.405   1.00 11.23  ? 48   VAL B O   1 
ATOM   452 C  CB  . VAL B 1 7  ? -3.013  6.710   1.089   1.00 18.25  ? 48   VAL B CB  1 
ATOM   453 C  CG1 . VAL B 1 7  ? -2.040  7.830   1.447   1.00 16.71  ? 48   VAL B CG1 1 
ATOM   454 C  CG2 . VAL B 1 7  ? -4.354  7.267   0.618   1.00 26.34  ? 48   VAL B CG2 1 
ATOM   455 N  N   . VAL B 1 8  ? 0.000   5.554   -0.101  1.00 9.77   ? 49   VAL B N   1 
ATOM   456 C  CA  . VAL B 1 8  ? 1.325   5.162   0.368   1.00 7.65   ? 49   VAL B CA  1 
ATOM   457 C  C   . VAL B 1 8  ? 2.175   6.401   0.576   1.00 6.29   ? 49   VAL B C   1 
ATOM   458 O  O   . VAL B 1 8  ? 2.364   7.192   -0.341  1.00 11.81  ? 49   VAL B O   1 
ATOM   459 C  CB  . VAL B 1 8  ? 2.025   4.230   -0.638  1.00 10.45  ? 49   VAL B CB  1 
ATOM   460 C  CG1 . VAL B 1 8  ? 3.390   3.818   -0.132  1.00 18.53  ? 49   VAL B CG1 1 
ATOM   461 C  CG2 . VAL B 1 8  ? 1.170   3.014   -0.893  1.00 10.31  ? 49   VAL B CG2 1 
ATOM   462 N  N   . ALA B 1 9  ? 2.689   6.556   1.787   1.00 10.41  ? 50   ALA B N   1 
ATOM   463 C  CA  . ALA B 1 9  ? 3.438   7.753   2.140   1.00 17.18  ? 50   ALA B CA  1 
ATOM   464 C  C   . ALA B 1 9  ? 4.410   7.453   3.268   1.00 11.01  ? 50   ALA B C   1 
ATOM   465 O  O   . ALA B 1 9  ? 4.175   6.576   4.083   1.00 12.20  ? 50   ALA B O   1 
ATOM   466 C  CB  . ALA B 1 9  ? 2.485   8.867   2.535   1.00 17.08  ? 50   ALA B CB  1 
ATOM   467 N  N   . SER B 1 10 ? 5.476   8.233   3.331   1.00 13.13  ? 51   SER B N   1 
ATOM   468 C  CA  . SER B 1 10 ? 6.510   8.034   4.338   1.00 12.43  ? 51   SER B CA  1 
ATOM   469 C  C   . SER B 1 10 ? 6.023   8.511   5.705   1.00 7.64   ? 51   SER B C   1 
ATOM   470 O  O   . SER B 1 10 ? 5.485   9.614   5.832   1.00 12.69  ? 51   SER B O   1 
ATOM   471 C  CB  . SER B 1 10 ? 7.769   8.808   3.951   1.00 17.40  ? 51   SER B CB  1 
ATOM   472 O  OG  . SER B 1 10 ? 7.418   10.049  3.367   1.00 40.59  ? 51   SER B OG  1 
ATOM   473 N  N   . CYS B 1 11 ? 6.277   7.698   6.727   1.00 10.69  ? 52   CYS B N   1 
ATOM   474 C  CA  . CYS B 1 11 ? 5.987   8.061   8.106   1.00 10.81  ? 52   CYS B CA  1 
ATOM   475 C  C   . CYS B 1 11 ? 6.626   9.398   8.450   1.00 7.02   ? 52   CYS B C   1 
ATOM   476 O  O   . CYS B 1 11 ? 7.798   9.633   8.130   1.00 11.34  ? 52   CYS B O   1 
ATOM   477 C  CB  . CYS B 1 11 ? 6.517   6.996   9.070   1.00 9.10   ? 52   CYS B CB  1 
ATOM   478 S  SG  . CYS B 1 11 ? 6.239   7.401   10.801  1.00 12.13  ? 52   CYS B SG  1 
ATOM   479 N  N   . ALA B 1 12 ? 5.863   10.256  9.119   1.00 11.79  ? 53   ALA B N   1 
ATOM   480 C  CA  . ALA B 1 12 ? 6.364   11.560  9.583   1.00 14.69  ? 53   ALA B CA  1 
ATOM   481 C  C   . ALA B 1 12 ? 7.677   11.458  10.357  1.00 25.31  ? 53   ALA B C   1 
ATOM   482 O  O   . ALA B 1 12 ? 8.521   12.356  10.278  1.00 20.98  ? 53   ALA B O   1 
ATOM   483 C  CB  . ALA B 1 12 ? 5.303   12.248  10.446  1.00 14.67  ? 53   ALA B CB  1 
ATOM   484 N  N   . TYR B 1 13 ? 7.842   10.390  11.134  1.00 14.90  ? 54   TYR B N   1 
ATOM   485 C  CA  . TYR B 1 13 ? 8.918   10.348  12.114  1.00 16.03  ? 54   TYR B CA  1 
ATOM   486 C  C   . TYR B 1 13 ? 10.102  9.486   11.673  1.00 25.86  ? 54   TYR B C   1 
ATOM   487 O  O   . TYR B 1 13 ? 11.238  9.947   11.674  1.00 39.59  ? 54   TYR B O   1 
ATOM   488 C  CB  . TYR B 1 13 ? 8.380   9.887   13.467  1.00 12.38  ? 54   TYR B CB  1 
ATOM   489 C  CG  . TYR B 1 13 ? 7.386   10.861  14.065  1.00 14.63  ? 54   TYR B CG  1 
ATOM   490 C  CD1 . TYR B 1 13 ? 7.778   12.137  14.441  1.00 17.82  ? 54   TYR B CD1 1 
ATOM   491 C  CD2 . TYR B 1 13 ? 6.036   10.555  14.128  1.00 12.12  ? 54   TYR B CD2 1 
ATOM   492 C  CE1 . TYR B 1 13 ? 6.876   13.042  14.950  1.00 26.23  ? 54   TYR B CE1 1 
ATOM   493 C  CE2 . TYR B 1 13 ? 5.125   11.446  14.659  1.00 14.97  ? 54   TYR B CE2 1 
ATOM   494 C  CZ  . TYR B 1 13 ? 5.551   12.686  15.086  1.00 23.90  ? 54   TYR B CZ  1 
ATOM   495 O  OH  . TYR B 1 13 ? 4.646   13.600  15.587  1.00 23.48  ? 54   TYR B OH  1 
ATOM   496 N  N   . CYS B 1 14 ? 9.839   8.248   11.269  1.00 13.06  ? 55   CYS B N   1 
ATOM   497 C  CA  . CYS B 1 14 ? 10.900  7.350   10.824  1.00 17.46  ? 55   CYS B CA  1 
ATOM   498 C  C   . CYS B 1 14 ? 10.992  7.222   9.308   1.00 23.30  ? 55   CYS B C   1 
ATOM   499 O  O   . CYS B 1 14 ? 11.863  6.527   8.797   1.00 30.33  ? 55   CYS B O   1 
ATOM   500 C  CB  . CYS B 1 14 ? 10.733  5.959   11.432  1.00 6.39   ? 55   CYS B CB  1 
ATOM   501 S  SG  . CYS B 1 14 ? 9.272   5.063   10.847  1.00 11.73  ? 55   CYS B SG  1 
ATOM   502 N  N   . GLU B 1 15 ? 10.051  7.837   8.603   1.00 14.44  ? 56   GLU B N   1 
ATOM   503 C  CA  . GLU B 1 15 ? 10.115  7.985   7.155   1.00 8.16   ? 56   GLU B CA  1 
ATOM   504 C  C   . GLU B 1 15 ? 9.801   6.662   6.434   1.00 25.05  ? 56   GLU B C   1 
ATOM   505 O  O   . GLU B 1 15 ? 9.793   6.617   5.203   1.00 26.83  ? 56   GLU B O   1 
ATOM   506 C  CB  . GLU B 1 15 ? 11.483  8.509   6.717   1.00 42.18  ? 56   GLU B CB  1 
ATOM   507 C  CG  . GLU B 1 15 ? 11.422  9.457   5.530   1.00 48.34  ? 56   GLU B CG  1 
ATOM   508 C  CD  . GLU B 1 15 ? 12.413  10.601  5.643   1.00 91.06  ? 56   GLU B CD  1 
ATOM   509 O  OE1 . GLU B 1 15 ? 13.626  10.327  5.756   1.00 93.33  ? 56   GLU B OE1 1 
ATOM   510 O  OE2 . GLU B 1 15 ? 11.978  11.773  5.608   1.00 103.43 ? 56   GLU B OE2 1 
ATOM   511 N  N   . LYS B 1 16 ? 9.527   5.603   7.195   1.00 20.64  ? 57   LYS B N   1 
ATOM   512 C  CA  . LYS B 1 16 ? 9.174   4.300   6.613   1.00 24.52  ? 57   LYS B CA  1 
ATOM   513 C  C   . LYS B 1 16 ? 7.793   4.331   5.953   1.00 15.29  ? 57   LYS B C   1 
ATOM   514 O  O   . LYS B 1 16 ? 6.925   5.098   6.363   1.00 19.09  ? 57   LYS B O   1 
ATOM   515 C  CB  . LYS B 1 16 ? 9.216   3.210   7.687   1.00 42.07  ? 57   LYS B CB  1 
ATOM   516 C  CG  . LYS B 1 16 ? 7.934   2.402   7.812   1.00 24.75  ? 57   LYS B CG  1 
ATOM   517 C  CD  . LYS B 1 16 ? 7.934   1.517   9.057   1.00 47.18  ? 57   LYS B CD  1 
ATOM   518 C  CE  . LYS B 1 16 ? 8.665   0.202   8.815   1.00 67.57  ? 57   LYS B CE  1 
ATOM   519 N  NZ  . LYS B 1 16 ? 7.834   -0.780  8.061   1.00 46.14  ? 57   LYS B NZ  1 
ATOM   520 N  N   . LEU B 1 17 ? 7.588   3.508   4.921   1.00 18.37  ? 58   LEU B N   1 
ATOM   521 C  CA  . LEU B 1 17 ? 6.365   3.598   4.107   1.00 16.51  ? 58   LEU B CA  1 
ATOM   522 C  C   . LEU B 1 17 ? 5.129   3.092   4.832   1.00 18.73  ? 58   LEU B C   1 
ATOM   523 O  O   . LEU B 1 17 ? 5.121   1.995   5.400   1.00 18.33  ? 58   LEU B O   1 
ATOM   524 C  CB  . LEU B 1 17 ? 6.523   2.848   2.776   1.00 14.51  ? 58   LEU B CB  1 
ATOM   525 C  CG  . LEU B 1 17 ? 6.686   3.679   1.497   1.00 44.74  ? 58   LEU B CG  1 
ATOM   526 C  CD1 . LEU B 1 17 ? 7.318   5.016   1.754   1.00 15.35  ? 58   LEU B CD1 1 
ATOM   527 C  CD2 . LEU B 1 17 ? 7.504   2.932   0.471   1.00 18.07  ? 58   LEU B CD2 1 
ATOM   528 N  N   . VAL B 1 18 ? 4.066   3.889   4.769   1.00 11.68  ? 59   VAL B N   1 
ATOM   529 C  CA  . VAL B 1 18 ? 2.814   3.567   5.422   1.00 9.15   ? 59   VAL B CA  1 
ATOM   530 C  C   . VAL B 1 18 ? 1.733   3.427   4.359   1.00 12.25  ? 59   VAL B C   1 
ATOM   531 O  O   . VAL B 1 18 ? 1.616   4.273   3.475   1.00 13.48  ? 59   VAL B O   1 
ATOM   532 C  CB  . VAL B 1 18 ? 2.396   4.693   6.381   1.00 9.23   ? 59   VAL B CB  1 
ATOM   533 C  CG1 . VAL B 1 18 ? 1.087   4.378   7.062   1.00 16.93  ? 59   VAL B CG1 1 
ATOM   534 C  CG2 . VAL B 1 18 ? 3.494   4.952   7.393   1.00 19.68  ? 59   VAL B CG2 1 
ATOM   535 N  N   . ARG B 1 19 ? 0.979   2.343   4.429   1.00 11.87  ? 60   ARG B N   1 
ATOM   536 C  CA  . ARG B 1 19 ? -0.133  2.110   3.510   1.00 11.62  ? 60   ARG B CA  1 
ATOM   537 C  C   . ARG B 1 19 ? -1.480  2.233   4.209   1.00 13.03  ? 60   ARG B C   1 
ATOM   538 O  O   . ARG B 1 19 ? -1.694  1.682   5.288   1.00 13.07  ? 60   ARG B O   1 
ATOM   539 C  CB  . ARG B 1 19 ? -0.004  0.723   2.881   1.00 13.28  ? 60   ARG B CB  1 
ATOM   540 C  CG  . ARG B 1 19 ? -1.054  0.418   1.825   1.00 13.23  ? 60   ARG B CG  1 
ATOM   541 C  CD  . ARG B 1 19 ? -1.331  -1.075  1.651   1.00 13.17  ? 60   ARG B CD  1 
ATOM   542 N  NE  . ARG B 1 19 ? -2.373  -1.319  0.659   1.00 11.41  ? 60   ARG B NE  1 
ATOM   543 C  CZ  . ARG B 1 19 ? -3.658  -1.113  0.866   1.00 13.11  ? 60   ARG B CZ  1 
ATOM   544 N  NH1 . ARG B 1 19 ? -4.089  -0.741  2.068   1.00 12.87  ? 60   ARG B NH1 1 
ATOM   545 N  NH2 . ARG B 1 19 ? -4.515  -1.310  -0.121  1.00 10.19  ? 60   ARG B NH2 1 
ATOM   546 N  N   . LEU B 1 20 ? -2.397  2.957   3.581   1.00 11.15  ? 61   LEU B N   1 
ATOM   547 C  CA  . LEU B 1 20 ? -3.792  3.003   4.018   1.00 11.20  ? 61   LEU B CA  1 
ATOM   548 C  C   . LEU B 1 20 ? -4.678  2.734   2.810   1.00 12.40  ? 61   LEU B C   1 
ATOM   549 O  O   . LEU B 1 20 ? -4.343  3.119   1.692   1.00 14.34  ? 61   LEU B O   1 
ATOM   550 C  CB  . LEU B 1 20 ? -4.114  4.390   4.586   1.00 15.35  ? 61   LEU B CB  1 
ATOM   551 C  CG  . LEU B 1 20 ? -3.320  4.899   5.785   1.00 24.96  ? 61   LEU B CG  1 
ATOM   552 C  CD1 . LEU B 1 20 ? -3.750  6.335   6.076   1.00 22.79  ? 61   LEU B CD1 1 
ATOM   553 C  CD2 . LEU B 1 20 ? -3.494  4.016   7.015   1.00 28.20  ? 61   LEU B CD2 1 
ATOM   554 N  N   . THR B 1 21 ? -5.834  2.117   3.037   1.00 11.96  ? 62   THR B N   1 
ATOM   555 C  CA  . THR B 1 21 ? -6.895  2.145   2.057   1.00 11.30  ? 62   THR B CA  1 
ATOM   556 C  C   . THR B 1 21 ? -7.803  3.297   2.406   1.00 15.69  ? 62   THR B C   1 
ATOM   557 O  O   . THR B 1 21 ? -8.268  3.397   3.546   1.00 12.98  ? 62   THR B O   1 
ATOM   558 C  CB  . THR B 1 21 ? -7.703  0.853   2.100   1.00 12.95  ? 62   THR B CB  1 
ATOM   559 O  OG1 . THR B 1 21 ? -6.877  -0.250  1.707   1.00 13.31  ? 62   THR B OG1 1 
ATOM   560 C  CG2 . THR B 1 21 ? -8.832  0.867   1.075   1.00 20.30  ? 62   THR B CG2 1 
ATOM   561 N  N   . VAL B 1 22 ? -8.212  4.036   1.383   1.00 12.49  ? 63   VAL B N   1 
ATOM   562 C  CA  . VAL B 1 22 ? -9.278  5.020   1.542   1.00 11.90  ? 63   VAL B CA  1 
ATOM   563 C  C   . VAL B 1 22 ? -10.302 4.842   0.438   1.00 14.69  ? 63   VAL B C   1 
ATOM   564 O  O   . VAL B 1 22 ? -10.037 4.221   -0.589  1.00 15.17  ? 63   VAL B O   1 
ATOM   565 C  CB  . VAL B 1 22 ? -8.757  6.474   1.507   1.00 13.13  ? 63   VAL B CB  1 
ATOM   566 C  CG1 . VAL B 1 22 ? -7.774  6.734   2.630   1.00 12.81  ? 63   VAL B CG1 1 
ATOM   567 C  CG2 . VAL B 1 22 ? -8.131  6.803   0.160   1.00 14.87  ? 63   VAL B CG2 1 
ATOM   568 N  N   . LEU B 1 23 ? -11.490 5.375   0.671   1.00 10.55  ? 64   LEU B N   1 
ATOM   569 C  CA  . LEU B 1 23 ? -12.470 5.538   -0.380  1.00 9.71   ? 64   LEU B CA  1 
ATOM   570 C  C   . LEU B 1 23 ? -12.627 7.033   -0.651  1.00 11.65  ? 64   LEU B C   1 
ATOM   571 O  O   . LEU B 1 23 ? -13.014 7.790   0.236   1.00 15.10  ? 64   LEU B O   1 
ATOM   572 C  CB  . LEU B 1 23 ? -13.810 4.951   0.069   1.00 12.60  ? 64   LEU B CB  1 
ATOM   573 C  CG  . LEU B 1 23 ? -14.040 3.483   -0.262  1.00 36.70  ? 64   LEU B CG  1 
ATOM   574 C  CD1 . LEU B 1 23 ? -12.953 2.627   0.364   1.00 24.86  ? 64   LEU B CD1 1 
ATOM   575 C  CD2 . LEU B 1 23 ? -15.421 3.056   0.210   1.00 28.51  ? 64   LEU B CD2 1 
ATOM   576 N  N   . ALA B 1 24 ? -12.425 7.443   -1.903  1.00 10.84  ? 65   ALA B N   1 
ATOM   577 C  CA  . ALA B 1 24 ? -12.307 8.856   -2.223  1.00 9.49   ? 65   ALA B CA  1 
ATOM   578 C  C   . ALA B 1 24 ? -12.874 9.130   -3.609  1.00 14.98  ? 65   ALA B C   1 
ATOM   579 O  O   . ALA B 1 24 ? -12.722 8.308   -4.511  1.00 15.34  ? 65   ALA B O   1 
ATOM   580 C  CB  . ALA B 1 24 ? -10.847 9.286   -2.171  1.00 15.52  ? 65   ALA B CB  1 
ATOM   581 N  N   . ASP B 1 25 ? -13.501 10.293  -3.786  1.00 11.87  ? 66   ASP B N   1 
ATOM   582 C  CA  . ASP B 1 25 ? -13.795 10.773  -5.126  1.00 8.78   ? 66   ASP B CA  1 
ATOM   583 C  C   . ASP B 1 25 ? -12.564 11.442  -5.720  1.00 19.70  ? 66   ASP B C   1 
ATOM   584 O  O   . ASP B 1 25 ? -11.524 11.526  -5.059  1.00 11.37  ? 66   ASP B O   1 
ATOM   585 C  CB  . ASP B 1 25 ? -15.023 11.689  -5.140  1.00 18.58  ? 66   ASP B CB  1 
ATOM   586 C  CG  . ASP B 1 25 ? -14.837 12.955  -4.335  1.00 16.30  ? 66   ASP B CG  1 
ATOM   587 O  OD1 . ASP B 1 25 ? -15.863 13.502  -3.877  1.00 31.50  ? 66   ASP B OD1 1 
ATOM   588 O  OD2 . ASP B 1 25 ? -13.742 13.539  -4.185  1.00 18.80  ? 66   ASP B OD2 1 
ATOM   589 N  N   . HIS B 1 26 ? -12.637 11.748  -7.011  1.00 13.82  ? 67   HIS B N   1 
ATOM   590 C  CA  . HIS B 1 26 ? -11.458 12.047  -7.817  1.00 25.14  ? 67   HIS B CA  1 
ATOM   591 C  C   . HIS B 1 26 ? -10.692 13.202  -7.207  1.00 13.02  ? 67   HIS B C   1 
ATOM   592 O  O   . HIS B 1 26 ? -9.466  13.165  -7.114  1.00 18.67  ? 67   HIS B O   1 
ATOM   593 C  CB  . HIS B 1 26 ? -11.879 12.435  -9.238  1.00 29.18  ? 67   HIS B CB  1 
ATOM   594 C  CG  . HIS B 1 26 ? -11.817 11.309  -10.223 1.00 42.65  ? 67   HIS B CG  1 
ATOM   595 N  ND1 . HIS B 1 26 ? -10.933 10.257  -10.103 1.00 58.74  ? 67   HIS B ND1 1 
ATOM   596 C  CD2 . HIS B 1 26 ? -12.500 11.097  -11.373 1.00 93.61  ? 67   HIS B CD2 1 
ATOM   597 C  CE1 . HIS B 1 26 ? -11.092 9.435   -11.126 1.00 84.33  ? 67   HIS B CE1 1 
ATOM   598 N  NE2 . HIS B 1 26 ? -12.033 9.923   -11.912 1.00 79.45  ? 67   HIS B NE2 1 
ATOM   599 N  N   . SER B 1 27 ? -11.431 14.221  -6.773  1.00 13.50  ? 68   SER B N   1 
ATOM   600 C  CA  . SER B 1 27 ? -10.843 15.461  -6.287  1.00 10.72  ? 68   SER B CA  1 
ATOM   601 C  C   . SER B 1 27 ? -10.233 15.278  -4.902  1.00 13.70  ? 68   SER B C   1 
ATOM   602 O  O   . SER B 1 27 ? -9.205  15.868  -4.595  1.00 16.62  ? 68   SER B O   1 
ATOM   603 C  CB  . SER B 1 27 ? -11.902 16.567  -6.247  1.00 18.15  ? 68   SER B CB  1 
ATOM   604 O  OG  . SER B 1 27 ? -12.269 16.940  -7.555  1.00 5.99   ? 68   SER B OG  1 
ATOM   605 N  N   . ALA B 1 28 ? -10.923 14.527  -4.052  1.00 13.18  ? 69   ALA B N   1 
ATOM   606 C  CA  . ALA B 1 28 ? -10.421 14.246  -2.708  1.00 18.58  ? 69   ALA B CA  1 
ATOM   607 C  C   . ALA B 1 28 ? -9.087  13.513  -2.780  1.00 13.49  ? 69   ALA B C   1 
ATOM   608 O  O   . ALA B 1 28 ? -8.183  13.798  -1.993  1.00 16.96  ? 69   ALA B O   1 
ATOM   609 C  CB  . ALA B 1 28 ? -11.433 13.433  -1.924  1.00 22.12  ? 69   ALA B CB  1 
ATOM   610 N  N   . ILE B 1 29 ? -8.941  12.629  -3.760  1.00 17.02  ? 70   ILE B N   1 
ATOM   611 C  CA  . ILE B 1 29 ? -7.683  11.919  -3.969  1.00 27.87  ? 70   ILE B CA  1 
ATOM   612 C  C   . ILE B 1 29 ? -6.556  12.838  -4.444  1.00 26.54  ? 70   ILE B C   1 
ATOM   613 O  O   . ILE B 1 29 ? -5.459  12.832  -3.880  1.00 17.30  ? 70   ILE B O   1 
ATOM   614 C  CB  . ILE B 1 29 ? -7.867  10.737  -4.945  1.00 39.18  ? 70   ILE B CB  1 
ATOM   615 C  CG1 . ILE B 1 29 ? -6.655  9.811   -4.875  1.00 48.61  ? 70   ILE B CG1 1 
ATOM   616 C  CG2 . ILE B 1 29 ? -8.067  11.220  -6.367  1.00 34.23  ? 70   ILE B CG2 1 
ATOM   617 C  CD1 . ILE B 1 29 ? -6.210  9.528   -3.463  1.00 29.85  ? 70   ILE B CD1 1 
ATOM   618 N  N   . ARG B 1 30 ? -6.837  13.667  -5.445  1.00 14.83  ? 71   ARG B N   1 
ATOM   619 C  CA  . ARG B 1 30 ? -5.843  14.614  -5.936  1.00 21.21  ? 71   ARG B CA  1 
ATOM   620 C  C   . ARG B 1 30 ? -5.410  15.541  -4.801  1.00 19.27  ? 71   ARG B C   1 
ATOM   621 O  O   . ARG B 1 30 ? -4.223  15.834  -4.642  1.00 24.58  ? 71   ARG B O   1 
ATOM   622 C  CB  . ARG B 1 30 ? -6.399  15.417  -7.127  1.00 13.07  ? 71   ARG B CB  1 
ATOM   623 C  CG  . ARG B 1 30 ? -6.492  16.923  -6.896  1.00 60.55  ? 71   ARG B CG  1 
ATOM   624 C  CD  . ARG B 1 30 ? -6.822  17.720  -8.151  1.00 92.48  ? 71   ARG B CD  1 
ATOM   625 N  NE  . ARG B 1 30 ? -8.023  18.538  -7.989  1.00 112.67 ? 71   ARG B NE  1 
ATOM   626 C  CZ  . ARG B 1 30 ? -9.165  18.342  -8.643  1.00 89.88  ? 71   ARG B CZ  1 
ATOM   627 N  NH1 . ARG B 1 30 ? -9.283  17.344  -9.512  1.00 30.15  ? 71   ARG B NH1 1 
ATOM   628 N  NH2 . ARG B 1 30 ? -10.197 19.148  -8.427  1.00 63.53  ? 71   ARG B NH2 1 
ATOM   629 N  N   . GLN B 1 31 ? -6.366  15.931  -3.965  1.00 16.00  ? 72   GLN B N   1 
ATOM   630 C  CA  . GLN B 1 31 ? -6.099  16.852  -2.867  1.00 16.85  ? 72   GLN B CA  1 
ATOM   631 C  C   . GLN B 1 31 ? -5.230  16.192  -1.812  1.00 15.58  ? 72   GLN B C   1 
ATOM   632 O  O   . GLN B 1 31 ? -4.266  16.784  -1.330  1.00 19.70  ? 72   GLN B O   1 
ATOM   633 C  CB  . GLN B 1 31 ? -7.404  17.306  -2.218  1.00 15.39  ? 72   GLN B CB  1 
ATOM   634 C  CG  . GLN B 1 31 ? -7.265  18.513  -1.319  1.00 31.22  ? 72   GLN B CG  1 
ATOM   635 C  CD  . GLN B 1 31 ? -8.521  19.359  -1.298  1.00 82.79  ? 72   GLN B CD  1 
ATOM   636 O  OE1 . GLN B 1 31 ? -9.514  18.992  -0.669  1.00 83.78  ? 72   GLN B OE1 1 
ATOM   637 N  NE2 . GLN B 1 31 ? -8.487  20.489  -1.996  1.00 109.15 ? 72   GLN B NE2 1 
ATOM   638 N  N   . LEU B 1 32 ? -5.606  14.983  -1.421  1.00 16.82  ? 73   LEU B N   1 
ATOM   639 C  CA  . LEU B 1 32 ? -4.853  14.243  -0.419  1.00 11.34  ? 73   LEU B CA  1 
ATOM   640 C  C   . LEU B 1 32 ? -3.422  14.025  -0.883  1.00 12.72  ? 73   LEU B C   1 
ATOM   641 O  O   . LEU B 1 32 ? -2.478  14.222  -0.114  1.00 14.28  ? 73   LEU B O   1 
ATOM   642 C  CB  . LEU B 1 32 ? -5.531  12.906  -0.129  1.00 19.08  ? 73   LEU B CB  1 
ATOM   643 C  CG  . LEU B 1 32 ? -4.920  12.086  1.003   1.00 21.02  ? 73   LEU B CG  1 
ATOM   644 C  CD1 . LEU B 1 32 ? -4.998  12.835  2.321   1.00 19.79  ? 73   LEU B CD1 1 
ATOM   645 C  CD2 . LEU B 1 32 ? -5.644  10.746  1.072   1.00 16.18  ? 73   LEU B CD2 1 
ATOM   646 N  N   . GLU B 1 33 ? -3.245  13.711  -2.164  1.00 13.93  ? 74   GLU B N   1 
ATOM   647 C  CA  . GLU B 1 33 ? -1.907  13.529  -2.719  1.00 16.99  ? 74   GLU B CA  1 
ATOM   648 C  C   . GLU B 1 33 ? -1.080  14.825  -2.773  1.00 15.22  ? 74   GLU B C   1 
ATOM   649 O  O   . GLU B 1 33 ? 0.127   14.801  -2.519  1.00 21.63  ? 74   GLU B O   1 
ATOM   650 C  CB  . GLU B 1 33 ? -1.979  12.874  -4.097  1.00 25.26  ? 74   GLU B CB  1 
ATOM   651 C  CG  . GLU B 1 33 ? -2.418  11.412  -4.071  1.00 25.80  ? 74   GLU B CG  1 
ATOM   652 C  CD  . GLU B 1 33 ? -1.520  10.541  -3.207  1.00 31.07  ? 74   GLU B CD  1 
ATOM   653 O  OE1 . GLU B 1 33 ? -2.045  9.669   -2.483  1.00 44.75  ? 74   GLU B OE1 1 
ATOM   654 O  OE2 . GLU B 1 33 ? -0.288  10.733  -3.249  1.00 55.19  ? 74   GLU B OE2 1 
ATOM   655 N  N   . GLU B 1 34 ? -1.710  15.934  -3.166  1.00 10.01  ? 75   GLU B N   1 
ATOM   656 C  CA  . GLU B 1 34 ? -1.099  17.255  -3.036  1.00 14.81  ? 75   GLU B CA  1 
ATOM   657 C  C   . GLU B 1 34 ? -0.675  17.530  -1.592  1.00 10.18  ? 75   GLU B C   1 
ATOM   658 O  O   . GLU B 1 34 ? 0.400   18.088  -1.348  1.00 17.25  ? 75   GLU B O   1 
ATOM   659 C  CB  . GLU B 1 34 ? -2.074  18.346  -3.493  1.00 20.40  ? 75   GLU B CB  1 
ATOM   660 C  CG  . GLU B 1 34 ? -2.214  18.473  -5.003  1.00 37.85  ? 75   GLU B CG  1 
ATOM   661 C  CD  . GLU B 1 34 ? -3.242  19.517  -5.406  1.00 63.93  ? 75   GLU B CD  1 
ATOM   662 O  OE1 . GLU B 1 34 ? -3.876  19.355  -6.473  1.00 29.45  ? 75   GLU B OE1 1 
ATOM   663 O  OE2 . GLU B 1 34 ? -3.424  20.497  -4.654  1.00 49.84  ? 75   GLU B OE2 1 
ATOM   664 N  N   . MET B 1 35 ? -1.545  17.213  -0.642  1.00 17.01  ? 76   MET B N   1 
ATOM   665 C  CA  . MET B 1 35 ? -1.283  17.514  0.763   1.00 15.25  ? 76   MET B CA  1 
ATOM   666 C  C   . MET B 1 35 ? -0.081  16.740  1.297   1.00 12.60  ? 76   MET B C   1 
ATOM   667 O  O   . MET B 1 35 ? 0.703   17.270  2.085   1.00 15.76  ? 76   MET B O   1 
ATOM   668 C  CB  . MET B 1 35 ? -2.508  17.204  1.618   1.00 15.51  ? 76   MET B CB  1 
ATOM   669 C  CG  . MET B 1 35 ? -3.598  18.263  1.546   1.00 27.74  ? 76   MET B CG  1 
ATOM   670 S  SD  . MET B 1 35 ? -5.238  17.577  1.797   1.00 28.53  ? 76   MET B SD  1 
ATOM   671 C  CE  . MET B 1 35 ? -5.488  17.973  3.468   1.00 21.12  ? 76   MET B CE  1 
ATOM   672 N  N   . LEU B 1 36 ? 0.092   15.511  0.821   1.00 12.66  ? 77   LEU B N   1 
ATOM   673 C  CA  . LEU B 1 36 ? 1.147   14.636  1.320   1.00 11.15  ? 77   LEU B CA  1 
ATOM   674 C  C   . LEU B 1 36 ? 2.535   15.062  0.833   1.00 19.58  ? 77   LEU B C   1 
ATOM   675 O  O   . LEU B 1 36 ? 3.547   14.625  1.383   1.00 16.55  ? 77   LEU B O   1 
ATOM   676 C  CB  . LEU B 1 36 ? 0.866   13.187  0.910   1.00 19.23  ? 77   LEU B CB  1 
ATOM   677 C  CG  . LEU B 1 36 ? -0.309  12.506  1.614   1.00 14.43  ? 77   LEU B CG  1 
ATOM   678 C  CD1 . LEU B 1 36 ? -0.691  11.240  0.877   1.00 14.54  ? 77   LEU B CD1 1 
ATOM   679 C  CD2 . LEU B 1 36 ? 0.016   12.212  3.073   1.00 13.96  ? 77   LEU B CD2 1 
ATOM   680 N  N   . LEU B 1 37 ? 2.572   15.941  -0.169  1.00 19.55  ? 78   LEU B N   1 
ATOM   681 C  CA  . LEU B 1 37 ? 3.800   16.612  -0.590  1.00 21.70  ? 78   LEU B CA  1 
ATOM   682 C  C   . LEU B 1 37 ? 4.529   17.248  0.587   1.00 27.01  ? 78   LEU B C   1 
ATOM   683 O  O   . LEU B 1 37 ? 5.708   16.978  0.807   1.00 32.10  ? 78   LEU B O   1 
ATOM   684 C  CB  . LEU B 1 37 ? 3.474   17.701  -1.627  1.00 15.69  ? 78   LEU B CB  1 
ATOM   685 C  CG  . LEU B 1 37 ? 4.181   17.671  -2.989  1.00 72.35  ? 78   LEU B CG  1 
ATOM   686 C  CD1 . LEU B 1 37 ? 5.477   18.477  -2.968  1.00 38.08  ? 78   LEU B CD1 1 
ATOM   687 C  CD2 . LEU B 1 37 ? 4.438   16.250  -3.446  1.00 78.25  ? 78   LEU B CD2 1 
ATOM   688 N  N   . ARG B 1 38 ? 3.819   18.090  1.336   1.00 27.34  ? 79   ARG B N   1 
ATOM   689 C  CA  . ARG B 1 38 ? 4.451   19.027  2.264   1.00 30.63  ? 79   ARG B CA  1 
ATOM   690 C  C   . ARG B 1 38 ? 3.603   19.265  3.517   1.00 21.98  ? 79   ARG B C   1 
ATOM   691 O  O   . ARG B 1 38 ? 4.128   19.310  4.629   1.00 50.44  ? 79   ARG B O   1 
ATOM   692 C  CB  . ARG B 1 38 ? 4.730   20.352  1.556   1.00 22.96  ? 79   ARG B CB  1 
ATOM   693 N  N   . SER B 1 39 ? 2.289   19.368  3.339   1.00 21.81  ? 80   SER B N   1 
ATOM   694 C  CA  . SER B 1 39 ? 1.408   19.947  4.350   1.00 11.06  ? 80   SER B CA  1 
ATOM   695 C  C   . SER B 1 39 ? 0.856   18.904  5.344   1.00 14.23  ? 80   SER B C   1 
ATOM   696 O  O   . SER B 1 39 ? 0.401   19.259  6.440   1.00 15.39  ? 80   SER B O   1 
ATOM   697 C  CB  . SER B 1 39 ? 0.243   20.673  3.669   1.00 26.14  ? 80   SER B CB  1 
ATOM   698 O  OG  . SER B 1 39 ? -0.606  19.763  2.987   1.00 29.60  ? 80   SER B OG  1 
ATOM   699 N  N   . LEU B 1 40 ? 0.900   17.628  4.958   1.00 10.60  ? 81   LEU B N   1 
ATOM   700 C  CA  . LEU B 1 40 ? 0.309   16.534  5.733   1.00 9.99   ? 81   LEU B CA  1 
ATOM   701 C  C   . LEU B 1 40 ? 1.266   15.348  5.729   1.00 10.32  ? 81   LEU B C   1 
ATOM   702 O  O   . LEU B 1 40 ? 1.809   14.987  4.690   1.00 11.01  ? 81   LEU B O   1 
ATOM   703 C  CB  . LEU B 1 40 ? -1.029  16.109  5.111   1.00 12.13  ? 81   LEU B CB  1 
ATOM   704 C  CG  . LEU B 1 40 ? -1.787  14.924  5.709   1.00 12.34  ? 81   LEU B CG  1 
ATOM   705 C  CD1 . LEU B 1 40 ? -2.304  15.260  7.084   1.00 12.73  ? 81   LEU B CD1 1 
ATOM   706 C  CD2 . LEU B 1 40 ? -2.936  14.518  4.779   1.00 18.60  ? 81   LEU B CD2 1 
ATOM   707 N  N   . ASN B 1 41 ? 1.479   14.747  6.889   1.00 10.46  ? 82   ASN B N   1 
ATOM   708 C  CA  . ASN B 1 41 ? 2.176   13.472  6.957   1.00 9.02   ? 82   ASN B CA  1 
ATOM   709 C  C   . ASN B 1 41 ? 1.317   12.483  7.738   1.00 9.17   ? 82   ASN B C   1 
ATOM   710 O  O   . ASN B 1 41 ? 0.752   12.814  8.791   1.00 12.67  ? 82   ASN B O   1 
ATOM   711 C  CB  . ASN B 1 41 ? 3.534   13.605  7.650   1.00 10.86  ? 82   ASN B CB  1 
ATOM   712 C  CG  . ASN B 1 41 ? 4.514   14.517  6.902   1.00 25.68  ? 82   ASN B CG  1 
ATOM   713 O  OD1 . ASN B 1 41 ? 4.590   14.512  5.673   1.00 24.58  ? 82   ASN B OD1 1 
ATOM   714 N  ND2 . ASN B 1 41 ? 5.326   15.242  7.659   1.00 26.35  ? 82   ASN B ND2 1 
ATOM   715 N  N   . ILE B 1 42 ? 1.302   11.241  7.277   1.00 11.94  ? 83   ILE B N   1 
ATOM   716 C  CA  . ILE B 1 42 ? 0.763   10.151  8.081   1.00 11.86  ? 83   ILE B CA  1 
ATOM   717 C  C   . ILE B 1 42 ? 1.889   9.469   8.859   1.00 9.98   ? 83   ILE B C   1 
ATOM   718 O  O   . ILE B 1 42 ? 3.069   9.808   8.720   1.00 10.98  ? 83   ILE B O   1 
ATOM   719 C  CB  . ILE B 1 42 ? -0.019  9.137   7.190   1.00 11.32  ? 83   ILE B CB  1 
ATOM   720 C  CG1 . ILE B 1 42 ? 0.921   8.464   6.184   1.00 20.79  ? 83   ILE B CG1 1 
ATOM   721 C  CG2 . ILE B 1 42 ? -1.167  9.842   6.466   1.00 15.08  ? 83   ILE B CG2 1 
ATOM   722 C  CD1 . ILE B 1 42 ? 0.237   7.424   5.294   1.00 22.31  ? 83   ILE B CD1 1 
ATOM   723 N  N   . VAL B 1 43 ? 1.511   8.575   9.758   1.00 9.99   ? 84   VAL B N   1 
ATOM   724 C  CA  . VAL B 1 43 ? 2.429   8.035   10.755  1.00 9.56   ? 84   VAL B CA  1 
ATOM   725 C  C   . VAL B 1 43 ? 2.239   6.525   10.866  1.00 10.64  ? 84   VAL B C   1 
ATOM   726 O  O   . VAL B 1 43 ? 1.113   6.041   10.830  1.00 13.76  ? 84   VAL B O   1 
ATOM   727 C  CB  . VAL B 1 43 ? 2.161   8.676   12.124  1.00 14.87  ? 84   VAL B CB  1 
ATOM   728 C  CG1 . VAL B 1 43 ? 3.159   8.161   13.159  1.00 18.04  ? 84   VAL B CG1 1 
ATOM   729 C  CG2 . VAL B 1 43 ? 2.217   10.185  12.028  1.00 16.90  ? 84   VAL B CG2 1 
ATOM   730 N  N   . CYS B 1 44 ? 3.331   5.775   11.008  1.00 11.51  ? 85   CYS B N   1 
ATOM   731 C  CA  . CYS B 1 44 ? 3.248   4.323   11.025  1.00 12.25  ? 85   CYS B CA  1 
ATOM   732 C  C   . CYS B 1 44 ? 2.676   3.842   12.347  1.00 11.71  ? 85   CYS B C   1 
ATOM   733 O  O   . CYS B 1 44 ? 2.580   4.606   13.301  1.00 10.77  ? 85   CYS B O   1 
ATOM   734 C  CB  . CYS B 1 44 ? 4.600   3.671   10.746  1.00 15.09  ? 85   CYS B CB  1 
ATOM   735 S  SG  . CYS B 1 44 ? 5.802   3.756   12.089  1.00 12.15  ? 85   CYS B SG  1 
ATOM   736 N  N   . PRO B 1 45 ? 2.237   2.594   12.395  1.00 12.97  ? 86   PRO B N   1 
ATOM   737 C  CA  . PRO B 1 45 ? 1.627   2.077   13.620  1.00 12.88  ? 86   PRO B CA  1 
ATOM   738 C  C   . PRO B 1 45 ? 2.532   2.170   14.846  1.00 12.69  ? 86   PRO B C   1 
ATOM   739 O  O   . PRO B 1 45 ? 2.060   2.563   15.916  1.00 14.20  ? 86   PRO B O   1 
ATOM   740 C  CB  . PRO B 1 45 ? 1.279   0.634   13.249  1.00 14.06  ? 86   PRO B CB  1 
ATOM   741 C  CG  . PRO B 1 45 ? 1.018   0.699   11.771  1.00 15.82  ? 86   PRO B CG  1 
ATOM   742 C  CD  . PRO B 1 45 ? 2.029   1.692   11.247  1.00 17.82  ? 86   PRO B CD  1 
ATOM   743 N  N   . LEU B 1 46 ? 3.823   1.891   14.687  1.00 12.80  ? 87   LEU B N   1 
ATOM   744 C  CA  . LEU B 1 46 ? 4.764   1.977   15.801  1.00 15.03  ? 87   LEU B CA  1 
ATOM   745 C  C   . LEU B 1 46 ? 4.928   3.407   16.282  1.00 10.32  ? 87   LEU B C   1 
ATOM   746 O  O   . LEU B 1 46 ? 4.868   3.678   17.481  1.00 11.49  ? 87   LEU B O   1 
ATOM   747 C  CB  . LEU B 1 46 ? 6.128   1.411   15.409  1.00 12.40  ? 87   LEU B CB  1 
ATOM   748 C  CG  . LEU B 1 46 ? 7.158   1.319   16.541  1.00 14.26  ? 87   LEU B CG  1 
ATOM   749 C  CD1 . LEU B 1 46 ? 6.584   0.631   17.775  1.00 16.11  ? 87   LEU B CD1 1 
ATOM   750 C  CD2 . LEU B 1 46 ? 8.411   0.608   16.073  1.00 22.61  ? 87   LEU B CD2 1 
ATOM   751 N  N   . CYS B 1 47 ? 5.234   4.305   15.356  1.00 14.19  ? 88   CYS B N   1 
ATOM   752 C  CA  . CYS B 1 47 ? 5.500   5.682   15.710  1.00 13.61  ? 88   CYS B CA  1 
ATOM   753 C  C   . CYS B 1 47 ? 4.260   6.321   16.340  1.00 13.90  ? 88   CYS B C   1 
ATOM   754 O  O   . CYS B 1 47 ? 4.380   7.135   17.255  1.00 15.53  ? 88   CYS B O   1 
ATOM   755 C  CB  . CYS B 1 47 ? 5.977   6.463   14.488  1.00 14.01  ? 88   CYS B CB  1 
ATOM   756 S  SG  . CYS B 1 47 ? 7.723   6.153   14.082  1.00 12.93  ? 88   CYS B SG  1 
ATOM   757 N  N   . THR B 1 48 ? 3.082   5.885   15.892  1.00 11.00  ? 89   THR B N   1 
ATOM   758 C  CA  . THR B 1 48 ? 1.799   6.354   16.428  1.00 11.89  ? 89   THR B CA  1 
ATOM   759 C  C   . THR B 1 48 ? 1.664   5.938   17.896  1.00 14.80  ? 89   THR B C   1 
ATOM   760 O  O   . THR B 1 48 ? 1.512   6.781   18.761  1.00 14.02  ? 89   THR B O   1 
ATOM   761 C  CB  . THR B 1 48 ? 0.636   5.773   15.611  1.00 11.67  ? 89   THR B CB  1 
ATOM   762 O  OG1 . THR B 1 48 ? 0.656   6.284   14.270  1.00 10.91  ? 89   THR B OG1 1 
ATOM   763 C  CG2 . THR B 1 48 ? -0.713  6.202   16.165  1.00 14.70  ? 89   THR B CG2 1 
ATOM   764 N  N   . LEU B 1 49 ? 1.939   4.672   18.187  1.00 14.16  ? 90   LEU B N   1 
ATOM   765 C  CA  . LEU B 1 49 ? 1.725   4.140   19.529  1.00 13.90  ? 90   LEU B CA  1 
ATOM   766 C  C   . LEU B 1 49 ? 2.793   4.636   20.494  1.00 13.13  ? 90   LEU B C   1 
ATOM   767 O  O   . LEU B 1 49 ? 2.516   4.843   21.671  1.00 22.42  ? 90   LEU B O   1 
ATOM   768 C  CB  . LEU B 1 49 ? 1.743   2.613   19.506  1.00 15.63  ? 90   LEU B CB  1 
ATOM   769 C  CG  . LEU B 1 49 ? 0.398   1.914   19.397  1.00 31.11  ? 90   LEU B CG  1 
ATOM   770 C  CD1 . LEU B 1 49 ? 0.630   0.487   18.925  1.00 29.79  ? 90   LEU B CD1 1 
ATOM   771 C  CD2 . LEU B 1 49 ? -0.335  1.960   20.753  1.00 21.71  ? 90   LEU B CD2 1 
ATOM   772 N  N   . GLN B 1 50 ? 3.999   4.872   19.985  1.00 13.10  ? 91   GLN B N   1 
ATOM   773 C  CA  . GLN B 1 50 ? 5.080   5.455   20.783  1.00 15.80  ? 91   GLN B CA  1 
ATOM   774 C  C   . GLN B 1 50 ? 4.707   6.828   21.354  1.00 19.19  ? 91   GLN B C   1 
ATOM   775 O  O   . GLN B 1 50 ? 5.308   7.278   22.337  1.00 17.06  ? 91   GLN B O   1 
ATOM   776 C  CB  . GLN B 1 50 ? 6.352   5.594   19.941  1.00 16.73  ? 91   GLN B CB  1 
ATOM   777 C  CG  . GLN B 1 50 ? 7.087   4.291   19.684  1.00 18.22  ? 91   GLN B CG  1 
ATOM   778 C  CD  . GLN B 1 50 ? 8.292   4.467   18.769  1.00 19.85  ? 91   GLN B CD  1 
ATOM   779 O  OE1 . GLN B 1 50 ? 8.381   5.450   18.021  1.00 18.89  ? 91   GLN B OE1 1 
ATOM   780 N  NE2 . GLN B 1 50 ? 9.216   3.520   18.822  1.00 26.24  ? 91   GLN B NE2 1 
ATOM   781 N  N   . ARG B 1 51 ? 3.793   7.524   20.683  1.00 16.10  ? 92   ARG B N   1 
ATOM   782 C  CA  . ARG B 1 51 ? 3.520   8.921   21.001  1.00 16.42  ? 92   ARG B CA  1 
ATOM   783 C  C   . ARG B 1 51 ? 2.151   9.114   21.625  1.00 19.08  ? 92   ARG B C   1 
ATOM   784 O  O   . ARG B 1 51 ? 1.783   10.223  22.004  1.00 20.23  ? 92   ARG B O   1 
ATOM   785 C  CB  . ARG B 1 51 ? 3.686   9.794   19.754  1.00 16.07  ? 92   ARG B CB  1 
ATOM   786 C  CG  . ARG B 1 51 ? 5.138   9.939   19.354  1.00 18.76  ? 92   ARG B CG  1 
ATOM   787 C  CD  . ARG B 1 51 ? 5.373   10.510  17.973  1.00 15.16  ? 92   ARG B CD  1 
ATOM   788 N  NE  . ARG B 1 51 ? 6.804   10.717  17.747  1.00 20.06  ? 92   ARG B NE  1 
ATOM   789 C  CZ  . ARG B 1 51 ? 7.658   9.735   17.500  1.00 17.69  ? 92   ARG B CZ  1 
ATOM   790 N  NH1 . ARG B 1 51 ? 7.213   8.491   17.324  1.00 18.93  ? 92   ARG B NH1 1 
ATOM   791 N  NH2 . ARG B 1 51 ? 8.947   10.003  17.326  1.00 20.99  ? 92   ARG B NH2 1 
ATOM   792 N  N   . GLN B 1 52 ? 1.406   8.020   21.753  1.00 18.42  ? 93   GLN B N   1 
ATOM   793 C  CA  . GLN B 1 52 ? 0.177   8.026   22.517  1.00 12.29  ? 93   GLN B CA  1 
ATOM   794 C  C   . GLN B 1 52 ? 0.465   7.837   24.002  1.00 25.02  ? 93   GLN B C   1 
ATOM   795 C  CB  . GLN B 1 52 ? -0.768  6.920   22.028  1.00 17.51  ? 93   GLN B CB  1 
ATOM   796 C  CG  . GLN B 1 52 ? -1.366  7.205   20.670  1.00 15.65  ? 93   GLN B CG  1 
ATOM   797 C  CD  . GLN B 1 52 ? -2.243  6.083   20.159  1.00 19.21  ? 93   GLN B CD  1 
ATOM   798 O  OE1 . GLN B 1 52 ? -3.476  6.139   20.268  1.00 27.66  ? 93   GLN B OE1 1 
ATOM   799 N  NE2 . GLN B 1 52 ? -1.622  5.092   19.540  1.00 15.91  ? 93   GLN B NE2 1 
ATOM   800 O  OXT . GLN B 1 52 ? 1.628   7.760   24.399  1.00 37.25  ? 93   GLN B OXT 1 
HETATM 801 ZN ZN  . ZN  C 2 .  ? -3.988  -19.686 -3.271  1.00 20.94  ? 1002 ZN  A ZN  1 
HETATM 802 ZN ZN  . ZN  D 2 .  ? 7.308   5.564   11.864  1.00 21.56  ? 1001 ZN  B ZN  1 
HETATM 803 O  O   . HOH E 3 .  ? 3.934   8.783   -7.186  1.00 22.72  ? 1003 HOH A O   1 
HETATM 804 O  O   . HOH E 3 .  ? -3.439  -2.146  -2.712  1.00 17.35  ? 1004 HOH A O   1 
HETATM 805 O  O   . HOH E 3 .  ? -3.480  -10.326 -4.950  1.00 21.86  ? 1005 HOH A O   1 
HETATM 806 O  O   . HOH E 3 .  ? -2.166  -4.831  -0.726  1.00 22.33  ? 1006 HOH A O   1 
HETATM 807 O  O   . HOH E 3 .  ? -4.297  3.375   -5.447  1.00 27.39  ? 1007 HOH A O   1 
HETATM 808 O  O   . HOH E 3 .  ? 0.881   -4.398  1.167   1.00 24.28  ? 1008 HOH A O   1 
HETATM 809 O  O   . HOH E 3 .  ? 6.720   -2.528  4.836   1.00 24.69  ? 1009 HOH A O   1 
HETATM 810 O  O   . HOH E 3 .  ? 9.513   -12.188 -0.687  1.00 27.92  ? 1010 HOH A O   1 
HETATM 811 O  O   . HOH E 3 .  ? -8.056  -13.015 1.770   1.00 30.63  ? 1011 HOH A O   1 
HETATM 812 O  O   . HOH E 3 .  ? 3.892   -3.353  4.539   1.00 30.12  ? 1012 HOH A O   1 
HETATM 813 O  O   . HOH E 3 .  ? 5.174   -22.480 -5.459  1.00 29.64  ? 1013 HOH A O   1 
HETATM 814 O  O   . HOH E 3 .  ? 0.622   -22.058 -0.130  1.00 26.47  ? 1014 HOH A O   1 
HETATM 815 O  O   . HOH E 3 .  ? 2.788   -16.021 1.314   1.00 43.26  ? 1015 HOH A O   1 
HETATM 816 O  O   . HOH E 3 .  ? -4.809  -7.966  -4.973  1.00 27.49  ? 1016 HOH A O   1 
HETATM 817 O  O   . HOH E 3 .  ? 3.782   -16.901 -3.593  1.00 32.37  ? 1017 HOH A O   1 
HETATM 818 O  O   . HOH E 3 .  ? 5.457   0.785   -15.316 1.00 33.72  ? 1018 HOH A O   1 
HETATM 819 O  O   . HOH E 3 .  ? -3.025  -30.438 -8.994  1.00 38.32  ? 1019 HOH A O   1 
HETATM 820 O  O   . HOH E 3 .  ? 9.463   -10.744 -3.716  1.00 28.86  ? 1020 HOH A O   1 
HETATM 821 O  O   . HOH E 3 .  ? -6.802  -11.450 -5.104  1.00 31.38  ? 1021 HOH A O   1 
HETATM 822 O  O   . HOH E 3 .  ? 1.945   -1.803  3.866   1.00 32.49  ? 1022 HOH A O   1 
HETATM 823 O  O   . HOH E 3 .  ? 3.769   -9.242  5.978   1.00 33.54  ? 1023 HOH A O   1 
HETATM 824 O  O   . HOH E 3 .  ? -0.389  -24.549 -12.080 1.00 46.79  ? 1024 HOH A O   1 
HETATM 825 O  O   . HOH E 3 .  ? 3.172   6.366   -8.206  1.00 42.70  ? 1025 HOH A O   1 
HETATM 826 O  O   . HOH E 3 .  ? -7.650  -5.589  -3.912  1.00 36.73  ? 1026 HOH A O   1 
HETATM 827 O  O   . HOH E 3 .  ? -0.268  -24.304 1.380   1.00 31.03  ? 1027 HOH A O   1 
HETATM 828 O  O   . HOH E 3 .  ? 10.306  -7.753  4.670   1.00 37.54  ? 1028 HOH A O   1 
HETATM 829 O  O   . HOH E 3 .  ? 0.680   -17.504 0.709   1.00 37.60  ? 1029 HOH A O   1 
HETATM 830 O  O   . HOH E 3 .  ? 8.906   0.482   3.837   1.00 41.86  ? 1030 HOH A O   1 
HETATM 831 O  O   . HOH E 3 .  ? -5.843  -1.723  -10.080 1.00 38.66  ? 1031 HOH A O   1 
HETATM 832 O  O   . HOH E 3 .  ? -6.846  -6.862  -8.435  1.00 32.14  ? 1032 HOH A O   1 
HETATM 833 O  O   . HOH E 3 .  ? -11.570 -21.106 -4.219  1.00 44.92  ? 1033 HOH A O   1 
HETATM 834 O  O   . HOH E 3 .  ? 7.557   11.067  -2.172  1.00 51.82  ? 1034 HOH A O   1 
HETATM 835 O  O   . HOH E 3 .  ? -5.369  -4.100  -2.465  1.00 21.44  ? 1035 HOH A O   1 
HETATM 836 O  O   . HOH E 3 .  ? -10.107 -15.687 -10.726 0.50 37.58  ? 1036 HOH A O   1 
HETATM 837 O  O   . HOH E 3 .  ? -5.460  -27.965 -0.096  1.00 32.38  ? 1037 HOH A O   1 
HETATM 838 O  O   . HOH E 3 .  ? -2.395  -34.483 -0.994  1.00 34.14  ? 1038 HOH A O   1 
HETATM 839 O  O   . HOH E 3 .  ? 4.641   -16.536 -1.219  1.00 40.85  ? 1039 HOH A O   1 
HETATM 840 O  O   . HOH E 3 .  ? -8.223  1.650   -9.057  1.00 32.72  ? 1040 HOH A O   1 
HETATM 841 O  O   . HOH E 3 .  ? -13.587 -19.993 -4.273  1.00 38.48  ? 1041 HOH A O   1 
HETATM 842 O  O   . HOH E 3 .  ? 4.655   -9.217  3.303   1.00 32.56  ? 1042 HOH A O   1 
HETATM 843 O  O   . HOH E 3 .  ? 7.396   -10.197 3.294   1.00 35.50  ? 1043 HOH A O   1 
HETATM 844 O  O   . HOH E 3 .  ? -6.341  -15.762 5.581   1.00 45.70  ? 1044 HOH A O   1 
HETATM 845 O  O   . HOH E 3 .  ? -3.891  -6.382  -2.261  1.00 30.11  ? 1045 HOH A O   1 
HETATM 846 O  O   . HOH E 3 .  ? -7.015  -8.940  -4.172  1.00 54.41  ? 1046 HOH A O   1 
HETATM 847 O  O   . HOH E 3 .  ? 6.289   -19.755 -5.073  1.00 39.30  ? 1047 HOH A O   1 
HETATM 848 O  O   . HOH E 3 .  ? 9.213   4.557   -9.858  1.00 33.22  ? 1048 HOH A O   1 
HETATM 849 O  O   . HOH E 3 .  ? -2.751  -22.950 -11.631 1.00 41.65  ? 1049 HOH A O   1 
HETATM 850 O  O   . HOH E 3 .  ? -5.788  -33.026 -0.368  0.50 35.09  ? 1050 HOH A O   1 
HETATM 851 O  O   . HOH E 3 .  ? 2.987   -21.733 1.959   1.00 39.01  ? 1051 HOH A O   1 
HETATM 852 O  O   . HOH E 3 .  ? -7.987  -25.421 0.717   1.00 74.27  ? 1052 HOH A O   1 
HETATM 853 O  O   . HOH E 3 .  ? 4.944   1.407   -17.500 1.00 51.85  ? 1053 HOH A O   1 
HETATM 854 O  O   . HOH E 3 .  ? 14.693  3.969   -10.572 1.00 35.99  ? 1054 HOH A O   1 
HETATM 855 O  O   . HOH E 3 .  ? -4.092  -15.876 6.624   1.00 54.40  ? 1055 HOH A O   1 
HETATM 856 O  O   . HOH E 3 .  ? 11.766  5.562   -10.660 1.00 36.30  ? 1056 HOH A O   1 
HETATM 857 O  O   . HOH E 3 .  ? -8.359  -10.663 2.271   1.00 32.88  ? 1057 HOH A O   1 
HETATM 858 O  O   . HOH F 3 .  ? 3.217   11.000  5.150   1.00 20.35  ? 1002 HOH B O   1 
HETATM 859 O  O   . HOH F 3 .  ? -1.682  6.563   12.922  1.00 16.64  ? 1003 HOH B O   1 
HETATM 860 O  O   . HOH F 3 .  ? -2.859  -1.019  4.757   1.00 20.63  ? 1004 HOH B O   1 
HETATM 861 O  O   . HOH F 3 .  ? -8.138  -2.560  1.485   1.00 20.95  ? 1005 HOH B O   1 
HETATM 862 O  O   . HOH F 3 .  ? 4.866   0.022   12.356  1.00 24.99  ? 1006 HOH B O   1 
HETATM 863 O  O   . HOH F 3 .  ? -0.468  3.821   10.878  1.00 22.88  ? 1007 HOH B O   1 
HETATM 864 O  O   . HOH F 3 .  ? -0.672  6.820   -2.618  1.00 28.89  ? 1008 HOH B O   1 
HETATM 865 O  O   . HOH F 3 .  ? 6.024   10.373  1.530   1.00 35.09  ? 1009 HOH B O   1 
HETATM 866 O  O   . HOH F 3 .  ? 1.606   0.689   7.040   1.00 33.91  ? 1010 HOH B O   1 
HETATM 867 O  O   . HOH F 3 .  ? 4.117   8.212   24.673  1.00 39.33  ? 1011 HOH B O   1 
HETATM 868 O  O   . HOH F 3 .  ? -5.833  4.078   19.727  1.00 27.24  ? 1012 HOH B O   1 
HETATM 869 O  O   . HOH F 3 .  ? -1.804  3.729   -4.999  1.00 24.95  ? 1013 HOH B O   1 
HETATM 870 O  O   . HOH F 3 .  ? -0.822  1.515   7.888   1.00 32.70  ? 1014 HOH B O   1 
HETATM 871 O  O   . HOH F 3 .  ? 7.456   13.291  18.696  1.00 38.56  ? 1015 HOH B O   1 
HETATM 872 O  O   . HOH F 3 .  ? 7.124   -0.032  5.379   1.00 26.95  ? 1016 HOH B O   1 
HETATM 873 O  O   . HOH F 3 .  ? 3.904   12.702  3.064   1.00 26.18  ? 1017 HOH B O   1 
HETATM 874 O  O   . HOH F 3 .  ? -9.617  1.764   -7.675  1.00 37.33  ? 1018 HOH B O   1 
HETATM 875 O  O   . HOH F 3 .  ? 8.960   1.842   20.512  1.00 49.26  ? 1019 HOH B O   1 
HETATM 876 O  O   . HOH F 3 .  ? -12.503 8.645   -7.060  1.00 34.36  ? 1020 HOH B O   1 
HETATM 877 O  O   . HOH F 3 .  ? -0.498  10.904  19.972  1.00 33.41  ? 1021 HOH B O   1 
HETATM 878 O  O   . HOH F 3 .  ? -1.373  8.031   10.146  1.00 17.46  ? 1022 HOH B O   1 
HETATM 879 O  O   . HOH F 3 .  ? -2.633  3.210   17.899  1.00 27.30  ? 1023 HOH B O   1 
HETATM 880 O  O   . HOH F 3 .  ? 9.790   3.724   14.995  1.00 48.09  ? 1024 HOH B O   1 
HETATM 881 O  O   . HOH F 3 .  ? 1.378   12.693  -2.711  1.00 46.82  ? 1025 HOH B O   1 
HETATM 882 O  O   . HOH F 3 .  ? 1.357   13.006  19.605  1.00 44.11  ? 1026 HOH B O   1 
HETATM 883 O  O   . HOH F 3 .  ? -14.168 16.051  -3.238  1.00 36.01  ? 1027 HOH B O   1 
HETATM 884 O  O   . HOH F 3 .  ? 2.439   12.691  17.444  1.00 39.21  ? 1028 HOH B O   1 
HETATM 885 O  O   . HOH F 3 .  ? -18.596 5.118   -10.201 1.00 49.86  ? 1029 HOH B O   1 
HETATM 886 O  O   . HOH F 3 .  ? -9.864  -0.807  -8.816  1.00 52.79  ? 1030 HOH B O   1 
HETATM 887 O  O   . HOH F 3 .  ? -9.061  19.324  -5.425  1.00 41.99  ? 1031 HOH B O   1 
HETATM 888 O  O   . HOH F 3 .  ? 11.950  4.131   17.289  1.00 77.78  ? 1032 HOH B O   1 
HETATM 889 O  O   . HOH F 3 .  ? -9.109  7.739   -6.498  1.00 33.26  ? 1033 HOH B O   1 
HETATM 890 O  O   . HOH F 3 .  ? 1.547   19.955  0.414   1.00 30.73  ? 1034 HOH B O   1 
# 
